data_7XLB
#
_entry.id   7XLB
#
_cell.length_a   1.00
_cell.length_b   1.00
_cell.length_c   1.00
_cell.angle_alpha   90.00
_cell.angle_beta   90.00
_cell.angle_gamma   90.00
#
_symmetry.space_group_name_H-M   'P 1'
#
_entity_poly.entity_id   1
_entity_poly.type   'polypeptide(L)'
_entity_poly.pdbx_seq_one_letter_code
;MHHLLEQSADMATALLAGEKLRELILPGAQDDKAGALAALLLQLKLELPFDRVVTIGTVLVPILLVTLVFTKNFAEEPIY
CYTPHNFTRDQALYARGYCWTELRDALPGVDASLWPSLFEHKFLPYALLAFAAIMYVPALGWEFLASTRLTSELNFLLQE
IDNCYHRAAEGRAPKIEKQIQSKGPGITEREKREIIENAEKEKSPEQNLFEKYLERRGRSNFLAKLYLARHVLILLLSAV
PISYLCTYYATQKQNEFTCALGASPDGAAGAGPAVRVSCKLPSVQLQRIIAGVDIVLLCVMNLIILVNLIHLFIFRKSNF
IFDKLHKVGIKTRRQWRRSQFCDINILAMFCNENRDHIKSLNRLDFITNESDLMYDNVVRQLLAALAQSNHDATPTVRDS
GVQTVDPSAN
;
_entity_poly.pdbx_strand_id   E,A,B,C,D,F,G
#
# COMPACT_ATOMS: atom_id res chain seq x y z
N LEU A 41 -12.17 16.32 10.10
CA LEU A 41 -13.27 15.40 10.35
C LEU A 41 -14.52 15.82 9.58
N LEU A 42 -15.34 14.84 9.22
CA LEU A 42 -16.57 15.09 8.48
C LEU A 42 -17.72 14.34 9.14
N GLN A 43 -18.87 14.99 9.24
CA GLN A 43 -20.05 14.41 9.86
C GLN A 43 -21.30 14.45 8.99
N LEU A 44 -21.31 15.25 7.94
CA LEU A 44 -22.49 15.40 7.08
C LEU A 44 -22.30 14.53 5.83
N LYS A 45 -23.25 13.62 5.61
CA LYS A 45 -23.25 12.76 4.44
C LYS A 45 -24.46 13.10 3.57
N LEU A 46 -24.24 13.09 2.26
CA LEU A 46 -25.25 13.51 1.29
C LEU A 46 -26.01 12.34 0.67
N GLU A 47 -25.81 11.12 1.17
CA GLU A 47 -26.45 9.94 0.62
C GLU A 47 -27.38 9.33 1.66
N LEU A 48 -28.64 9.14 1.29
CA LEU A 48 -29.59 8.46 2.15
C LEU A 48 -29.36 6.96 2.10
N PRO A 49 -29.80 6.23 3.14
CA PRO A 49 -29.74 4.76 3.06
C PRO A 49 -30.54 4.20 1.90
N PHE A 50 -31.64 4.85 1.52
CA PHE A 50 -32.43 4.40 0.38
C PHE A 50 -31.60 4.47 -0.91
N ASP A 51 -30.85 5.56 -1.09
CA ASP A 51 -30.03 5.70 -2.29
C ASP A 51 -28.93 4.65 -2.33
N ARG A 52 -28.30 4.37 -1.18
CA ARG A 52 -27.26 3.35 -1.13
C ARG A 52 -27.85 1.97 -1.42
N VAL A 53 -29.03 1.67 -0.87
CA VAL A 53 -29.69 0.39 -1.12
C VAL A 53 -30.00 0.25 -2.60
N VAL A 54 -30.54 1.31 -3.22
CA VAL A 54 -30.86 1.27 -4.65
C VAL A 54 -29.59 1.05 -5.46
N THR A 55 -28.51 1.77 -5.13
CA THR A 55 -27.27 1.66 -5.89
C THR A 55 -26.69 0.25 -5.79
N ILE A 56 -26.70 -0.35 -4.60
CA ILE A 56 -26.17 -1.70 -4.43
C ILE A 56 -27.12 -2.77 -4.92
N GLY A 57 -28.39 -2.43 -5.18
CA GLY A 57 -29.33 -3.43 -5.66
C GLY A 57 -29.63 -3.40 -7.14
N THR A 58 -29.29 -2.30 -7.83
CA THR A 58 -29.54 -2.21 -9.26
C THR A 58 -28.31 -1.90 -10.10
N VAL A 59 -27.15 -1.70 -9.49
CA VAL A 59 -25.95 -1.38 -10.25
C VAL A 59 -24.84 -2.37 -9.92
N LEU A 60 -24.87 -2.92 -8.71
CA LEU A 60 -23.75 -3.71 -8.20
C LEU A 60 -23.88 -5.19 -8.55
N VAL A 61 -24.93 -5.85 -8.08
CA VAL A 61 -25.08 -7.28 -8.31
C VAL A 61 -25.33 -7.52 -9.80
N PRO A 62 -25.83 -6.53 -10.59
CA PRO A 62 -25.61 -6.58 -12.03
C PRO A 62 -24.21 -7.01 -12.40
N ILE A 63 -23.23 -6.22 -11.96
CA ILE A 63 -21.83 -6.46 -12.32
C ILE A 63 -21.35 -7.78 -11.74
N LEU A 64 -21.71 -8.07 -10.48
CA LEU A 64 -21.27 -9.31 -9.86
C LEU A 64 -21.88 -10.54 -10.52
N LEU A 65 -22.98 -10.39 -11.24
CA LEU A 65 -23.61 -11.49 -11.96
C LEU A 65 -23.13 -11.60 -13.41
N VAL A 66 -22.26 -10.70 -13.85
CA VAL A 66 -21.74 -10.73 -15.21
C VAL A 66 -20.38 -11.43 -15.28
N THR A 67 -19.53 -11.20 -14.28
CA THR A 67 -18.22 -11.84 -14.27
C THR A 67 -18.33 -13.36 -14.21
N LEU A 68 -19.41 -13.88 -13.62
CA LEU A 68 -19.62 -15.32 -13.62
C LEU A 68 -19.75 -15.87 -15.03
N VAL A 69 -20.54 -15.19 -15.87
CA VAL A 69 -20.70 -15.63 -17.26
C VAL A 69 -19.38 -15.53 -18.01
N PHE A 70 -18.64 -14.44 -17.79
CA PHE A 70 -17.37 -14.26 -18.50
C PHE A 70 -16.37 -15.34 -18.11
N THR A 71 -16.29 -15.68 -16.82
CA THR A 71 -15.36 -16.71 -16.39
C THR A 71 -15.84 -18.12 -16.76
N LYS A 72 -17.14 -18.32 -16.93
CA LYS A 72 -17.64 -19.62 -17.37
C LYS A 72 -17.40 -19.84 -18.86
N ASN A 73 -17.66 -18.81 -19.68
CA ASN A 73 -17.52 -18.96 -21.12
C ASN A 73 -16.06 -19.06 -21.54
N PHE A 74 -15.18 -18.26 -20.94
CA PHE A 74 -13.78 -18.25 -21.31
C PHE A 74 -13.02 -19.48 -20.83
N ALA A 75 -13.64 -20.32 -20.00
CA ALA A 75 -13.01 -21.54 -19.50
C ALA A 75 -13.55 -22.79 -20.18
N GLU A 76 -14.00 -22.68 -21.43
CA GLU A 76 -14.54 -23.82 -22.14
C GLU A 76 -14.46 -23.55 -23.64
N GLU A 77 -14.62 -24.62 -24.41
CA GLU A 77 -14.60 -24.51 -25.87
C GLU A 77 -15.86 -23.80 -26.35
N PRO A 78 -15.75 -22.82 -27.25
CA PRO A 78 -16.94 -22.05 -27.64
C PRO A 78 -18.05 -22.86 -28.29
N ILE A 79 -17.72 -23.92 -29.03
CA ILE A 79 -18.73 -24.68 -29.77
C ILE A 79 -18.17 -26.07 -30.02
N TYR A 80 -19.08 -27.05 -30.13
CA TYR A 80 -18.69 -28.43 -30.45
C TYR A 80 -19.42 -28.88 -31.70
N CYS A 81 -18.67 -29.37 -32.68
CA CYS A 81 -19.26 -29.77 -33.96
C CYS A 81 -18.86 -31.19 -34.31
N TYR A 82 -19.75 -31.87 -35.04
CA TYR A 82 -19.58 -33.27 -35.42
C TYR A 82 -19.00 -33.31 -36.83
N THR A 83 -17.66 -33.25 -36.90
CA THR A 83 -16.98 -33.26 -38.18
C THR A 83 -17.06 -34.65 -38.82
N PRO A 84 -17.03 -34.73 -40.14
CA PRO A 84 -17.04 -36.05 -40.81
C PRO A 84 -15.76 -36.83 -40.59
N HIS A 85 -15.69 -38.03 -41.15
CA HIS A 85 -14.55 -38.91 -40.92
C HIS A 85 -13.30 -38.42 -41.64
N ASN A 86 -13.39 -38.25 -42.96
CA ASN A 86 -12.23 -37.90 -43.78
C ASN A 86 -11.93 -36.40 -43.69
N PHE A 87 -11.68 -35.95 -42.45
CA PHE A 87 -11.31 -34.57 -42.18
C PHE A 87 -10.03 -34.57 -41.37
N THR A 88 -9.00 -33.90 -41.88
CA THR A 88 -7.75 -33.80 -41.15
C THR A 88 -7.91 -32.87 -39.95
N ARG A 89 -6.96 -32.98 -39.01
CA ARG A 89 -7.05 -32.25 -37.75
C ARG A 89 -6.97 -30.74 -37.93
N ASP A 90 -6.47 -30.26 -39.06
CA ASP A 90 -6.48 -28.83 -39.36
C ASP A 90 -7.60 -28.43 -40.32
N GLN A 91 -8.14 -29.36 -41.09
CA GLN A 91 -9.30 -29.09 -41.92
C GLN A 91 -10.59 -29.05 -41.11
N ALA A 92 -10.61 -29.67 -39.93
CA ALA A 92 -11.78 -29.64 -39.06
C ALA A 92 -11.76 -28.46 -38.10
N LEU A 93 -10.63 -27.75 -37.99
CA LEU A 93 -10.58 -26.54 -37.20
C LEU A 93 -11.28 -25.38 -37.90
N TYR A 94 -11.21 -25.33 -39.23
CA TYR A 94 -11.98 -24.32 -39.98
C TYR A 94 -13.47 -24.54 -39.78
N ALA A 95 -13.92 -25.79 -39.79
CA ALA A 95 -15.34 -26.09 -39.60
C ALA A 95 -15.81 -25.73 -38.19
N ARG A 96 -14.91 -25.67 -37.22
CA ARG A 96 -15.26 -25.32 -35.85
C ARG A 96 -15.08 -23.85 -35.53
N GLY A 97 -14.25 -23.13 -36.30
CA GLY A 97 -14.09 -21.70 -36.10
C GLY A 97 -14.85 -20.87 -37.11
N TYR A 98 -15.50 -21.54 -38.06
CA TYR A 98 -16.27 -20.86 -39.10
C TYR A 98 -17.76 -20.83 -38.81
N CYS A 99 -18.27 -21.86 -38.12
CA CYS A 99 -19.67 -21.90 -37.72
C CYS A 99 -19.91 -21.19 -36.40
N TRP A 100 -18.86 -20.67 -35.76
CA TRP A 100 -18.98 -19.87 -34.56
C TRP A 100 -19.03 -18.37 -34.85
N THR A 101 -18.36 -17.91 -35.90
CA THR A 101 -18.47 -16.52 -36.34
C THR A 101 -19.60 -16.31 -37.33
N GLU A 102 -20.23 -17.38 -37.82
CA GLU A 102 -21.38 -17.28 -38.71
C GLU A 102 -22.69 -17.34 -37.92
N LEU A 103 -22.90 -18.43 -37.18
CA LEU A 103 -24.07 -18.61 -36.32
C LEU A 103 -25.37 -18.46 -37.13
N ARG A 104 -25.52 -19.33 -38.12
CA ARG A 104 -26.68 -19.30 -39.01
C ARG A 104 -27.16 -20.72 -39.24
N ASP A 105 -28.41 -20.99 -38.85
CA ASP A 105 -29.00 -22.29 -39.12
C ASP A 105 -29.23 -22.47 -40.61
N ALA A 106 -29.32 -23.74 -41.04
CA ALA A 106 -29.54 -24.09 -42.44
C ALA A 106 -30.72 -25.05 -42.51
N LEU A 107 -31.92 -24.49 -42.60
CA LEU A 107 -33.11 -25.31 -42.77
C LEU A 107 -33.16 -25.87 -44.18
N PRO A 108 -33.45 -27.16 -44.36
CA PRO A 108 -33.52 -27.73 -45.70
C PRO A 108 -34.66 -27.14 -46.51
N GLY A 109 -34.45 -27.05 -47.82
CA GLY A 109 -35.46 -26.58 -48.76
C GLY A 109 -35.52 -25.09 -48.97
N VAL A 110 -35.47 -24.31 -47.89
CA VAL A 110 -35.60 -22.86 -47.98
C VAL A 110 -34.34 -22.26 -48.61
N ASP A 111 -34.44 -20.99 -49.01
CA ASP A 111 -33.33 -20.31 -49.67
C ASP A 111 -32.30 -19.87 -48.63
N ALA A 112 -31.33 -19.06 -49.06
CA ALA A 112 -30.25 -18.61 -48.19
C ALA A 112 -30.58 -17.30 -47.46
N SER A 113 -31.78 -16.76 -47.65
CA SER A 113 -32.17 -15.52 -47.00
C SER A 113 -33.09 -15.72 -45.80
N LEU A 114 -33.79 -16.85 -45.73
CA LEU A 114 -34.72 -17.14 -44.63
C LEU A 114 -34.10 -18.02 -43.56
N TRP A 115 -32.78 -17.94 -43.37
CA TRP A 115 -32.10 -18.73 -42.37
C TRP A 115 -32.07 -17.98 -41.04
N PRO A 116 -32.68 -18.51 -39.98
CA PRO A 116 -32.64 -17.81 -38.69
C PRO A 116 -31.23 -17.68 -38.16
N SER A 117 -30.97 -16.57 -37.46
CA SER A 117 -29.66 -16.28 -36.89
C SER A 117 -29.64 -16.62 -35.40
N LEU A 118 -28.43 -16.65 -34.84
CA LEU A 118 -28.24 -16.95 -33.43
C LEU A 118 -27.21 -16.02 -32.79
N PHE A 119 -27.17 -14.76 -33.25
CA PHE A 119 -26.16 -13.83 -32.77
C PHE A 119 -26.43 -13.36 -31.35
N GLU A 120 -27.67 -13.49 -30.85
CA GLU A 120 -27.99 -13.02 -29.52
C GLU A 120 -27.21 -13.77 -28.44
N HIS A 121 -27.05 -15.09 -28.60
CA HIS A 121 -26.31 -15.87 -27.62
C HIS A 121 -24.86 -15.42 -27.53
N LYS A 122 -24.25 -15.08 -28.67
CA LYS A 122 -22.89 -14.57 -28.69
C LYS A 122 -22.80 -13.13 -28.20
N PHE A 123 -23.87 -12.35 -28.38
CA PHE A 123 -23.81 -10.90 -28.20
C PHE A 123 -24.01 -10.44 -26.76
N LEU A 124 -24.47 -11.29 -25.86
CA LEU A 124 -24.85 -10.68 -24.59
C LEU A 124 -24.07 -11.21 -23.39
N PRO A 125 -22.78 -11.54 -23.55
CA PRO A 125 -21.83 -11.20 -22.49
C PRO A 125 -21.75 -9.71 -22.24
N TYR A 126 -21.91 -8.89 -23.29
CA TYR A 126 -21.70 -7.46 -23.27
C TYR A 126 -22.99 -6.67 -23.12
N ALA A 127 -24.10 -7.17 -23.66
CA ALA A 127 -25.38 -6.49 -23.48
C ALA A 127 -25.78 -6.41 -22.02
N LEU A 128 -25.31 -7.34 -21.19
CA LEU A 128 -25.48 -7.24 -19.74
C LEU A 128 -24.48 -6.26 -19.12
N LEU A 129 -23.43 -5.89 -19.84
CA LEU A 129 -22.47 -4.91 -19.37
C LEU A 129 -22.79 -3.48 -19.80
N ALA A 130 -23.59 -3.32 -20.86
CA ALA A 130 -24.03 -2.00 -21.28
C ALA A 130 -25.26 -1.52 -20.53
N PHE A 131 -25.89 -2.38 -19.74
CA PHE A 131 -27.03 -2.00 -18.91
C PHE A 131 -26.63 -1.71 -17.47
N ALA A 132 -25.45 -2.14 -17.03
CA ALA A 132 -24.95 -1.83 -15.71
C ALA A 132 -24.20 -0.50 -15.66
N ALA A 133 -23.91 0.11 -16.82
CA ALA A 133 -23.31 1.43 -16.88
C ALA A 133 -24.30 2.50 -17.28
N ILE A 134 -25.42 2.13 -17.91
CA ILE A 134 -26.47 3.10 -18.21
C ILE A 134 -27.09 3.62 -16.92
N MET A 135 -27.12 2.80 -15.87
CA MET A 135 -27.73 3.20 -14.61
C MET A 135 -26.76 4.06 -13.80
N TYR A 136 -26.19 5.07 -14.43
CA TYR A 136 -25.32 6.03 -13.74
C TYR A 136 -25.70 7.48 -14.00
N VAL A 137 -26.43 7.79 -15.07
CA VAL A 137 -26.89 9.16 -15.28
C VAL A 137 -27.76 9.64 -14.12
N PRO A 138 -28.75 8.89 -13.63
CA PRO A 138 -29.42 9.30 -12.39
C PRO A 138 -28.47 9.35 -11.20
N ALA A 139 -27.47 8.48 -11.15
CA ALA A 139 -26.52 8.49 -10.05
C ALA A 139 -25.52 9.64 -10.17
N LEU A 140 -25.16 10.02 -11.39
CA LEU A 140 -24.23 11.12 -11.61
C LEU A 140 -24.92 12.47 -11.77
N GLY A 141 -26.25 12.50 -11.70
CA GLY A 141 -26.98 13.75 -11.69
C GLY A 141 -27.07 14.42 -10.34
N TRP A 142 -26.44 13.84 -9.32
CA TRP A 142 -26.41 14.40 -7.98
C TRP A 142 -25.02 14.81 -7.53
N GLU A 143 -24.01 13.98 -7.80
CA GLU A 143 -22.64 14.30 -7.39
C GLU A 143 -22.02 15.41 -8.23
N PHE A 144 -22.59 15.70 -9.40
CA PHE A 144 -22.06 16.74 -10.29
C PHE A 144 -22.97 17.93 -10.48
N LEU A 145 -24.25 17.81 -10.14
CA LEU A 145 -25.22 18.88 -10.36
C LEU A 145 -25.62 19.61 -9.08
N ALA A 146 -25.85 18.88 -7.99
CA ALA A 146 -26.31 19.48 -6.74
C ALA A 146 -25.50 18.93 -5.57
N SER A 147 -24.21 18.76 -5.75
CA SER A 147 -23.33 18.30 -4.69
C SER A 147 -22.59 19.45 -4.00
N THR A 148 -22.87 20.69 -4.38
CA THR A 148 -22.26 21.86 -3.76
C THR A 148 -23.27 22.77 -3.07
N ARG A 149 -24.40 23.05 -3.72
CA ARG A 149 -25.39 23.95 -3.13
C ARG A 149 -26.02 23.35 -1.87
N LEU A 150 -26.39 22.07 -1.93
CA LEU A 150 -27.04 21.42 -0.80
C LEU A 150 -26.13 21.38 0.43
N THR A 151 -24.91 20.88 0.26
CA THR A 151 -23.99 20.84 1.40
C THR A 151 -23.53 22.24 1.81
N SER A 152 -23.52 23.22 0.90
CA SER A 152 -23.29 24.60 1.30
C SER A 152 -24.38 25.13 2.22
N GLU A 153 -25.64 24.82 1.90
CA GLU A 153 -26.76 25.25 2.74
C GLU A 153 -26.90 24.41 4.00
N LEU A 154 -26.29 23.23 4.05
CA LEU A 154 -26.35 22.36 5.21
C LEU A 154 -25.21 22.58 6.20
N ASN A 155 -24.01 22.92 5.72
CA ASN A 155 -22.93 23.24 6.64
C ASN A 155 -23.23 24.50 7.44
N PHE A 156 -23.98 25.43 6.85
CA PHE A 156 -24.44 26.59 7.61
C PHE A 156 -25.34 26.16 8.76
N LEU A 157 -26.27 25.24 8.49
CA LEU A 157 -27.15 24.76 9.54
C LEU A 157 -26.35 24.01 10.60
N LEU A 158 -25.30 23.32 10.19
CA LEU A 158 -24.46 22.58 11.13
C LEU A 158 -23.70 23.52 12.06
N GLN A 159 -23.06 24.55 11.51
CA GLN A 159 -22.15 25.36 12.31
C GLN A 159 -22.86 26.53 12.98
N GLU A 160 -23.75 27.21 12.26
CA GLU A 160 -24.41 28.41 12.76
C GLU A 160 -25.58 28.10 13.68
N ILE A 161 -26.56 27.34 13.20
CA ILE A 161 -27.81 27.11 13.95
C ILE A 161 -27.54 25.93 14.86
N ASP A 162 -26.94 26.23 16.01
CA ASP A 162 -26.76 25.24 17.07
C ASP A 162 -27.01 25.84 18.45
N ASN A 163 -27.24 27.15 18.55
CA ASN A 163 -27.42 27.82 19.83
C ASN A 163 -28.78 27.53 20.46
N CYS A 164 -29.69 26.92 19.72
CA CYS A 164 -31.02 26.62 20.24
C CYS A 164 -30.93 25.44 21.21
N TYR A 165 -31.32 25.69 22.46
CA TYR A 165 -31.59 24.68 23.48
C TYR A 165 -30.35 24.01 24.03
N HIS A 166 -29.15 24.36 23.55
CA HIS A 166 -27.92 23.98 24.22
C HIS A 166 -27.26 25.16 24.92
N ARG A 167 -27.44 26.37 24.40
CA ARG A 167 -27.06 27.60 25.07
C ARG A 167 -28.21 28.23 25.84
N ALA A 168 -29.36 27.55 25.90
CA ALA A 168 -30.55 28.09 26.56
C ALA A 168 -30.39 28.20 28.07
N ALA A 169 -29.36 27.60 28.65
CA ALA A 169 -29.13 27.73 30.08
C ALA A 169 -28.94 29.19 30.47
N GLU A 170 -28.25 29.96 29.64
CA GLU A 170 -28.11 31.40 29.83
C GLU A 170 -28.90 32.21 28.82
N GLY A 171 -29.50 31.58 27.81
CA GLY A 171 -30.24 32.29 26.79
C GLY A 171 -31.70 32.50 27.11
N ARG A 172 -32.37 31.45 27.61
CA ARG A 172 -33.79 31.54 27.93
C ARG A 172 -34.17 30.93 29.26
N ALA A 173 -33.30 30.14 29.90
CA ALA A 173 -33.65 29.55 31.19
C ALA A 173 -33.94 30.59 32.27
N PRO A 174 -33.11 31.64 32.46
CA PRO A 174 -33.44 32.62 33.50
C PRO A 174 -34.42 33.69 33.02
N LYS A 175 -35.11 33.43 31.91
CA LYS A 175 -36.02 34.39 31.31
C LYS A 175 -37.49 34.00 31.41
N ILE A 176 -37.86 32.81 30.94
CA ILE A 176 -39.27 32.45 30.85
C ILE A 176 -39.77 31.93 32.19
N GLU A 177 -39.20 30.83 32.69
CA GLU A 177 -39.70 30.19 33.89
C GLU A 177 -39.11 30.76 35.18
N LYS A 178 -38.14 31.67 35.08
CA LYS A 178 -37.59 32.28 36.28
C LYS A 178 -38.61 33.16 36.99
N GLN A 179 -39.46 33.85 36.23
CA GLN A 179 -40.50 34.69 36.81
C GLN A 179 -41.79 33.95 37.08
N ILE A 180 -41.97 32.76 36.50
CA ILE A 180 -43.20 31.99 36.71
C ILE A 180 -43.26 31.46 38.15
N GLN A 181 -42.12 31.01 38.68
CA GLN A 181 -42.10 30.50 40.05
C GLN A 181 -42.41 31.59 41.06
N SER A 182 -41.87 32.80 40.85
CA SER A 182 -42.03 33.91 41.79
C SER A 182 -43.19 34.79 41.32
N LYS A 183 -44.40 34.33 41.60
CA LYS A 183 -45.60 35.11 41.31
C LYS A 183 -46.73 34.63 42.22
N GLY A 184 -47.73 35.49 42.38
CA GLY A 184 -48.87 35.17 43.21
C GLY A 184 -48.57 35.23 44.69
N THR A 188 -51.85 30.10 37.13
CA THR A 188 -52.92 29.21 36.71
C THR A 188 -52.57 28.53 35.39
N GLU A 189 -53.45 28.68 34.39
CA GLU A 189 -53.23 28.07 33.09
C GLU A 189 -53.57 29.00 31.92
N ARG A 190 -53.88 30.27 32.19
CA ARG A 190 -54.27 31.22 31.16
C ARG A 190 -53.29 32.39 31.06
N GLU A 191 -52.03 32.15 31.46
CA GLU A 191 -51.01 33.19 31.41
C GLU A 191 -49.68 32.74 30.82
N LYS A 192 -49.45 31.43 30.68
CA LYS A 192 -48.17 30.96 30.15
C LYS A 192 -47.95 31.43 28.71
N ARG A 193 -49.01 31.40 27.89
CA ARG A 193 -48.88 31.80 26.50
C ARG A 193 -48.49 33.27 26.38
N GLU A 194 -49.04 34.12 27.24
CA GLU A 194 -48.74 35.55 27.17
C GLU A 194 -47.25 35.81 27.40
N ILE A 195 -46.65 35.14 28.38
CA ILE A 195 -45.22 35.32 28.63
C ILE A 195 -44.40 34.68 27.53
N ILE A 196 -44.79 33.47 27.09
CA ILE A 196 -44.00 32.75 26.10
C ILE A 196 -44.07 33.39 24.72
N GLU A 197 -45.07 34.23 24.47
CA GLU A 197 -45.19 34.87 23.16
C GLU A 197 -44.02 35.79 22.88
N ASN A 198 -43.58 36.56 23.88
CA ASN A 198 -42.51 37.54 23.69
C ASN A 198 -41.13 36.89 23.83
N ALA A 199 -40.92 35.78 23.13
CA ALA A 199 -39.62 35.12 23.06
C ALA A 199 -39.08 35.06 21.64
N GLU A 200 -39.88 34.53 20.70
CA GLU A 200 -39.49 34.47 19.29
C GLU A 200 -40.12 35.58 18.46
N LYS A 201 -41.35 35.99 18.79
CA LYS A 201 -42.00 37.07 18.08
C LYS A 201 -41.22 38.38 18.21
N GLU A 202 -40.65 38.62 19.39
CA GLU A 202 -39.82 39.80 19.59
C GLU A 202 -38.58 39.73 18.71
N LYS A 203 -38.17 40.88 18.18
CA LYS A 203 -37.02 40.96 17.29
C LYS A 203 -35.73 40.85 18.11
N SER A 204 -35.46 39.62 18.55
CA SER A 204 -34.27 39.33 19.32
C SER A 204 -33.04 39.36 18.41
N PRO A 205 -31.84 39.52 18.99
CA PRO A 205 -30.63 39.42 18.17
C PRO A 205 -30.48 38.09 17.47
N GLU A 206 -30.93 37.00 18.10
CA GLU A 206 -30.91 35.67 17.48
C GLU A 206 -32.26 35.38 16.83
N GLN A 207 -32.65 36.26 15.91
CA GLN A 207 -33.90 36.11 15.18
C GLN A 207 -33.76 36.31 13.67
N ASN A 208 -32.72 37.00 13.20
CA ASN A 208 -32.52 37.17 11.77
C ASN A 208 -32.18 35.86 11.07
N LEU A 209 -31.75 34.84 11.82
CA LEU A 209 -31.43 33.54 11.27
C LEU A 209 -32.58 32.55 11.36
N PHE A 210 -33.75 32.97 11.87
CA PHE A 210 -34.90 32.09 12.03
C PHE A 210 -36.15 32.77 11.48
N GLU A 211 -37.00 31.96 10.86
CA GLU A 211 -38.29 32.38 10.29
C GLU A 211 -38.07 33.21 9.01
N LYS A 212 -36.81 33.53 8.70
CA LYS A 212 -36.50 34.10 7.40
C LYS A 212 -36.14 33.01 6.41
N TYR A 213 -35.43 31.98 6.87
CA TYR A 213 -35.21 30.80 6.05
C TYR A 213 -36.53 30.11 5.71
N LEU A 214 -37.45 30.04 6.67
CA LEU A 214 -38.75 29.46 6.41
C LEU A 214 -39.52 30.28 5.38
N GLU A 215 -39.43 31.60 5.46
CA GLU A 215 -40.13 32.45 4.51
C GLU A 215 -39.52 32.37 3.11
N ARG A 216 -38.20 32.21 3.02
CA ARG A 216 -37.57 32.16 1.71
C ARG A 216 -37.73 30.79 1.05
N ARG A 217 -37.43 29.72 1.77
CA ARG A 217 -37.47 28.37 1.23
C ARG A 217 -38.85 27.75 1.32
N GLY A 218 -39.84 28.47 1.85
CA GLY A 218 -41.19 27.95 1.93
C GLY A 218 -41.97 28.02 0.64
N ARG A 219 -41.40 28.60 -0.41
CA ARG A 219 -42.05 28.65 -1.72
C ARG A 219 -41.11 28.30 -2.87
N SER A 220 -39.80 28.25 -2.66
CA SER A 220 -38.84 27.94 -3.71
C SER A 220 -38.64 26.43 -3.77
N ASN A 221 -39.53 25.77 -4.53
CA ASN A 221 -39.50 24.32 -4.68
C ASN A 221 -38.56 23.93 -5.82
N PHE A 222 -37.26 24.11 -5.54
CA PHE A 222 -36.20 23.77 -6.49
C PHE A 222 -35.58 22.41 -6.23
N LEU A 223 -35.24 22.12 -4.97
CA LEU A 223 -34.63 20.83 -4.65
C LEU A 223 -35.59 19.68 -4.92
N ALA A 224 -36.87 19.87 -4.60
CA ALA A 224 -37.86 18.84 -4.91
C ALA A 224 -38.09 18.67 -6.40
N LYS A 225 -37.63 19.62 -7.21
CA LYS A 225 -37.70 19.50 -8.66
C LYS A 225 -36.49 18.77 -9.24
N LEU A 226 -35.52 18.40 -8.41
CA LEU A 226 -34.32 17.69 -8.85
C LEU A 226 -34.17 16.32 -8.19
N TYR A 227 -34.44 16.21 -6.89
CA TYR A 227 -34.40 14.90 -6.25
C TYR A 227 -35.46 13.97 -6.83
N LEU A 228 -36.64 14.52 -7.14
CA LEU A 228 -37.66 13.73 -7.84
C LEU A 228 -37.16 13.29 -9.21
N ALA A 229 -36.47 14.17 -9.93
CA ALA A 229 -35.88 13.80 -11.22
C ALA A 229 -34.75 12.79 -11.08
N ARG A 230 -34.15 12.67 -9.89
CA ARG A 230 -33.12 11.68 -9.65
C ARG A 230 -33.68 10.26 -9.52
N HIS A 231 -34.94 10.12 -9.14
CA HIS A 231 -35.57 8.82 -8.96
C HIS A 231 -36.57 8.48 -10.06
N VAL A 232 -37.35 9.46 -10.53
CA VAL A 232 -38.29 9.21 -11.61
C VAL A 232 -37.58 8.93 -12.93
N LEU A 233 -36.30 9.30 -13.05
CA LEU A 233 -35.52 8.99 -14.23
C LEU A 233 -34.96 7.57 -14.18
N ILE A 234 -34.54 7.11 -13.00
CA ILE A 234 -34.08 5.74 -12.86
C ILE A 234 -35.24 4.75 -12.99
N LEU A 235 -36.47 5.21 -12.77
CA LEU A 235 -37.64 4.36 -13.00
C LEU A 235 -37.96 4.24 -14.48
N LEU A 236 -37.51 5.18 -15.30
CA LEU A 236 -37.72 5.14 -16.74
C LEU A 236 -36.52 4.60 -17.50
N LEU A 237 -35.31 4.78 -16.96
CA LEU A 237 -34.13 4.18 -17.59
C LEU A 237 -34.16 2.66 -17.47
N SER A 238 -34.69 2.14 -16.36
CA SER A 238 -34.80 0.70 -16.17
C SER A 238 -36.02 0.14 -16.88
N ALA A 239 -36.17 0.46 -18.16
CA ALA A 239 -37.27 -0.04 -18.98
C ALA A 239 -36.79 -0.94 -20.11
N VAL A 240 -35.93 -0.43 -20.98
CA VAL A 240 -35.39 -1.26 -22.07
C VAL A 240 -34.41 -2.28 -21.50
N PRO A 241 -33.71 -2.03 -20.37
CA PRO A 241 -33.16 -3.15 -19.61
C PRO A 241 -34.11 -4.33 -19.48
N ILE A 242 -35.34 -4.08 -19.08
CA ILE A 242 -36.31 -5.15 -18.89
C ILE A 242 -36.94 -5.57 -20.21
N SER A 243 -37.25 -4.63 -21.09
CA SER A 243 -37.91 -4.95 -22.36
C SER A 243 -37.00 -5.68 -23.33
N TYR A 244 -35.68 -5.62 -23.15
CA TYR A 244 -34.78 -6.32 -24.06
C TYR A 244 -34.67 -7.80 -23.71
N LEU A 245 -34.20 -8.10 -22.50
CA LEU A 245 -34.05 -9.49 -22.06
C LEU A 245 -35.33 -10.04 -21.47
N CYS A 246 -36.44 -9.81 -22.18
CA CYS A 246 -37.72 -10.41 -21.84
C CYS A 246 -38.23 -11.18 -23.06
N THR A 247 -38.01 -10.61 -24.24
CA THR A 247 -38.22 -11.35 -25.49
C THR A 247 -37.09 -12.32 -25.76
N TYR A 248 -35.88 -12.06 -25.24
CA TYR A 248 -34.80 -13.02 -25.35
C TYR A 248 -35.10 -14.29 -24.55
N TYR A 249 -35.72 -14.16 -23.38
CA TYR A 249 -36.10 -15.30 -22.58
C TYR A 249 -37.22 -16.12 -23.22
N ALA A 250 -37.94 -15.55 -24.19
CA ALA A 250 -39.11 -16.21 -24.76
C ALA A 250 -38.94 -16.65 -26.20
N THR A 251 -37.96 -16.11 -26.93
CA THR A 251 -37.81 -16.42 -28.34
C THR A 251 -36.49 -17.12 -28.68
N GLN A 252 -35.51 -17.14 -27.78
CA GLN A 252 -34.23 -17.80 -28.02
C GLN A 252 -34.11 -18.95 -27.03
N LYS A 253 -34.40 -20.16 -27.50
CA LYS A 253 -34.36 -21.36 -26.67
C LYS A 253 -33.38 -22.40 -27.20
N GLN A 254 -33.38 -22.65 -28.51
CA GLN A 254 -32.58 -23.73 -29.06
C GLN A 254 -31.10 -23.43 -28.99
N ASN A 255 -30.29 -24.48 -28.93
CA ASN A 255 -28.84 -24.37 -28.91
C ASN A 255 -28.18 -25.42 -29.78
N GLU A 256 -28.87 -25.85 -30.85
CA GLU A 256 -28.36 -26.87 -31.75
C GLU A 256 -28.78 -26.50 -33.17
N PHE A 257 -27.80 -26.19 -34.01
CA PHE A 257 -28.06 -25.79 -35.40
C PHE A 257 -27.15 -26.57 -36.33
N THR A 258 -27.63 -26.77 -37.56
CA THR A 258 -26.89 -27.50 -38.59
C THR A 258 -26.19 -26.49 -39.49
N CYS A 259 -24.92 -26.22 -39.19
CA CYS A 259 -24.14 -25.29 -39.99
C CYS A 259 -23.74 -25.93 -41.31
N ALA A 260 -23.52 -25.09 -42.32
CA ALA A 260 -23.19 -25.55 -43.67
C ALA A 260 -22.00 -24.78 -44.19
N LEU A 261 -20.97 -25.51 -44.63
CA LEU A 261 -19.80 -24.91 -45.27
C LEU A 261 -19.99 -24.96 -46.79
N GLY A 262 -18.92 -24.67 -47.53
CA GLY A 262 -19.00 -24.71 -48.98
C GLY A 262 -17.65 -24.42 -49.60
N ALA A 263 -17.62 -24.53 -50.93
CA ALA A 263 -16.44 -24.24 -51.74
C ALA A 263 -15.24 -25.09 -51.31
N SER A 264 -15.41 -26.40 -51.45
CA SER A 264 -14.32 -27.32 -51.18
C SER A 264 -13.22 -27.17 -52.23
N PRO A 265 -11.94 -27.27 -51.83
CA PRO A 265 -10.84 -27.12 -52.80
C PRO A 265 -10.56 -28.44 -53.51
N ASP A 266 -10.69 -28.42 -54.83
CA ASP A 266 -10.44 -29.61 -55.64
C ASP A 266 -9.19 -29.44 -56.50
N PRO A 273 -18.15 -30.22 -53.23
CA PRO A 273 -19.51 -30.30 -52.71
C PRO A 273 -19.65 -29.72 -51.31
N ALA A 274 -20.81 -29.13 -51.02
CA ALA A 274 -21.05 -28.55 -49.72
C ALA A 274 -21.24 -29.63 -48.66
N VAL A 275 -20.70 -29.40 -47.48
CA VAL A 275 -20.78 -30.33 -46.36
C VAL A 275 -21.47 -29.63 -45.19
N ARG A 276 -22.37 -30.36 -44.53
CA ARG A 276 -23.16 -29.84 -43.42
C ARG A 276 -22.76 -30.58 -42.15
N VAL A 277 -22.56 -29.82 -41.06
CA VAL A 277 -22.18 -30.38 -39.77
C VAL A 277 -23.13 -29.84 -38.71
N SER A 278 -23.63 -30.72 -37.85
CA SER A 278 -24.49 -30.33 -36.75
C SER A 278 -23.63 -29.96 -35.55
N CYS A 279 -23.83 -28.74 -35.04
CA CYS A 279 -23.02 -28.21 -33.96
C CYS A 279 -23.85 -28.06 -32.69
N LYS A 280 -23.19 -27.62 -31.62
CA LYS A 280 -23.78 -27.55 -30.30
C LYS A 280 -23.13 -26.43 -29.51
N LEU A 281 -23.96 -25.65 -28.81
CA LEU A 281 -23.54 -24.48 -28.06
C LEU A 281 -23.53 -24.81 -26.57
N PRO A 282 -22.38 -24.79 -25.91
CA PRO A 282 -22.32 -25.16 -24.49
C PRO A 282 -23.08 -24.23 -23.56
N SER A 283 -22.76 -22.93 -23.62
CA SER A 283 -23.24 -21.97 -22.63
C SER A 283 -24.49 -21.26 -23.13
N VAL A 284 -25.60 -21.99 -23.12
CA VAL A 284 -26.91 -21.42 -23.41
C VAL A 284 -27.82 -21.67 -22.22
N GLN A 285 -27.58 -22.78 -21.51
CA GLN A 285 -28.43 -23.13 -20.37
C GLN A 285 -28.13 -22.30 -19.13
N LEU A 286 -26.95 -21.67 -19.06
CA LEU A 286 -26.61 -20.80 -17.95
C LEU A 286 -26.82 -19.33 -18.27
N GLN A 287 -26.73 -18.94 -19.55
CA GLN A 287 -26.95 -17.55 -19.92
C GLN A 287 -28.37 -17.11 -19.58
N ARG A 288 -29.36 -17.94 -19.89
CA ARG A 288 -30.74 -17.62 -19.51
C ARG A 288 -31.09 -18.23 -18.16
N ILE A 289 -30.22 -18.02 -17.18
CA ILE A 289 -30.50 -18.25 -15.77
C ILE A 289 -30.16 -16.94 -15.06
N ILE A 290 -29.22 -16.20 -15.64
CA ILE A 290 -28.94 -14.83 -15.24
C ILE A 290 -29.58 -13.83 -16.21
N ALA A 291 -30.63 -14.26 -16.91
CA ALA A 291 -31.34 -13.50 -17.92
C ALA A 291 -32.84 -13.58 -17.67
N GLY A 292 -33.23 -13.23 -16.44
CA GLY A 292 -34.56 -13.52 -15.93
C GLY A 292 -34.53 -13.71 -14.43
N VAL A 293 -33.33 -13.80 -13.87
CA VAL A 293 -33.13 -13.42 -12.47
C VAL A 293 -32.99 -11.91 -12.36
N ASP A 294 -32.28 -11.31 -13.31
CA ASP A 294 -32.25 -9.86 -13.43
C ASP A 294 -33.62 -9.27 -13.71
N ILE A 295 -34.52 -10.03 -14.36
CA ILE A 295 -35.86 -9.53 -14.63
C ILE A 295 -36.57 -9.20 -13.34
N VAL A 296 -36.60 -10.15 -12.40
CA VAL A 296 -37.26 -9.92 -11.12
C VAL A 296 -36.42 -8.98 -10.25
N LEU A 297 -35.10 -9.07 -10.35
CA LEU A 297 -34.23 -8.21 -9.56
C LEU A 297 -34.37 -6.74 -9.92
N LEU A 298 -34.73 -6.43 -11.17
CA LEU A 298 -34.93 -5.05 -11.60
C LEU A 298 -36.38 -4.63 -11.60
N CYS A 299 -37.32 -5.57 -11.74
CA CYS A 299 -38.74 -5.26 -11.66
C CYS A 299 -39.22 -5.11 -10.23
N VAL A 300 -38.45 -5.59 -9.24
CA VAL A 300 -38.81 -5.38 -7.85
C VAL A 300 -38.23 -4.07 -7.31
N MET A 301 -37.23 -3.50 -7.97
CA MET A 301 -36.72 -2.18 -7.60
C MET A 301 -37.54 -1.05 -8.18
N ASN A 302 -38.48 -1.35 -9.07
CA ASN A 302 -39.39 -0.36 -9.62
C ASN A 302 -40.67 -0.24 -8.80
N LEU A 303 -40.78 -0.99 -7.71
CA LEU A 303 -41.93 -0.94 -6.81
C LEU A 303 -41.62 -0.26 -5.49
N ILE A 304 -40.47 -0.56 -4.89
CA ILE A 304 -40.09 0.12 -3.65
C ILE A 304 -39.85 1.61 -3.91
N ILE A 305 -39.25 1.95 -5.05
CA ILE A 305 -39.06 3.36 -5.41
C ILE A 305 -40.42 4.04 -5.59
N LEU A 306 -41.34 3.35 -6.26
CA LEU A 306 -42.67 3.92 -6.49
C LEU A 306 -43.40 4.17 -5.19
N VAL A 307 -43.38 3.20 -4.26
CA VAL A 307 -44.10 3.38 -3.01
C VAL A 307 -43.43 4.44 -2.16
N ASN A 308 -42.10 4.49 -2.15
CA ASN A 308 -41.39 5.55 -1.45
C ASN A 308 -41.80 6.93 -1.97
N LEU A 309 -41.77 7.10 -3.29
CA LEU A 309 -42.09 8.39 -3.88
C LEU A 309 -43.54 8.79 -3.65
N ILE A 310 -44.47 7.82 -3.72
CA ILE A 310 -45.87 8.18 -3.54
C ILE A 310 -46.16 8.51 -2.08
N HIS A 311 -45.60 7.75 -1.13
CA HIS A 311 -45.90 8.02 0.27
C HIS A 311 -45.19 9.26 0.78
N LEU A 312 -44.05 9.64 0.18
CA LEU A 312 -43.41 10.88 0.57
C LEU A 312 -44.23 12.10 0.12
N PHE A 313 -44.77 12.04 -1.10
CA PHE A 313 -45.41 13.21 -1.69
C PHE A 313 -46.92 13.28 -1.47
N ILE A 314 -47.56 12.20 -1.01
CA ILE A 314 -49.01 12.22 -0.84
C ILE A 314 -49.48 11.77 0.53
N PHE A 315 -48.68 11.05 1.31
CA PHE A 315 -49.15 10.55 2.60
C PHE A 315 -48.40 11.12 3.79
N ARG A 316 -47.07 11.04 3.79
CA ARG A 316 -46.31 11.45 4.95
C ARG A 316 -46.27 12.98 5.05
N LYS A 317 -46.59 13.49 6.24
CA LYS A 317 -46.58 14.93 6.49
C LYS A 317 -45.95 15.24 7.85
N SER A 318 -44.86 14.53 8.17
CA SER A 318 -44.11 14.75 9.41
C SER A 318 -42.66 15.01 9.02
N ASN A 319 -42.26 16.29 9.04
CA ASN A 319 -40.93 16.65 8.58
C ASN A 319 -39.85 16.27 9.59
N PHE A 320 -40.12 16.48 10.87
CA PHE A 320 -39.17 16.31 11.97
C PHE A 320 -38.16 17.47 11.96
N ILE A 321 -38.18 18.28 10.91
CA ILE A 321 -37.34 19.47 10.86
C ILE A 321 -38.05 20.69 11.43
N PHE A 322 -39.39 20.67 11.49
CA PHE A 322 -40.15 21.70 12.18
C PHE A 322 -41.28 21.11 13.01
N ASP A 323 -41.43 19.79 13.03
CA ASP A 323 -42.42 19.12 13.85
C ASP A 323 -41.86 18.75 15.23
N LYS A 324 -40.62 18.25 15.27
CA LYS A 324 -39.99 17.97 16.56
C LYS A 324 -39.75 19.25 17.34
N LEU A 325 -39.39 20.34 16.66
CA LEU A 325 -39.11 21.62 17.28
C LEU A 325 -40.32 22.56 17.25
N HIS A 326 -41.53 22.01 17.30
CA HIS A 326 -42.74 22.82 17.31
C HIS A 326 -43.38 22.96 18.68
N LYS A 327 -43.16 22.00 19.58
CA LYS A 327 -43.69 22.05 20.94
C LYS A 327 -42.75 22.77 21.91
N VAL A 328 -41.48 22.90 21.55
CA VAL A 328 -40.46 23.33 22.50
C VAL A 328 -40.24 24.83 22.39
N GLY A 329 -41.15 25.55 21.73
CA GLY A 329 -41.09 27.00 21.74
C GLY A 329 -41.25 27.71 20.41
N ILE A 330 -40.66 27.16 19.35
CA ILE A 330 -40.77 27.75 18.02
C ILE A 330 -41.98 27.11 17.35
N LYS A 331 -43.11 27.83 17.32
CA LYS A 331 -44.33 27.35 16.69
C LYS A 331 -44.44 27.96 15.30
N THR A 332 -44.70 27.12 14.30
CA THR A 332 -44.78 27.55 12.91
C THR A 332 -46.23 27.77 12.52
N ARG A 333 -46.50 28.92 11.91
CA ARG A 333 -47.83 29.22 11.41
C ARG A 333 -48.18 28.30 10.25
N ARG A 334 -49.48 28.08 10.04
CA ARG A 334 -49.93 27.15 9.02
C ARG A 334 -49.75 27.71 7.62
N GLN A 335 -48.49 27.92 7.23
CA GLN A 335 -48.14 28.31 5.87
C GLN A 335 -47.46 27.20 5.10
N TRP A 336 -47.23 26.05 5.72
CA TRP A 336 -46.61 24.90 5.08
C TRP A 336 -47.61 23.81 4.67
N ARG A 337 -48.76 23.74 5.35
CA ARG A 337 -49.72 22.68 5.08
C ARG A 337 -50.32 22.77 3.68
N ARG A 338 -50.16 23.91 3.00
CA ARG A 338 -50.73 24.05 1.66
C ARG A 338 -49.97 23.26 0.61
N SER A 339 -48.70 22.93 0.86
CA SER A 339 -47.91 22.20 -0.12
C SER A 339 -46.76 21.50 0.58
N GLN A 340 -46.49 20.25 0.18
CA GLN A 340 -45.40 19.45 0.72
C GLN A 340 -44.23 19.34 -0.25
N PHE A 341 -44.13 20.27 -1.20
CA PHE A 341 -43.11 20.24 -2.22
C PHE A 341 -41.92 21.14 -1.91
N CYS A 342 -41.85 21.67 -0.69
CA CYS A 342 -40.76 22.57 -0.32
C CYS A 342 -39.45 21.80 -0.17
N ASP A 343 -38.35 22.54 -0.27
CA ASP A 343 -37.02 21.94 -0.08
C ASP A 343 -36.74 21.60 1.37
N ILE A 344 -37.49 22.18 2.30
CA ILE A 344 -37.28 21.88 3.72
C ILE A 344 -37.61 20.42 4.02
N ASN A 345 -38.57 19.84 3.29
CA ASN A 345 -38.88 18.42 3.46
C ASN A 345 -37.69 17.55 3.08
N ILE A 346 -36.99 17.91 2.00
CA ILE A 346 -35.80 17.16 1.60
C ILE A 346 -34.67 17.38 2.60
N LEU A 347 -34.48 18.62 3.05
CA LEU A 347 -33.45 18.89 4.05
C LEU A 347 -33.72 18.16 5.36
N ALA A 348 -34.99 17.83 5.63
CA ALA A 348 -35.33 17.10 6.83
C ALA A 348 -34.70 15.71 6.86
N MET A 349 -34.69 15.02 5.72
CA MET A 349 -34.06 13.71 5.66
C MET A 349 -32.56 13.80 5.92
N PHE A 350 -31.89 14.79 5.33
CA PHE A 350 -30.46 14.95 5.55
C PHE A 350 -30.16 15.30 7.00
N CYS A 351 -31.01 16.13 7.62
CA CYS A 351 -30.84 16.43 9.04
C CYS A 351 -31.04 15.18 9.89
N ASN A 352 -32.02 14.34 9.53
CA ASN A 352 -32.28 13.12 10.28
C ASN A 352 -31.08 12.17 10.21
N GLU A 353 -30.46 12.05 9.04
CA GLU A 353 -29.31 11.16 8.88
C GLU A 353 -28.10 11.62 9.67
N ASN A 354 -28.08 12.86 10.15
CA ASN A 354 -26.99 13.39 10.95
C ASN A 354 -27.55 13.80 12.31
N ARG A 355 -27.60 12.83 13.23
CA ARG A 355 -28.05 13.07 14.59
C ARG A 355 -27.07 12.59 15.65
N ASP A 356 -25.85 12.20 15.26
CA ASP A 356 -24.93 11.55 16.18
C ASP A 356 -23.69 12.39 16.46
N HIS A 357 -22.94 12.76 15.42
CA HIS A 357 -21.70 13.50 15.59
C HIS A 357 -21.92 14.91 16.14
N ILE A 358 -23.15 15.40 16.12
CA ILE A 358 -23.50 16.68 16.71
C ILE A 358 -23.92 16.39 18.15
N LYS A 359 -23.06 16.74 19.10
CA LYS A 359 -23.34 16.41 20.49
C LYS A 359 -24.44 17.29 21.07
N SER A 360 -24.57 18.52 20.60
CA SER A 360 -25.63 19.41 21.08
C SER A 360 -27.01 18.85 20.73
N LEU A 361 -27.18 18.36 19.51
CA LEU A 361 -28.46 17.77 19.12
C LEU A 361 -28.73 16.48 19.88
N ASN A 362 -27.67 15.74 20.25
CA ASN A 362 -27.87 14.53 21.06
C ASN A 362 -28.33 14.89 22.47
N ARG A 363 -27.71 15.93 23.06
CA ARG A 363 -28.21 16.46 24.33
C ARG A 363 -29.66 16.90 24.23
N LEU A 364 -30.02 17.57 23.13
CA LEU A 364 -31.41 17.97 22.92
C LEU A 364 -32.32 16.76 22.84
N ASP A 365 -31.92 15.73 22.10
CA ASP A 365 -32.73 14.53 21.96
C ASP A 365 -32.97 13.86 23.30
N PHE A 366 -31.94 13.79 24.16
CA PHE A 366 -32.16 13.23 25.49
C PHE A 366 -33.02 14.14 26.37
N ILE A 367 -32.87 15.46 26.22
CA ILE A 367 -33.45 16.41 27.16
C ILE A 367 -34.78 16.99 26.70
N THR A 368 -35.22 16.69 25.47
CA THR A 368 -36.48 17.24 24.95
C THR A 368 -37.57 16.19 24.86
N ASN A 369 -37.29 15.05 24.21
CA ASN A 369 -38.33 14.10 23.85
C ASN A 369 -38.68 13.12 24.97
N GLU A 370 -37.96 13.12 26.09
CA GLU A 370 -38.28 12.20 27.17
C GLU A 370 -39.54 12.58 27.93
N SER A 371 -39.98 13.83 27.82
CA SER A 371 -41.18 14.31 28.50
C SER A 371 -42.22 14.85 27.54
N ASP A 372 -42.19 14.39 26.28
CA ASP A 372 -43.16 14.85 25.30
C ASP A 372 -44.57 14.39 25.67
N LEU A 373 -45.54 15.26 25.43
CA LEU A 373 -46.93 14.97 25.75
C LEU A 373 -47.87 15.68 24.78
N ASN A 377 -44.92 21.43 35.38
CA ASN A 377 -44.63 20.00 35.48
C ASN A 377 -43.17 19.72 35.13
N VAL A 378 -42.88 19.63 33.83
CA VAL A 378 -41.51 19.36 33.40
C VAL A 378 -40.61 20.55 33.72
N VAL A 379 -41.13 21.78 33.57
CA VAL A 379 -40.34 22.98 33.82
C VAL A 379 -40.07 23.21 35.29
N ARG A 380 -40.73 22.47 36.19
CA ARG A 380 -40.54 22.68 37.62
C ARG A 380 -39.11 22.37 38.05
N GLN A 381 -38.54 21.27 37.53
CA GLN A 381 -37.19 20.89 37.90
C GLN A 381 -36.12 21.48 36.99
N LEU A 382 -36.50 21.93 35.79
CA LEU A 382 -35.53 22.54 34.89
C LEU A 382 -34.95 23.83 35.47
N LEU A 383 -35.79 24.64 36.11
CA LEU A 383 -35.30 25.85 36.76
C LEU A 383 -34.38 25.53 37.93
N ALA A 384 -34.71 24.51 38.71
CA ALA A 384 -33.89 24.13 39.85
C ALA A 384 -32.60 23.42 39.45
N ALA A 385 -32.52 22.88 38.23
CA ALA A 385 -31.33 22.20 37.76
C ALA A 385 -30.31 23.13 37.12
N LEU A 386 -30.77 24.20 36.45
CA LEU A 386 -29.89 25.11 35.75
C LEU A 386 -29.78 26.47 36.42
N ALA A 387 -30.11 26.56 37.72
CA ALA A 387 -30.02 27.82 38.45
C ALA A 387 -28.59 28.00 38.98
N GLN A 388 -27.69 28.27 38.04
CA GLN A 388 -26.28 28.47 38.38
C GLN A 388 -25.92 29.95 38.34
N LEU B 41 -4.71 21.87 3.92
CA LEU B 41 -6.04 21.74 3.32
C LEU B 41 -6.15 22.60 2.06
N LEU B 42 -6.98 22.15 1.12
CA LEU B 42 -7.18 22.86 -0.13
C LEU B 42 -8.68 22.96 -0.42
N GLN B 43 -9.09 24.14 -0.89
CA GLN B 43 -10.50 24.38 -1.18
C GLN B 43 -10.76 24.90 -2.59
N LEU B 44 -9.74 25.38 -3.29
CA LEU B 44 -9.90 25.94 -4.63
C LEU B 44 -9.53 24.88 -5.67
N LYS B 45 -10.49 24.57 -6.54
CA LYS B 45 -10.28 23.63 -7.64
C LYS B 45 -10.35 24.38 -8.97
N LEU B 46 -9.46 24.01 -9.89
CA LEU B 46 -9.32 24.71 -11.16
C LEU B 46 -10.06 24.01 -12.30
N GLU B 47 -10.85 22.98 -12.01
CA GLU B 47 -11.57 22.24 -13.04
C GLU B 47 -13.06 22.42 -12.86
N LEU B 48 -13.73 22.86 -13.92
CA LEU B 48 -15.19 22.97 -13.92
C LEU B 48 -15.81 21.60 -14.08
N PRO B 49 -17.07 21.43 -13.65
CA PRO B 49 -17.77 20.17 -13.94
C PRO B 49 -17.91 19.90 -15.42
N PHE B 50 -18.04 20.94 -16.24
CA PHE B 50 -18.11 20.75 -17.69
C PHE B 50 -16.82 20.13 -18.22
N ASP B 51 -15.67 20.60 -17.75
CA ASP B 51 -14.40 20.04 -18.19
C ASP B 51 -14.25 18.58 -17.77
N ARG B 52 -14.66 18.26 -16.53
CA ARG B 52 -14.59 16.86 -16.08
C ARG B 52 -15.52 15.97 -16.89
N VAL B 53 -16.73 16.46 -17.19
CA VAL B 53 -17.67 15.68 -18.00
C VAL B 53 -17.10 15.44 -19.39
N VAL B 54 -16.51 16.48 -19.99
CA VAL B 54 -15.92 16.34 -21.32
C VAL B 54 -14.77 15.34 -21.28
N THR B 55 -13.90 15.44 -20.26
CA THR B 55 -12.75 14.55 -20.17
C THR B 55 -13.19 13.09 -20.01
N ILE B 56 -14.20 12.84 -19.17
CA ILE B 56 -14.68 11.47 -18.99
C ILE B 56 -15.56 11.00 -20.14
N GLY B 57 -16.01 11.90 -21.01
CA GLY B 57 -16.85 11.49 -22.11
C GLY B 57 -16.17 11.37 -23.46
N THR B 58 -14.97 11.96 -23.61
CA THR B 58 -14.26 11.86 -24.88
C THR B 58 -12.85 11.30 -24.77
N VAL B 59 -12.37 10.97 -23.57
CA VAL B 59 -11.02 10.46 -23.40
C VAL B 59 -11.05 9.11 -22.69
N LEU B 60 -12.06 8.92 -21.84
CA LEU B 60 -12.07 7.77 -20.93
C LEU B 60 -12.75 6.55 -21.54
N VAL B 61 -14.02 6.67 -21.91
CA VAL B 61 -14.75 5.53 -22.45
C VAL B 61 -14.18 5.16 -23.82
N PRO B 62 -13.49 6.10 -24.55
CA PRO B 62 -12.56 5.65 -25.58
C PRO B 62 -11.69 4.48 -25.14
N ILE B 63 -10.93 4.71 -24.07
CA ILE B 63 -9.97 3.71 -23.59
C ILE B 63 -10.71 2.47 -23.10
N LEU B 64 -11.80 2.66 -22.35
CA LEU B 64 -12.54 1.52 -21.83
C LEU B 64 -13.22 0.70 -22.93
N LEU B 65 -13.40 1.27 -24.12
CA LEU B 65 -13.97 0.55 -25.24
C LEU B 65 -12.90 -0.07 -26.14
N VAL B 66 -11.63 0.12 -25.82
CA VAL B 66 -10.53 -0.45 -26.61
C VAL B 66 -10.03 -1.75 -26.01
N THR B 67 -9.94 -1.82 -24.68
CA THR B 67 -9.46 -3.04 -24.02
C THR B 67 -10.37 -4.22 -24.31
N LEU B 68 -11.66 -3.96 -24.56
CA LEU B 68 -12.56 -5.05 -24.92
C LEU B 68 -12.13 -5.71 -26.23
N VAL B 69 -11.78 -4.91 -27.24
CA VAL B 69 -11.33 -5.46 -28.51
C VAL B 69 -10.02 -6.22 -28.33
N PHE B 70 -9.10 -5.66 -27.53
CA PHE B 70 -7.81 -6.31 -27.33
C PHE B 70 -7.97 -7.65 -26.63
N THR B 71 -8.85 -7.72 -25.62
CA THR B 71 -9.07 -8.98 -24.92
C THR B 71 -9.88 -9.97 -25.75
N LYS B 72 -10.71 -9.49 -26.67
CA LYS B 72 -11.47 -10.39 -27.54
C LYS B 72 -10.57 -10.98 -28.62
N ASN B 73 -9.72 -10.16 -29.24
CA ASN B 73 -8.88 -10.64 -30.34
C ASN B 73 -7.79 -11.57 -29.85
N PHE B 74 -7.16 -11.25 -28.71
CA PHE B 74 -6.07 -12.06 -28.19
C PHE B 74 -6.52 -13.38 -27.60
N ALA B 75 -7.84 -13.59 -27.44
CA ALA B 75 -8.38 -14.83 -26.90
C ALA B 75 -9.00 -15.71 -27.98
N GLU B 76 -8.50 -15.61 -29.21
CA GLU B 76 -9.03 -16.42 -30.31
C GLU B 76 -7.98 -16.53 -31.41
N GLU B 77 -8.20 -17.48 -32.31
CA GLU B 77 -7.29 -17.67 -33.43
C GLU B 77 -7.42 -16.51 -34.41
N PRO B 78 -6.32 -15.96 -34.90
CA PRO B 78 -6.40 -14.76 -35.77
C PRO B 78 -7.17 -14.99 -37.06
N ILE B 79 -7.12 -16.18 -37.64
CA ILE B 79 -7.72 -16.43 -38.95
C ILE B 79 -7.95 -17.93 -39.09
N TYR B 80 -8.97 -18.30 -39.87
CA TYR B 80 -9.28 -19.70 -40.13
C TYR B 80 -9.26 -19.96 -41.63
N CYS B 81 -8.47 -20.94 -42.07
CA CYS B 81 -8.31 -21.21 -43.50
C CYS B 81 -8.63 -22.66 -43.80
N TYR B 82 -9.17 -22.88 -45.00
CA TYR B 82 -9.59 -24.21 -45.46
C TYR B 82 -8.45 -24.83 -46.26
N THR B 83 -7.53 -25.47 -45.53
CA THR B 83 -6.38 -26.09 -46.16
C THR B 83 -6.80 -27.34 -46.96
N PRO B 84 -6.06 -27.68 -48.02
CA PRO B 84 -6.38 -28.89 -48.79
C PRO B 84 -6.12 -30.17 -48.00
N HIS B 85 -6.38 -31.32 -48.62
CA HIS B 85 -6.27 -32.60 -47.93
C HIS B 85 -4.82 -32.98 -47.70
N ASN B 86 -4.03 -33.06 -48.76
CA ASN B 86 -2.64 -33.54 -48.68
C ASN B 86 -1.71 -32.44 -48.18
N PHE B 87 -2.02 -31.95 -46.97
CA PHE B 87 -1.22 -30.94 -46.29
C PHE B 87 -0.87 -31.46 -44.90
N THR B 88 0.42 -31.54 -44.60
CA THR B 88 0.83 -31.98 -43.27
C THR B 88 0.53 -30.90 -42.24
N ARG B 89 0.53 -31.30 -40.97
CA ARG B 89 0.13 -30.39 -39.90
C ARG B 89 1.08 -29.21 -39.72
N ASP B 90 2.31 -29.30 -40.23
CA ASP B 90 3.23 -28.18 -40.23
C ASP B 90 3.29 -27.44 -41.56
N GLN B 91 2.88 -28.09 -42.66
CA GLN B 91 2.77 -27.41 -43.94
C GLN B 91 1.52 -26.54 -44.02
N ALA B 92 0.50 -26.83 -43.22
CA ALA B 92 -0.70 -26.02 -43.18
C ALA B 92 -0.61 -24.86 -42.19
N LEU B 93 0.41 -24.85 -41.33
CA LEU B 93 0.64 -23.70 -40.47
C LEU B 93 1.22 -22.52 -41.24
N TYR B 94 2.04 -22.77 -42.25
CA TYR B 94 2.52 -21.70 -43.10
C TYR B 94 1.37 -21.04 -43.85
N ALA B 95 0.43 -21.84 -44.35
CA ALA B 95 -0.72 -21.30 -45.06
C ALA B 95 -1.62 -20.47 -44.15
N ARG B 96 -1.59 -20.71 -42.85
CA ARG B 96 -2.41 -19.97 -41.89
C ARG B 96 -1.69 -18.77 -41.28
N GLY B 97 -0.36 -18.78 -41.27
CA GLY B 97 0.39 -17.66 -40.76
C GLY B 97 0.96 -16.76 -41.85
N TYR B 98 0.74 -17.16 -43.10
CA TYR B 98 1.23 -16.40 -44.25
C TYR B 98 0.14 -15.53 -44.88
N CYS B 99 -1.11 -15.97 -44.81
CA CYS B 99 -2.23 -15.19 -45.32
C CYS B 99 -2.76 -14.20 -44.29
N TRP B 100 -2.22 -14.21 -43.07
CA TRP B 100 -2.56 -13.25 -42.04
C TRP B 100 -1.62 -12.04 -42.03
N THR B 101 -0.36 -12.22 -42.40
CA THR B 101 0.57 -11.11 -42.56
C THR B 101 0.55 -10.54 -43.96
N GLU B 102 -0.14 -11.18 -44.90
CA GLU B 102 -0.30 -10.66 -46.26
C GLU B 102 -1.59 -9.86 -46.41
N LEU B 103 -2.72 -10.51 -46.13
CA LEU B 103 -4.05 -9.89 -46.18
C LEU B 103 -4.29 -9.23 -47.53
N ARG B 104 -4.28 -10.06 -48.57
CA ARG B 104 -4.48 -9.61 -49.94
C ARG B 104 -5.40 -10.57 -50.66
N ASP B 105 -6.54 -10.06 -51.14
CA ASP B 105 -7.46 -10.88 -51.91
C ASP B 105 -6.84 -11.22 -53.26
N ALA B 106 -7.34 -12.30 -53.87
CA ALA B 106 -6.86 -12.77 -55.17
C ALA B 106 -8.08 -12.96 -56.09
N LEU B 107 -8.47 -11.87 -56.76
CA LEU B 107 -9.55 -11.95 -57.72
C LEU B 107 -9.07 -12.67 -58.98
N PRO B 108 -9.84 -13.61 -59.52
CA PRO B 108 -9.40 -14.31 -60.74
C PRO B 108 -9.35 -13.38 -61.93
N GLY B 109 -8.42 -13.67 -62.83
CA GLY B 109 -8.26 -12.93 -64.09
C GLY B 109 -7.39 -11.70 -64.02
N VAL B 110 -7.55 -10.88 -62.99
CA VAL B 110 -6.82 -9.62 -62.87
C VAL B 110 -5.35 -9.91 -62.55
N ASP B 111 -4.51 -8.89 -62.68
CA ASP B 111 -3.07 -9.04 -62.45
C ASP B 111 -2.79 -9.02 -60.95
N ALA B 112 -1.52 -8.94 -60.58
CA ALA B 112 -1.11 -8.96 -59.18
C ALA B 112 -1.04 -7.57 -58.55
N SER B 113 -1.39 -6.53 -59.30
CA SER B 113 -1.35 -5.16 -58.78
C SER B 113 -2.71 -4.61 -58.40
N LEU B 114 -3.79 -5.16 -58.95
CA LEU B 114 -5.14 -4.70 -58.68
C LEU B 114 -5.85 -5.54 -57.62
N TRP B 115 -5.09 -6.12 -56.70
CA TRP B 115 -5.67 -6.95 -55.64
C TRP B 115 -6.01 -6.07 -54.44
N PRO B 116 -7.28 -6.01 -54.03
CA PRO B 116 -7.64 -5.19 -52.86
C PRO B 116 -6.99 -5.71 -51.59
N SER B 117 -6.65 -4.79 -50.69
CA SER B 117 -6.02 -5.13 -49.43
C SER B 117 -7.03 -5.13 -48.29
N LEU B 118 -6.61 -5.67 -47.14
CA LEU B 118 -7.45 -5.76 -45.96
C LEU B 118 -6.67 -5.39 -44.70
N PHE B 119 -5.69 -4.49 -44.82
CA PHE B 119 -4.85 -4.14 -43.69
C PHE B 119 -5.59 -3.33 -42.63
N GLU B 120 -6.71 -2.70 -42.98
CA GLU B 120 -7.43 -1.87 -42.02
C GLU B 120 -7.96 -2.68 -40.85
N HIS B 121 -8.48 -3.89 -41.12
CA HIS B 121 -9.00 -4.73 -40.05
C HIS B 121 -7.90 -5.11 -39.06
N LYS B 122 -6.70 -5.38 -39.55
CA LYS B 122 -5.58 -5.69 -38.67
C LYS B 122 -5.03 -4.45 -37.98
N PHE B 123 -5.19 -3.28 -38.60
CA PHE B 123 -4.48 -2.07 -38.18
C PHE B 123 -5.18 -1.30 -37.06
N LEU B 124 -6.45 -1.54 -36.77
CA LEU B 124 -7.03 -0.57 -35.87
C LEU B 124 -7.53 -1.17 -34.56
N PRO B 125 -6.81 -2.17 -34.01
CA PRO B 125 -6.64 -2.21 -32.57
C PRO B 125 -5.96 -0.97 -32.04
N TYR B 126 -5.04 -0.41 -32.82
CA TYR B 126 -4.15 0.68 -32.41
C TYR B 126 -4.61 2.04 -32.89
N ALA B 127 -5.26 2.10 -34.05
CA ALA B 127 -5.80 3.37 -34.54
C ALA B 127 -6.87 3.93 -33.60
N LEU B 128 -7.53 3.07 -32.83
CA LEU B 128 -8.41 3.52 -31.76
C LEU B 128 -7.63 3.93 -30.51
N LEU B 129 -6.36 3.55 -30.41
CA LEU B 129 -5.50 3.94 -29.30
C LEU B 129 -4.71 5.21 -29.58
N ALA B 130 -4.50 5.55 -30.85
CA ALA B 130 -3.83 6.79 -31.21
C ALA B 130 -4.77 7.99 -31.23
N PHE B 131 -6.07 7.76 -31.12
CA PHE B 131 -7.04 8.84 -31.04
C PHE B 131 -7.47 9.16 -29.62
N ALA B 132 -7.23 8.26 -28.67
CA ALA B 132 -7.51 8.51 -27.27
C ALA B 132 -6.37 9.23 -26.56
N ALA B 133 -5.20 9.35 -27.20
CA ALA B 133 -4.10 10.12 -26.67
C ALA B 133 -3.91 11.46 -27.38
N ILE B 134 -4.44 11.61 -28.60
CA ILE B 134 -4.42 12.90 -29.27
C ILE B 134 -5.27 13.90 -28.50
N MET B 135 -6.32 13.44 -27.83
CA MET B 135 -7.22 14.33 -27.10
C MET B 135 -6.62 14.70 -25.75
N TYR B 136 -5.36 15.14 -25.73
CA TYR B 136 -4.69 15.61 -24.53
C TYR B 136 -4.00 16.95 -24.68
N VAL B 137 -3.67 17.38 -25.89
CA VAL B 137 -3.11 18.72 -26.07
C VAL B 137 -4.05 19.80 -25.58
N PRO B 138 -5.35 19.78 -25.92
CA PRO B 138 -6.27 20.72 -25.24
C PRO B 138 -6.34 20.50 -23.74
N ALA B 139 -6.21 19.25 -23.28
CA ALA B 139 -6.26 18.98 -21.85
C ALA B 139 -4.97 19.38 -21.14
N LEU B 140 -3.82 19.27 -21.83
CA LEU B 140 -2.54 19.67 -21.26
C LEU B 140 -2.18 21.12 -21.54
N GLY B 141 -3.03 21.85 -22.26
CA GLY B 141 -2.84 23.26 -22.45
C GLY B 141 -3.31 24.13 -21.31
N TRP B 142 -3.81 23.53 -20.24
CA TRP B 142 -4.27 24.23 -19.05
C TRP B 142 -3.43 23.92 -17.82
N GLU B 143 -3.07 22.66 -17.61
CA GLU B 143 -2.28 22.29 -16.44
C GLU B 143 -0.83 22.71 -16.55
N PHE B 144 -0.34 23.02 -17.76
CA PHE B 144 1.04 23.41 -17.96
C PHE B 144 1.22 24.85 -18.42
N LEU B 145 0.16 25.50 -18.90
CA LEU B 145 0.25 26.85 -19.45
C LEU B 145 -0.36 27.91 -18.54
N ALA B 146 -1.51 27.65 -17.95
CA ALA B 146 -2.19 28.63 -17.10
C ALA B 146 -2.66 27.99 -15.80
N SER B 147 -1.84 27.11 -15.23
CA SER B 147 -2.14 26.49 -13.95
C SER B 147 -1.47 27.18 -12.78
N THR B 148 -0.77 28.29 -13.02
CA THR B 148 -0.11 29.05 -11.97
C THR B 148 -0.65 30.47 -11.83
N ARG B 149 -0.84 31.17 -12.96
CA ARG B 149 -1.32 32.55 -12.90
C ARG B 149 -2.75 32.63 -12.36
N LEU B 150 -3.62 31.75 -12.85
CA LEU B 150 -5.02 31.78 -12.44
C LEU B 150 -5.19 31.51 -10.96
N THR B 151 -4.60 30.42 -10.46
CA THR B 151 -4.69 30.14 -9.04
C THR B 151 -3.90 31.13 -8.19
N SER B 152 -2.86 31.76 -8.73
CA SER B 152 -2.21 32.86 -8.06
C SER B 152 -3.13 34.05 -7.86
N GLU B 153 -3.91 34.40 -8.88
CA GLU B 153 -4.85 35.50 -8.79
C GLU B 153 -6.11 35.12 -8.01
N LEU B 154 -6.37 33.84 -7.84
CA LEU B 154 -7.54 33.37 -7.11
C LEU B 154 -7.28 33.15 -5.62
N ASN B 155 -6.08 32.72 -5.24
CA ASN B 155 -5.75 32.59 -3.82
C ASN B 155 -5.73 33.94 -3.14
N PHE B 156 -5.36 35.00 -3.87
CA PHE B 156 -5.47 36.34 -3.32
C PHE B 156 -6.93 36.69 -3.01
N LEU B 157 -7.83 36.36 -3.92
CA LEU B 157 -9.25 36.63 -3.69
C LEU B 157 -9.76 35.80 -2.52
N LEU B 158 -9.23 34.58 -2.36
CA LEU B 158 -9.64 33.72 -1.27
C LEU B 158 -9.21 34.29 0.09
N GLN B 159 -7.94 34.69 0.20
CA GLN B 159 -7.40 35.04 1.51
C GLN B 159 -7.60 36.52 1.85
N GLU B 160 -7.39 37.40 0.88
CA GLU B 160 -7.45 38.84 1.12
C GLU B 160 -8.88 39.38 1.11
N ILE B 161 -9.60 39.17 0.01
CA ILE B 161 -10.93 39.79 -0.15
C ILE B 161 -11.92 38.84 0.52
N ASP B 162 -12.05 39.00 1.83
CA ASP B 162 -13.06 38.31 2.61
C ASP B 162 -13.70 39.20 3.66
N ASN B 163 -13.21 40.42 3.84
CA ASN B 163 -13.70 41.33 4.87
C ASN B 163 -15.06 41.93 4.54
N CYS B 164 -15.53 41.76 3.31
CA CYS B 164 -16.82 42.31 2.91
C CYS B 164 -17.95 41.47 3.51
N TYR B 165 -18.76 42.12 4.34
CA TYR B 165 -20.06 41.65 4.81
C TYR B 165 -19.96 40.53 5.85
N HIS B 166 -18.75 40.09 6.20
CA HIS B 166 -18.57 39.26 7.38
C HIS B 166 -17.94 40.03 8.53
N ARG B 167 -17.11 41.03 8.22
CA ARG B 167 -16.60 41.98 9.20
C ARG B 167 -17.43 43.26 9.26
N ALA B 168 -18.54 43.31 8.53
CA ALA B 168 -19.38 44.50 8.46
C ALA B 168 -20.09 44.81 9.77
N ALA B 169 -20.08 43.89 10.73
CA ALA B 169 -20.69 44.16 12.03
C ALA B 169 -20.02 45.35 12.71
N GLU B 170 -18.70 45.44 12.58
CA GLU B 170 -17.95 46.60 13.08
C GLU B 170 -17.44 47.49 11.96
N GLY B 171 -17.58 47.08 10.70
CA GLY B 171 -17.07 47.85 9.59
C GLY B 171 -18.06 48.86 9.03
N ARG B 172 -19.31 48.46 8.86
CA ARG B 172 -20.33 49.33 8.31
C ARG B 172 -21.67 49.29 9.04
N ALA B 173 -21.91 48.30 9.90
CA ALA B 173 -23.19 48.25 10.61
C ALA B 173 -23.43 49.48 11.50
N PRO B 174 -22.47 49.94 12.32
CA PRO B 174 -22.75 51.14 13.13
C PRO B 174 -22.52 52.44 12.37
N LYS B 175 -22.45 52.37 11.04
CA LYS B 175 -22.14 53.53 10.21
C LYS B 175 -23.33 53.99 9.37
N ILE B 176 -23.93 53.10 8.57
CA ILE B 176 -24.95 53.54 7.62
C ILE B 176 -26.31 53.64 8.30
N GLU B 177 -26.82 52.52 8.82
CA GLU B 177 -28.17 52.49 9.38
C GLU B 177 -28.23 52.90 10.84
N LYS B 178 -27.08 53.12 11.50
CA LYS B 178 -27.11 53.58 12.89
C LYS B 178 -27.68 54.98 13.01
N GLN B 179 -27.41 55.86 12.03
CA GLN B 179 -27.94 57.20 12.05
C GLN B 179 -29.30 57.32 11.37
N ILE B 180 -29.71 56.31 10.59
CA ILE B 180 -31.00 56.37 9.92
C ILE B 180 -32.14 56.25 10.93
N GLN B 181 -31.98 55.38 11.93
CA GLN B 181 -33.03 55.21 12.94
C GLN B 181 -33.22 56.48 13.76
N SER B 182 -32.12 57.15 14.11
CA SER B 182 -32.17 58.33 14.97
C SER B 182 -32.16 59.58 14.09
N LYS B 183 -33.32 59.90 13.53
CA LYS B 183 -33.49 61.12 12.75
C LYS B 183 -34.97 61.48 12.73
N GLY B 184 -35.22 62.76 12.43
CA GLY B 184 -36.59 63.25 12.37
C GLY B 184 -37.22 63.43 13.73
N THR B 188 -37.63 59.43 4.90
CA THR B 188 -38.54 59.18 3.78
C THR B 188 -37.92 58.17 2.82
N GLU B 189 -37.82 58.56 1.55
CA GLU B 189 -37.26 57.68 0.53
C GLU B 189 -36.32 58.41 -0.43
N ARG B 190 -35.99 59.67 -0.17
CA ARG B 190 -35.13 60.45 -1.05
C ARG B 190 -33.84 60.88 -0.35
N GLU B 191 -33.41 60.12 0.65
CA GLU B 191 -32.20 60.43 1.39
C GLU B 191 -31.27 59.24 1.61
N LYS B 192 -31.73 58.01 1.39
CA LYS B 192 -30.89 56.85 1.63
C LYS B 192 -29.68 56.84 0.70
N ARG B 193 -29.88 57.21 -0.57
CA ARG B 193 -28.78 57.19 -1.53
C ARG B 193 -27.70 58.19 -1.14
N GLU B 194 -28.08 59.35 -0.61
CA GLU B 194 -27.09 60.36 -0.23
C GLU B 194 -26.15 59.83 0.85
N ILE B 195 -26.71 59.16 1.87
CA ILE B 195 -25.86 58.60 2.92
C ILE B 195 -25.05 57.42 2.40
N ILE B 196 -25.69 56.55 1.61
CA ILE B 196 -25.01 55.34 1.16
C ILE B 196 -23.93 55.63 0.13
N GLU B 197 -23.95 56.81 -0.50
CA GLU B 197 -22.94 57.14 -1.49
C GLU B 197 -21.55 57.24 -0.87
N ASN B 198 -21.45 57.83 0.32
CA ASN B 198 -20.16 58.04 0.96
C ASN B 198 -19.73 56.82 1.75
N ALA B 199 -19.77 55.65 1.12
CA ALA B 199 -19.27 54.41 1.70
C ALA B 199 -18.16 53.80 0.86
N GLU B 200 -18.40 53.59 -0.43
CA GLU B 200 -17.38 53.07 -1.34
C GLU B 200 -16.71 54.14 -2.17
N LYS B 201 -17.46 55.20 -2.54
CA LYS B 201 -16.87 56.29 -3.30
C LYS B 201 -15.77 56.99 -2.51
N GLU B 202 -15.95 57.14 -1.20
CA GLU B 202 -14.92 57.72 -0.35
C GLU B 202 -13.68 56.83 -0.35
N LYS B 203 -12.51 57.47 -0.31
CA LYS B 203 -11.23 56.76 -0.34
C LYS B 203 -10.97 56.14 1.04
N SER B 204 -11.71 55.07 1.32
CA SER B 204 -11.56 54.35 2.57
C SER B 204 -10.26 53.55 2.56
N PRO B 205 -9.76 53.17 3.74
CA PRO B 205 -8.58 52.29 3.78
C PRO B 205 -8.80 50.97 3.06
N GLU B 206 -10.02 50.43 3.11
CA GLU B 206 -10.36 49.20 2.40
C GLU B 206 -10.98 49.53 1.04
N GLN B 207 -10.23 50.29 0.25
CA GLN B 207 -10.67 50.68 -1.09
C GLN B 207 -9.61 50.48 -2.16
N ASN B 208 -8.33 50.41 -1.81
CA ASN B 208 -7.29 50.17 -2.82
C ASN B 208 -7.38 48.77 -3.41
N LEU B 209 -8.08 47.84 -2.74
CA LEU B 209 -8.26 46.49 -3.23
C LEU B 209 -9.55 46.29 -4.00
N PHE B 210 -10.35 47.35 -4.19
CA PHE B 210 -11.62 47.26 -4.88
C PHE B 210 -11.72 48.37 -5.92
N GLU B 211 -12.33 48.03 -7.07
CA GLU B 211 -12.58 48.94 -8.19
C GLU B 211 -11.29 49.26 -8.92
N LYS B 212 -10.15 48.80 -8.38
CA LYS B 212 -8.90 48.86 -9.13
C LYS B 212 -8.68 47.57 -9.91
N TYR B 213 -9.05 46.44 -9.32
CA TYR B 213 -9.07 45.18 -10.07
C TYR B 213 -10.04 45.25 -11.22
N LEU B 214 -11.21 45.85 -11.00
CA LEU B 214 -12.19 46.01 -12.07
C LEU B 214 -11.63 46.89 -13.19
N GLU B 215 -10.92 47.96 -12.83
CA GLU B 215 -10.35 48.84 -13.84
C GLU B 215 -9.22 48.18 -14.61
N ARG B 216 -8.41 47.34 -13.94
CA ARG B 216 -7.29 46.70 -14.63
C ARG B 216 -7.75 45.54 -15.50
N ARG B 217 -8.55 44.64 -14.95
CA ARG B 217 -8.99 43.45 -15.65
C ARG B 217 -10.25 43.69 -16.47
N GLY B 218 -10.76 44.92 -16.50
CA GLY B 218 -11.90 45.25 -17.32
C GLY B 218 -11.63 45.46 -18.78
N ARG B 219 -10.35 45.40 -19.18
CA ARG B 219 -9.98 45.52 -20.59
C ARG B 219 -8.95 44.50 -21.03
N SER B 220 -8.28 43.80 -20.10
CA SER B 220 -7.25 42.82 -20.45
C SER B 220 -7.92 41.46 -20.65
N ASN B 221 -8.36 41.22 -21.89
CA ASN B 221 -9.03 39.97 -22.25
C ASN B 221 -7.99 38.93 -22.67
N PHE B 222 -7.25 38.45 -21.67
CA PHE B 222 -6.22 37.44 -21.88
C PHE B 222 -6.71 36.03 -21.55
N LEU B 223 -7.35 35.85 -20.40
CA LEU B 223 -7.84 34.53 -20.03
C LEU B 223 -8.90 34.02 -21.00
N ALA B 224 -9.79 34.91 -21.45
CA ALA B 224 -10.78 34.51 -22.44
C ALA B 224 -10.16 34.19 -23.78
N LYS B 225 -8.91 34.61 -24.01
CA LYS B 225 -8.18 34.26 -25.22
C LYS B 225 -7.49 32.91 -25.12
N LEU B 226 -7.56 32.24 -23.96
CA LEU B 226 -6.94 30.94 -23.75
C LEU B 226 -7.94 29.86 -23.39
N TYR B 227 -8.92 30.16 -22.53
CA TYR B 227 -9.96 29.18 -22.22
C TYR B 227 -10.79 28.86 -23.46
N LEU B 228 -11.04 29.87 -24.31
CA LEU B 228 -11.69 29.61 -25.59
C LEU B 228 -10.83 28.72 -26.47
N ALA B 229 -9.52 28.94 -26.49
CA ALA B 229 -8.61 28.08 -27.23
C ALA B 229 -8.53 26.67 -26.65
N ARG B 230 -8.90 26.49 -25.38
CA ARG B 230 -8.92 25.17 -24.77
C ARG B 230 -10.10 24.32 -25.24
N HIS B 231 -11.17 24.95 -25.70
CA HIS B 231 -12.37 24.24 -26.16
C HIS B 231 -12.54 24.26 -27.67
N VAL B 232 -12.23 25.39 -28.32
CA VAL B 232 -12.32 25.46 -29.78
C VAL B 232 -11.27 24.60 -30.45
N LEU B 233 -10.22 24.20 -29.74
CA LEU B 233 -9.21 23.29 -30.27
C LEU B 233 -9.65 21.84 -30.16
N ILE B 234 -10.29 21.46 -29.05
CA ILE B 234 -10.83 20.12 -28.92
C ILE B 234 -12.00 19.89 -29.86
N LEU B 235 -12.65 20.96 -30.32
CA LEU B 235 -13.68 20.83 -31.33
C LEU B 235 -13.11 20.60 -32.72
N LEU B 236 -11.85 21.00 -32.95
CA LEU B 236 -11.19 20.78 -34.22
C LEU B 236 -10.31 19.54 -34.22
N LEU B 237 -9.77 19.17 -33.06
CA LEU B 237 -9.01 17.92 -32.97
C LEU B 237 -9.92 16.71 -33.16
N SER B 238 -11.17 16.82 -32.73
CA SER B 238 -12.14 15.74 -32.91
C SER B 238 -12.74 15.79 -34.31
N ALA B 239 -11.88 15.83 -35.34
CA ALA B 239 -12.34 15.82 -36.72
C ALA B 239 -11.85 14.59 -37.48
N VAL B 240 -10.55 14.39 -37.57
CA VAL B 240 -10.02 13.21 -38.28
C VAL B 240 -10.29 11.95 -37.45
N PRO B 241 -10.36 12.00 -36.11
CA PRO B 241 -11.06 10.94 -35.39
C PRO B 241 -12.36 10.50 -36.05
N ILE B 242 -13.23 11.44 -36.37
CA ILE B 242 -14.52 11.11 -36.97
C ILE B 242 -14.40 10.83 -38.46
N SER B 243 -13.57 11.59 -39.17
CA SER B 243 -13.43 11.44 -40.61
C SER B 243 -12.71 10.16 -41.00
N TYR B 244 -11.96 9.54 -40.09
CA TYR B 244 -11.25 8.31 -40.42
C TYR B 244 -12.17 7.11 -40.33
N LEU B 245 -12.72 6.83 -39.15
CA LEU B 245 -13.62 5.69 -38.96
C LEU B 245 -15.05 6.04 -39.33
N CYS B 246 -15.21 6.66 -40.49
CA CYS B 246 -16.53 6.91 -41.08
C CYS B 246 -16.56 6.30 -42.48
N THR B 247 -15.44 6.42 -43.19
CA THR B 247 -15.25 5.68 -44.43
C THR B 247 -14.91 4.21 -44.17
N TYR B 248 -14.31 3.91 -43.02
CA TYR B 248 -14.08 2.52 -42.64
C TYR B 248 -15.39 1.78 -42.41
N TYR B 249 -16.39 2.46 -41.82
CA TYR B 249 -17.70 1.86 -41.61
C TYR B 249 -18.47 1.66 -42.91
N ALA B 250 -18.04 2.31 -44.00
CA ALA B 250 -18.80 2.28 -45.25
C ALA B 250 -18.09 1.55 -46.39
N THR B 251 -16.78 1.32 -46.29
CA THR B 251 -16.04 0.70 -47.39
C THR B 251 -15.40 -0.64 -47.02
N GLN B 252 -15.32 -0.99 -45.75
CA GLN B 252 -14.73 -2.25 -45.31
C GLN B 252 -15.83 -3.08 -44.66
N LYS B 253 -16.39 -4.02 -45.42
CA LYS B 253 -17.47 -4.86 -44.95
C LYS B 253 -17.12 -6.34 -44.98
N GLN B 254 -16.51 -6.81 -46.07
CA GLN B 254 -16.26 -8.24 -46.25
C GLN B 254 -15.21 -8.74 -45.27
N ASN B 255 -15.31 -10.04 -44.95
CA ASN B 255 -14.37 -10.70 -44.06
C ASN B 255 -14.02 -12.10 -44.57
N GLU B 256 -14.05 -12.29 -45.88
CA GLU B 256 -13.76 -13.59 -46.48
C GLU B 256 -13.03 -13.35 -47.79
N PHE B 257 -11.77 -13.76 -47.85
CA PHE B 257 -10.93 -13.57 -49.02
C PHE B 257 -10.23 -14.87 -49.38
N THR B 258 -9.90 -15.03 -50.66
CA THR B 258 -9.24 -16.21 -51.18
C THR B 258 -7.75 -15.93 -51.31
N CYS B 259 -6.99 -16.29 -50.29
CA CYS B 259 -5.55 -16.10 -50.30
C CYS B 259 -4.88 -17.09 -51.24
N ALA B 260 -3.72 -16.71 -51.76
CA ALA B 260 -3.00 -17.53 -52.73
C ALA B 260 -1.54 -17.62 -52.31
N LEU B 261 -1.03 -18.85 -52.20
CA LEU B 261 0.38 -19.10 -51.93
C LEU B 261 1.10 -19.34 -53.26
N GLY B 262 2.34 -19.81 -53.19
CA GLY B 262 3.10 -20.08 -54.39
C GLY B 262 4.46 -20.66 -54.05
N ALA B 263 5.19 -21.03 -55.11
CA ALA B 263 6.55 -21.56 -55.01
C ALA B 263 6.60 -22.81 -54.14
N SER B 264 5.88 -23.84 -54.59
CA SER B 264 5.91 -25.11 -53.89
C SER B 264 7.27 -25.78 -54.06
N PRO B 265 7.79 -26.45 -53.04
CA PRO B 265 9.10 -27.10 -53.13
C PRO B 265 8.99 -28.48 -53.78
N ASP B 266 9.68 -28.66 -54.89
CA ASP B 266 9.66 -29.93 -55.61
C ASP B 266 11.00 -30.63 -55.54
N PRO B 273 3.16 -25.92 -58.23
CA PRO B 273 1.97 -25.18 -58.64
C PRO B 273 1.38 -24.35 -57.52
N ALA B 274 0.81 -23.19 -57.86
CA ALA B 274 0.21 -22.33 -56.86
C ALA B 274 -1.08 -22.93 -56.32
N VAL B 275 -1.30 -22.77 -55.02
CA VAL B 275 -2.48 -23.28 -54.34
C VAL B 275 -3.22 -22.12 -53.68
N ARG B 276 -4.54 -22.12 -53.81
CA ARG B 276 -5.38 -21.05 -53.29
C ARG B 276 -6.27 -21.60 -52.18
N VAL B 277 -6.35 -20.89 -51.06
CA VAL B 277 -7.15 -21.29 -49.92
C VAL B 277 -8.06 -20.14 -49.52
N SER B 278 -9.33 -20.43 -49.29
CA SER B 278 -10.29 -19.43 -48.84
C SER B 278 -10.25 -19.35 -47.31
N CYS B 279 -10.00 -18.14 -46.80
CA CYS B 279 -9.83 -17.93 -45.37
C CYS B 279 -11.00 -17.11 -44.82
N LYS B 280 -10.98 -16.90 -43.51
CA LYS B 280 -12.07 -16.27 -42.79
C LYS B 280 -11.52 -15.53 -41.58
N LEU B 281 -12.03 -14.30 -41.38
CA LEU B 281 -11.58 -13.41 -40.32
C LEU B 281 -12.60 -13.39 -39.20
N PRO B 282 -12.25 -13.86 -37.99
CA PRO B 282 -13.23 -13.93 -36.90
C PRO B 282 -13.73 -12.57 -36.44
N SER B 283 -12.83 -11.67 -36.06
CA SER B 283 -13.18 -10.44 -35.38
C SER B 283 -13.29 -9.28 -36.37
N VAL B 284 -14.37 -9.30 -37.15
CA VAL B 284 -14.72 -8.20 -38.03
C VAL B 284 -16.09 -7.69 -37.66
N GLN B 285 -16.95 -8.58 -37.16
CA GLN B 285 -18.31 -8.21 -36.81
C GLN B 285 -18.40 -7.43 -35.50
N LEU B 286 -17.39 -7.54 -34.64
CA LEU B 286 -17.34 -6.77 -33.40
C LEU B 286 -16.53 -5.49 -33.53
N GLN B 287 -15.53 -5.48 -34.42
CA GLN B 287 -14.71 -4.29 -34.59
C GLN B 287 -15.55 -3.11 -35.07
N ARG B 288 -16.43 -3.33 -36.04
CA ARG B 288 -17.33 -2.28 -36.48
C ARG B 288 -18.65 -2.31 -35.72
N ILE B 289 -18.55 -2.41 -34.41
CA ILE B 289 -19.66 -2.17 -33.49
C ILE B 289 -19.17 -1.14 -32.49
N ILE B 290 -17.86 -1.12 -32.28
CA ILE B 290 -17.19 -0.06 -31.54
C ILE B 290 -16.50 0.90 -32.50
N ALA B 291 -16.98 0.98 -33.74
CA ALA B 291 -16.44 1.78 -34.82
C ALA B 291 -17.56 2.55 -35.50
N GLY B 292 -18.33 3.28 -34.69
CA GLY B 292 -19.60 3.84 -35.11
C GLY B 292 -20.54 3.95 -33.92
N VAL B 293 -20.15 3.36 -32.80
CA VAL B 293 -20.64 3.84 -31.51
C VAL B 293 -19.82 5.04 -31.07
N ASP B 294 -18.50 4.98 -31.31
CA ASP B 294 -17.65 6.15 -31.11
C ASP B 294 -18.02 7.30 -32.03
N ILE B 295 -18.60 7.01 -33.20
CA ILE B 295 -19.03 8.07 -34.11
C ILE B 295 -20.05 8.98 -33.43
N VAL B 296 -21.09 8.38 -32.85
CA VAL B 296 -22.12 9.18 -32.19
C VAL B 296 -21.64 9.66 -30.83
N LEU B 297 -20.74 8.90 -30.19
CA LEU B 297 -20.22 9.31 -28.90
C LEU B 297 -19.31 10.53 -29.00
N LEU B 298 -18.67 10.74 -30.14
CA LEU B 298 -17.81 11.90 -30.36
C LEU B 298 -18.50 13.01 -31.12
N CYS B 299 -19.50 12.69 -31.95
CA CYS B 299 -20.28 13.70 -32.64
C CYS B 299 -21.32 14.36 -31.76
N VAL B 300 -21.65 13.75 -30.61
CA VAL B 300 -22.55 14.38 -29.67
C VAL B 300 -21.82 15.27 -28.67
N MET B 301 -20.51 15.07 -28.51
CA MET B 301 -19.70 15.98 -27.69
C MET B 301 -19.28 17.23 -28.43
N ASN B 302 -19.51 17.29 -29.74
CA ASN B 302 -19.24 18.49 -30.52
C ASN B 302 -20.45 19.42 -30.59
N LEU B 303 -21.54 19.08 -29.92
CA LEU B 303 -22.74 19.90 -29.86
C LEU B 303 -22.94 20.56 -28.51
N ILE B 304 -22.72 19.83 -27.42
CA ILE B 304 -22.84 20.45 -26.09
C ILE B 304 -21.75 21.50 -25.89
N ILE B 305 -20.54 21.24 -26.40
CA ILE B 305 -19.47 22.23 -26.32
C ILE B 305 -19.84 23.47 -27.13
N LEU B 306 -20.40 23.26 -28.33
CA LEU B 306 -20.79 24.38 -29.18
C LEU B 306 -21.87 25.23 -28.52
N VAL B 307 -22.90 24.59 -27.95
CA VAL B 307 -23.98 25.36 -27.36
C VAL B 307 -23.49 26.06 -26.09
N ASN B 308 -22.64 25.41 -25.30
CA ASN B 308 -22.05 26.05 -24.13
C ASN B 308 -21.27 27.31 -24.53
N LEU B 309 -20.40 27.17 -25.54
CA LEU B 309 -19.57 28.28 -25.96
C LEU B 309 -20.40 29.42 -26.54
N ILE B 310 -21.43 29.11 -27.32
CA ILE B 310 -22.22 30.17 -27.92
C ILE B 310 -23.07 30.88 -26.86
N HIS B 311 -23.65 30.14 -25.91
CA HIS B 311 -24.49 30.78 -24.91
C HIS B 311 -23.68 31.55 -23.88
N LEU B 312 -22.44 31.14 -23.60
CA LEU B 312 -21.61 31.91 -22.69
C LEU B 312 -21.21 33.25 -23.31
N PHE B 313 -20.91 33.27 -24.60
CA PHE B 313 -20.34 34.44 -25.24
C PHE B 313 -21.37 35.34 -25.91
N ILE B 314 -22.60 34.87 -26.14
CA ILE B 314 -23.58 35.70 -26.84
C ILE B 314 -24.90 35.83 -26.11
N PHE B 315 -25.24 34.98 -25.14
CA PHE B 315 -26.55 35.05 -24.49
C PHE B 315 -26.46 35.37 -23.01
N ARG B 316 -25.68 34.61 -22.25
CA ARG B 316 -25.66 34.79 -20.80
C ARG B 316 -24.96 36.07 -20.42
N LYS B 317 -25.59 36.86 -19.54
CA LYS B 317 -25.04 38.13 -19.09
C LYS B 317 -25.21 38.28 -17.59
N SER B 318 -25.01 37.19 -16.84
CA SER B 318 -25.11 37.18 -15.38
C SER B 318 -23.83 36.57 -14.83
N ASN B 319 -22.91 37.43 -14.36
CA ASN B 319 -21.61 36.95 -13.91
C ASN B 319 -21.69 36.26 -12.56
N PHE B 320 -22.48 36.83 -11.63
CA PHE B 320 -22.59 36.39 -10.23
C PHE B 320 -21.34 36.82 -9.46
N ILE B 321 -20.33 37.33 -10.18
CA ILE B 321 -19.15 37.87 -9.53
C ILE B 321 -19.27 39.37 -9.27
N PHE B 322 -20.16 40.05 -9.98
CA PHE B 322 -20.48 41.44 -9.68
C PHE B 322 -21.98 41.71 -9.77
N ASP B 323 -22.79 40.69 -10.07
CA ASP B 323 -24.24 40.82 -10.11
C ASP B 323 -24.88 40.50 -8.77
N LYS B 324 -24.41 39.45 -8.09
CA LYS B 324 -24.90 39.14 -6.76
C LYS B 324 -24.54 40.24 -5.76
N LEU B 325 -23.33 40.79 -5.89
CA LEU B 325 -22.84 41.83 -4.99
C LEU B 325 -23.08 43.23 -5.56
N HIS B 326 -24.12 43.42 -6.35
CA HIS B 326 -24.45 44.73 -6.90
C HIS B 326 -25.56 45.45 -6.15
N LYS B 327 -26.44 44.72 -5.47
CA LYS B 327 -27.53 45.31 -4.70
C LYS B 327 -27.13 45.59 -3.26
N VAL B 328 -26.07 44.96 -2.77
CA VAL B 328 -25.74 44.98 -1.35
C VAL B 328 -24.75 46.09 -1.03
N GLY B 329 -24.54 47.01 -1.96
CA GLY B 329 -23.74 48.18 -1.65
C GLY B 329 -22.71 48.60 -2.69
N ILE B 330 -22.01 47.64 -3.29
CA ILE B 330 -21.02 47.93 -4.31
C ILE B 330 -21.72 47.89 -5.66
N LYS B 331 -22.03 49.07 -6.20
CA LYS B 331 -22.68 49.20 -7.50
C LYS B 331 -21.64 49.49 -8.56
N THR B 332 -21.67 48.74 -9.65
CA THR B 332 -20.69 48.85 -10.72
C THR B 332 -21.26 49.72 -11.84
N ARG B 333 -20.46 50.71 -12.27
CA ARG B 333 -20.85 51.56 -13.39
C ARG B 333 -20.89 50.74 -14.67
N ARG B 334 -21.70 51.21 -15.63
CA ARG B 334 -21.89 50.47 -16.88
C ARG B 334 -20.67 50.56 -17.78
N GLN B 335 -19.55 49.99 -17.33
CA GLN B 335 -18.34 49.88 -18.14
C GLN B 335 -18.07 48.44 -18.56
N TRP B 336 -18.90 47.49 -18.14
CA TRP B 336 -18.74 46.08 -18.49
C TRP B 336 -19.70 45.64 -19.59
N ARG B 337 -20.84 46.30 -19.74
CA ARG B 337 -21.85 45.88 -20.70
C ARG B 337 -21.37 45.99 -22.14
N ARG B 338 -20.28 46.72 -22.39
CA ARG B 338 -19.79 46.88 -23.76
C ARG B 338 -19.12 45.61 -24.29
N SER B 339 -18.62 44.75 -23.42
CA SER B 339 -17.94 43.54 -23.87
C SER B 339 -18.03 42.47 -22.79
N GLN B 340 -18.27 41.23 -23.21
CA GLN B 340 -18.37 40.08 -22.31
C GLN B 340 -17.14 39.19 -22.38
N PHE B 341 -16.03 39.71 -22.93
CA PHE B 341 -14.82 38.94 -23.13
C PHE B 341 -13.81 39.13 -22.01
N CYS B 342 -14.21 39.74 -20.91
CA CYS B 342 -13.30 39.99 -19.80
C CYS B 342 -12.94 38.70 -19.08
N ASP B 343 -11.80 38.73 -18.37
CA ASP B 343 -11.38 37.58 -17.57
C ASP B 343 -12.22 37.43 -16.31
N ILE B 344 -12.92 38.49 -15.89
CA ILE B 344 -13.75 38.40 -14.70
C ILE B 344 -14.90 37.43 -14.92
N ASN B 345 -15.39 37.32 -16.16
CA ASN B 345 -16.44 36.34 -16.45
C ASN B 345 -15.94 34.92 -16.23
N ILE B 346 -14.69 34.65 -16.61
CA ILE B 346 -14.13 33.32 -16.38
C ILE B 346 -13.88 33.10 -14.89
N LEU B 347 -13.36 34.11 -14.20
CA LEU B 347 -13.15 34.00 -12.76
C LEU B 347 -14.47 33.77 -12.02
N ALA B 348 -15.58 34.23 -12.60
CA ALA B 348 -16.87 34.04 -11.97
C ALA B 348 -17.23 32.56 -11.83
N MET B 349 -16.93 31.76 -12.85
CA MET B 349 -17.21 30.33 -12.75
C MET B 349 -16.38 29.67 -11.66
N PHE B 350 -15.09 30.02 -11.58
CA PHE B 350 -14.24 29.45 -10.54
C PHE B 350 -14.70 29.87 -9.15
N CYS B 351 -15.15 31.12 -9.00
CA CYS B 351 -15.69 31.56 -7.73
C CYS B 351 -16.97 30.80 -7.39
N ASN B 352 -17.81 30.54 -8.40
CA ASN B 352 -19.06 29.82 -8.16
C ASN B 352 -18.79 28.38 -7.70
N GLU B 353 -17.78 27.73 -8.29
CA GLU B 353 -17.44 26.36 -7.91
C GLU B 353 -16.89 26.26 -6.49
N ASN B 354 -16.49 27.38 -5.88
CA ASN B 354 -15.97 27.40 -4.51
C ASN B 354 -16.88 28.31 -3.69
N ARG B 355 -17.94 27.72 -3.14
CA ARG B 355 -18.88 28.43 -2.29
C ARG B 355 -19.10 27.72 -0.95
N ASP B 356 -18.37 26.65 -0.66
CA ASP B 356 -18.67 25.80 0.49
C ASP B 356 -17.61 25.89 1.57
N HIS B 357 -16.36 25.61 1.24
CA HIS B 357 -15.29 25.60 2.23
C HIS B 357 -14.98 26.99 2.76
N ILE B 358 -15.46 28.04 2.12
CA ILE B 358 -15.33 29.40 2.60
C ILE B 358 -16.56 29.68 3.46
N LYS B 359 -16.38 29.70 4.78
CA LYS B 359 -17.52 29.87 5.67
C LYS B 359 -18.10 31.27 5.63
N SER B 360 -17.25 32.29 5.41
CA SER B 360 -17.74 33.66 5.36
C SER B 360 -18.70 33.86 4.20
N LEU B 361 -18.37 33.30 3.03
CA LEU B 361 -19.27 33.43 1.89
C LEU B 361 -20.56 32.65 2.10
N ASN B 362 -20.51 31.55 2.86
CA ASN B 362 -21.73 30.82 3.20
C ASN B 362 -22.62 31.65 4.14
N ARG B 363 -22.01 32.30 5.13
CA ARG B 363 -22.74 33.25 5.97
C ARG B 363 -23.38 34.34 5.12
N LEU B 364 -22.63 34.87 4.15
CA LEU B 364 -23.17 35.89 3.26
C LEU B 364 -24.36 35.35 2.47
N ASP B 365 -24.23 34.15 1.92
CA ASP B 365 -25.30 33.55 1.14
C ASP B 365 -26.57 33.40 1.96
N PHE B 366 -26.45 32.96 3.22
CA PHE B 366 -27.64 32.86 4.06
C PHE B 366 -28.18 34.24 4.45
N ILE B 367 -27.30 35.22 4.62
CA ILE B 367 -27.68 36.51 5.19
C ILE B 367 -27.95 37.58 4.15
N THR B 368 -27.70 37.32 2.87
CA THR B 368 -27.91 38.32 1.82
C THR B 368 -29.09 38.01 0.93
N ASN B 369 -29.15 36.79 0.37
CA ASN B 369 -30.10 36.48 -0.69
C ASN B 369 -31.48 36.07 -0.18
N GLU B 370 -31.66 35.91 1.13
CA GLU B 370 -32.97 35.52 1.64
C GLU B 370 -33.99 36.66 1.59
N SER B 371 -33.53 37.90 1.45
CA SER B 371 -34.41 39.06 1.40
C SER B 371 -34.23 39.86 0.11
N ASP B 372 -33.73 39.23 -0.96
CA ASP B 372 -33.54 39.92 -2.21
C ASP B 372 -34.87 40.35 -2.81
N LEU B 373 -34.88 41.54 -3.41
CA LEU B 373 -36.08 42.08 -4.02
C LEU B 373 -35.74 42.99 -5.21
N ASN B 377 -36.92 48.27 5.97
CA ASN B 377 -37.55 46.95 5.95
C ASN B 377 -36.60 45.88 6.48
N VAL B 378 -35.72 45.40 5.60
CA VAL B 378 -34.75 44.38 6.00
C VAL B 378 -33.74 44.96 6.98
N VAL B 379 -33.34 46.21 6.78
CA VAL B 379 -32.35 46.84 7.65
C VAL B 379 -32.91 47.18 9.03
N ARG B 380 -34.22 47.08 9.22
CA ARG B 380 -34.80 47.44 10.51
C ARG B 380 -34.34 46.51 11.62
N GLN B 381 -34.26 45.21 11.35
CA GLN B 381 -33.83 44.25 12.35
C GLN B 381 -32.32 44.00 12.35
N LEU B 382 -31.64 44.34 11.27
CA LEU B 382 -30.19 44.16 11.22
C LEU B 382 -29.49 45.04 12.25
N LEU B 383 -29.95 46.28 12.41
CA LEU B 383 -29.37 47.15 13.43
C LEU B 383 -29.64 46.63 14.84
N ALA B 384 -30.84 46.10 15.09
CA ALA B 384 -31.18 45.59 16.40
C ALA B 384 -30.52 44.24 16.70
N ALA B 385 -30.05 43.52 15.68
CA ALA B 385 -29.40 42.23 15.86
C ALA B 385 -27.91 42.34 16.12
N LEU B 386 -27.24 43.33 15.51
CA LEU B 386 -25.80 43.49 15.63
C LEU B 386 -25.40 44.70 16.48
N ALA B 387 -26.30 45.20 17.33
CA ALA B 387 -26.00 46.34 18.19
C ALA B 387 -25.31 45.84 19.47
N GLN B 388 -24.07 45.40 19.30
CA GLN B 388 -23.28 44.90 20.41
C GLN B 388 -22.25 45.93 20.86
N LEU C 41 6.45 21.35 4.31
CA LEU C 41 5.90 21.82 3.04
C LEU C 41 7.00 22.34 2.13
N LEU C 42 6.80 22.22 0.82
CA LEU C 42 7.76 22.66 -0.17
C LEU C 42 7.04 23.49 -1.24
N GLN C 43 7.66 24.58 -1.66
CA GLN C 43 7.08 25.46 -2.66
C GLN C 43 8.00 25.76 -3.84
N LEU C 44 9.30 25.50 -3.72
CA LEU C 44 10.26 25.79 -4.78
C LEU C 44 10.52 24.52 -5.57
N LYS C 45 10.27 24.58 -6.88
CA LYS C 45 10.54 23.48 -7.80
C LYS C 45 11.65 23.87 -8.76
N LEU C 46 12.54 22.92 -9.04
CA LEU C 46 13.72 23.16 -9.86
C LEU C 46 13.55 22.75 -11.32
N GLU C 47 12.34 22.38 -11.73
CA GLU C 47 12.08 21.94 -13.09
C GLU C 47 11.13 22.91 -13.78
N LEU C 48 11.57 23.42 -14.93
CA LEU C 48 10.72 24.27 -15.74
C LEU C 48 9.69 23.43 -16.50
N PRO C 49 8.57 24.03 -16.90
CA PRO C 49 7.63 23.31 -17.77
C PRO C 49 8.25 22.86 -19.08
N PHE C 50 9.19 23.63 -19.61
CA PHE C 50 9.88 23.22 -20.83
C PHE C 50 10.66 21.93 -20.62
N ASP C 51 11.36 21.81 -19.50
CA ASP C 51 12.10 20.59 -19.21
C ASP C 51 11.17 19.39 -19.06
N ARG C 52 10.05 19.57 -18.38
CA ARG C 52 9.09 18.48 -18.22
C ARG C 52 8.51 18.07 -19.57
N VAL C 53 8.19 19.04 -20.42
CA VAL C 53 7.66 18.74 -21.74
C VAL C 53 8.69 17.97 -22.56
N VAL C 54 9.95 18.41 -22.52
CA VAL C 54 11.00 17.71 -23.25
C VAL C 54 11.16 16.29 -22.73
N THR C 55 11.16 16.12 -21.41
CA THR C 55 11.34 14.79 -20.83
C THR C 55 10.21 13.86 -21.23
N ILE C 56 8.96 14.34 -21.17
CA ILE C 56 7.83 13.50 -21.54
C ILE C 56 7.67 13.34 -23.05
N GLY C 57 8.37 14.15 -23.84
CA GLY C 57 8.24 14.02 -25.29
C GLY C 57 9.40 13.32 -25.99
N THR C 58 10.53 13.14 -25.31
CA THR C 58 11.68 12.46 -25.92
C THR C 58 12.19 11.26 -25.14
N VAL C 59 11.65 10.97 -23.97
CA VAL C 59 12.13 9.85 -23.17
C VAL C 59 10.98 8.91 -22.83
N LEU C 60 9.77 9.46 -22.77
CA LEU C 60 8.63 8.70 -22.26
C LEU C 60 7.91 7.91 -23.35
N VAL C 61 7.38 8.60 -24.36
CA VAL C 61 6.61 7.91 -25.40
C VAL C 61 7.55 7.04 -26.23
N PRO C 62 8.89 7.31 -26.26
CA PRO C 62 9.83 6.26 -26.61
C PRO C 62 9.51 4.93 -25.97
N ILE C 63 9.49 4.92 -24.63
CA ILE C 63 9.28 3.69 -23.87
C ILE C 63 7.88 3.15 -24.12
N LEU C 64 6.87 4.04 -24.14
CA LEU C 64 5.50 3.59 -24.36
C LEU C 64 5.29 3.03 -25.77
N LEU C 65 6.15 3.36 -26.72
CA LEU C 65 6.07 2.83 -28.07
C LEU C 65 6.91 1.58 -28.27
N VAL C 66 7.64 1.14 -27.25
CA VAL C 66 8.47 -0.05 -27.34
C VAL C 66 7.74 -1.28 -26.80
N THR C 67 7.00 -1.12 -25.70
CA THR C 67 6.27 -2.24 -25.12
C THR C 67 5.24 -2.81 -26.09
N LEU C 68 4.71 -1.98 -26.99
CA LEU C 68 3.78 -2.48 -28.00
C LEU C 68 4.45 -3.51 -28.90
N VAL C 69 5.66 -3.21 -29.35
CA VAL C 69 6.38 -4.15 -30.20
C VAL C 69 6.71 -5.43 -29.44
N PHE C 70 7.11 -5.29 -28.17
CA PHE C 70 7.45 -6.47 -27.38
C PHE C 70 6.24 -7.37 -27.17
N THR C 71 5.07 -6.77 -26.88
CA THR C 71 3.87 -7.58 -26.68
C THR C 71 3.31 -8.12 -27.99
N LYS C 72 3.58 -7.46 -29.11
CA LYS C 72 3.14 -7.98 -30.40
C LYS C 72 4.00 -9.15 -30.85
N ASN C 73 5.32 -9.04 -30.70
CA ASN C 73 6.22 -10.10 -31.18
C ASN C 73 6.13 -11.35 -30.31
N PHE C 74 6.04 -11.18 -28.99
CA PHE C 74 5.99 -12.32 -28.09
C PHE C 74 4.65 -13.06 -28.12
N ALA C 75 3.64 -12.51 -28.79
CA ALA C 75 2.34 -13.15 -28.89
C ALA C 75 2.10 -13.76 -30.28
N GLU C 76 3.16 -14.19 -30.95
CA GLU C 76 3.03 -14.80 -32.27
C GLU C 76 4.26 -15.66 -32.55
N GLU C 77 4.13 -16.51 -33.56
CA GLU C 77 5.24 -17.36 -33.96
C GLU C 77 6.34 -16.53 -34.61
N PRO C 78 7.60 -16.74 -34.27
CA PRO C 78 8.67 -15.87 -34.80
C PRO C 78 8.81 -15.91 -36.31
N ILE C 79 8.55 -17.04 -36.96
CA ILE C 79 8.79 -17.18 -38.39
C ILE C 79 7.92 -18.33 -38.90
N TYR C 80 7.54 -18.25 -40.18
CA TYR C 80 6.76 -19.31 -40.82
C TYR C 80 7.50 -19.82 -42.05
N CYS C 81 7.74 -21.12 -42.11
CA CYS C 81 8.52 -21.70 -43.20
C CYS C 81 7.74 -22.80 -43.89
N TYR C 82 7.99 -22.96 -45.19
CA TYR C 82 7.29 -23.93 -46.03
C TYR C 82 8.13 -25.20 -46.11
N THR C 83 7.92 -26.08 -45.13
CA THR C 83 8.66 -27.33 -45.07
C THR C 83 8.20 -28.28 -46.18
N PRO C 84 9.10 -29.15 -46.66
CA PRO C 84 8.69 -30.15 -47.67
C PRO C 84 7.72 -31.19 -47.13
N HIS C 85 7.30 -32.12 -47.99
CA HIS C 85 6.28 -33.10 -47.60
C HIS C 85 6.86 -34.14 -46.64
N ASN C 86 7.92 -34.83 -47.05
CA ASN C 86 8.48 -35.93 -46.26
C ASN C 86 9.36 -35.40 -45.11
N PHE C 87 8.73 -34.60 -44.26
CA PHE C 87 9.37 -34.05 -43.07
C PHE C 87 8.51 -34.38 -41.86
N THR C 88 9.08 -35.07 -40.88
CA THR C 88 8.35 -35.39 -39.67
C THR C 88 8.14 -34.14 -38.83
N ARG C 89 7.19 -34.23 -37.89
CA ARG C 89 6.81 -33.07 -37.11
C ARG C 89 7.91 -32.55 -36.20
N ASP C 90 8.93 -33.36 -35.92
CA ASP C 90 10.10 -32.90 -35.18
C ASP C 90 11.30 -32.60 -36.07
N GLN C 91 11.32 -33.13 -37.29
CA GLN C 91 12.36 -32.75 -38.26
C GLN C 91 12.10 -31.39 -38.88
N ALA C 92 10.85 -30.93 -38.88
CA ALA C 92 10.52 -29.62 -39.40
C ALA C 92 10.61 -28.52 -38.35
N LEU C 93 10.77 -28.87 -37.08
CA LEU C 93 11.03 -27.89 -36.04
C LEU C 93 12.46 -27.37 -36.09
N TYR C 94 13.42 -28.22 -36.47
CA TYR C 94 14.78 -27.74 -36.69
C TYR C 94 14.83 -26.75 -37.83
N ALA C 95 14.10 -27.02 -38.91
CA ALA C 95 14.07 -26.10 -40.05
C ALA C 95 13.42 -24.77 -39.72
N ARG C 96 12.58 -24.72 -38.69
CA ARG C 96 11.91 -23.49 -38.28
C ARG C 96 12.65 -22.76 -37.16
N GLY C 97 13.48 -23.45 -36.39
CA GLY C 97 14.25 -22.81 -35.34
C GLY C 97 15.70 -22.57 -35.73
N TYR C 98 16.08 -23.05 -36.91
CA TYR C 98 17.45 -22.90 -37.41
C TYR C 98 17.58 -21.74 -38.39
N CYS C 99 16.52 -21.43 -39.13
CA CYS C 99 16.52 -20.29 -40.04
C CYS C 99 16.12 -19.00 -39.34
N TRP C 100 15.78 -19.07 -38.06
CA TRP C 100 15.49 -17.89 -37.25
C TRP C 100 16.70 -17.37 -36.51
N THR C 101 17.62 -18.26 -36.11
CA THR C 101 18.89 -17.85 -35.51
C THR C 101 19.98 -17.62 -36.55
N GLU C 102 19.73 -17.98 -37.81
CA GLU C 102 20.68 -17.73 -38.90
C GLU C 102 20.37 -16.41 -39.61
N LEU C 103 19.16 -16.30 -40.15
CA LEU C 103 18.68 -15.10 -40.84
C LEU C 103 19.64 -14.69 -41.95
N ARG C 104 19.79 -15.59 -42.93
CA ARG C 104 20.71 -15.36 -44.04
C ARG C 104 20.04 -15.83 -45.32
N ASP C 105 19.86 -14.91 -46.26
CA ASP C 105 19.31 -15.25 -47.57
C ASP C 105 20.31 -16.11 -48.34
N ALA C 106 19.78 -16.87 -49.30
CA ALA C 106 20.59 -17.76 -50.13
C ALA C 106 20.27 -17.46 -51.60
N LEU C 107 20.97 -16.49 -52.16
CA LEU C 107 20.81 -16.18 -53.57
C LEU C 107 21.45 -17.27 -54.43
N PRO C 108 20.77 -17.76 -55.47
CA PRO C 108 21.37 -18.81 -56.30
C PRO C 108 22.58 -18.31 -57.06
N GLY C 109 23.52 -19.22 -57.29
CA GLY C 109 24.73 -18.94 -58.06
C GLY C 109 25.90 -18.37 -57.28
N VAL C 110 25.64 -17.39 -56.42
CA VAL C 110 26.70 -16.72 -55.67
C VAL C 110 27.26 -17.65 -54.62
N ASP C 111 28.41 -17.28 -54.05
CA ASP C 111 29.10 -18.11 -53.06
C ASP C 111 28.42 -17.94 -51.70
N ALA C 112 29.05 -18.48 -50.65
CA ALA C 112 28.49 -18.43 -49.31
C ALA C 112 28.93 -17.20 -48.53
N SER C 113 29.69 -16.29 -49.14
CA SER C 113 30.15 -15.08 -48.45
C SER C 113 29.36 -13.84 -48.85
N LEU C 114 28.71 -13.84 -50.01
CA LEU C 114 27.95 -12.68 -50.49
C LEU C 114 26.47 -12.81 -50.21
N TRP C 115 26.10 -13.51 -49.14
CA TRP C 115 24.70 -13.69 -48.78
C TRP C 115 24.25 -12.54 -47.87
N PRO C 116 23.28 -11.73 -48.27
CA PRO C 116 22.82 -10.64 -47.39
C PRO C 116 22.21 -11.18 -46.11
N SER C 117 22.40 -10.43 -45.03
CA SER C 117 21.89 -10.80 -43.71
C SER C 117 20.60 -10.05 -43.39
N LEU C 118 19.93 -10.51 -42.34
CA LEU C 118 18.67 -9.91 -41.91
C LEU C 118 18.62 -9.78 -40.38
N PHE C 119 19.77 -9.57 -39.75
CA PHE C 119 19.82 -9.48 -38.29
C PHE C 119 19.19 -8.20 -37.76
N GLU C 120 19.02 -7.19 -38.61
CA GLU C 120 18.46 -5.91 -38.14
C GLU C 120 17.03 -6.09 -37.62
N HIS C 121 16.20 -6.86 -38.34
CA HIS C 121 14.82 -7.05 -37.91
C HIS C 121 14.75 -7.75 -36.56
N LYS C 122 15.65 -8.70 -36.30
CA LYS C 122 15.70 -9.36 -35.00
C LYS C 122 16.31 -8.47 -33.93
N PHE C 123 17.17 -7.53 -34.30
CA PHE C 123 18.01 -6.81 -33.35
C PHE C 123 17.33 -5.59 -32.73
N LEU C 124 16.24 -5.07 -33.28
CA LEU C 124 15.86 -3.78 -32.71
C LEU C 124 14.49 -3.78 -32.05
N PRO C 125 14.10 -4.88 -31.40
CA PRO C 125 13.37 -4.75 -30.15
C PRO C 125 14.15 -3.96 -29.13
N TYR C 126 15.47 -4.12 -29.12
CA TYR C 126 16.37 -3.62 -28.08
C TYR C 126 17.07 -2.33 -28.48
N ALA C 127 17.37 -2.15 -29.77
CA ALA C 127 17.98 -0.91 -30.22
C ALA C 127 17.08 0.29 -30.00
N LEU C 128 15.76 0.07 -29.91
CA LEU C 128 14.84 1.11 -29.50
C LEU C 128 14.82 1.28 -27.98
N LEU C 129 15.36 0.31 -27.23
CA LEU C 129 15.47 0.41 -25.78
C LEU C 129 16.79 0.99 -25.31
N ALA C 130 17.83 0.93 -26.15
CA ALA C 130 19.11 1.53 -25.82
C ALA C 130 19.17 3.01 -26.17
N PHE C 131 18.17 3.52 -26.88
CA PHE C 131 18.09 4.95 -27.19
C PHE C 131 17.18 5.72 -26.24
N ALA C 132 16.33 5.02 -25.49
CA ALA C 132 15.49 5.65 -24.48
C ALA C 132 16.19 5.77 -23.13
N ALA C 133 17.34 5.12 -22.96
CA ALA C 133 18.14 5.26 -21.75
C ALA C 133 19.37 6.13 -21.96
N ILE C 134 19.83 6.28 -23.20
CA ILE C 134 20.92 7.22 -23.48
C ILE C 134 20.47 8.65 -23.19
N MET C 135 19.18 8.93 -23.36
CA MET C 135 18.66 10.28 -23.16
C MET C 135 18.45 10.56 -21.67
N TYR C 136 19.46 10.28 -20.86
CA TYR C 136 19.44 10.57 -19.43
C TYR C 136 20.66 11.32 -18.93
N VAL C 137 21.79 11.27 -19.64
CA VAL C 137 22.96 12.05 -19.23
C VAL C 137 22.65 13.54 -19.18
N PRO C 138 22.01 14.15 -20.19
CA PRO C 138 21.55 15.55 -20.00
C PRO C 138 20.53 15.69 -18.88
N ALA C 139 19.70 14.67 -18.66
CA ALA C 139 18.71 14.74 -17.59
C ALA C 139 19.34 14.52 -16.22
N LEU C 140 20.38 13.70 -16.13
CA LEU C 140 21.07 13.45 -14.87
C LEU C 140 22.23 14.41 -14.62
N GLY C 141 22.49 15.33 -15.55
CA GLY C 141 23.48 16.37 -15.33
C GLY C 141 22.98 17.55 -14.55
N TRP C 142 21.73 17.52 -14.09
CA TRP C 142 21.13 18.57 -13.29
C TRP C 142 20.79 18.13 -11.88
N GLU C 143 20.22 16.93 -11.73
CA GLU C 143 19.84 16.44 -10.41
C GLU C 143 21.03 16.00 -9.57
N PHE C 144 22.19 15.78 -10.20
CA PHE C 144 23.38 15.33 -9.49
C PHE C 144 24.53 16.34 -9.50
N LEU C 145 24.49 17.33 -10.39
CA LEU C 145 25.58 18.29 -10.52
C LEU C 145 25.25 19.66 -9.96
N ALA C 146 24.04 20.17 -10.18
CA ALA C 146 23.66 21.50 -9.73
C ALA C 146 22.28 21.48 -9.08
N SER C 147 22.00 20.43 -8.31
CA SER C 147 20.75 20.31 -7.59
C SER C 147 20.86 20.77 -6.14
N THR C 148 22.03 21.27 -5.73
CA THR C 148 22.25 21.78 -4.38
C THR C 148 22.58 23.25 -4.33
N ARG C 149 23.48 23.72 -5.21
CA ARG C 149 23.87 25.12 -5.20
C ARG C 149 22.71 26.03 -5.59
N LEU C 150 21.97 25.67 -6.64
CA LEU C 150 20.88 26.51 -7.13
C LEU C 150 19.79 26.67 -6.08
N THR C 151 19.29 25.56 -5.53
CA THR C 151 18.26 25.65 -4.51
C THR C 151 18.80 26.22 -3.20
N SER C 152 20.10 26.08 -2.91
CA SER C 152 20.71 26.79 -1.80
C SER C 152 20.65 28.30 -1.96
N GLU C 153 20.93 28.79 -3.17
CA GLU C 153 20.88 30.22 -3.45
C GLU C 153 19.45 30.72 -3.64
N LEU C 154 18.49 29.82 -3.87
CA LEU C 154 17.10 30.20 -4.06
C LEU C 154 16.28 30.17 -2.78
N ASN C 155 16.57 29.25 -1.85
CA ASN C 155 15.88 29.26 -0.57
C ASN C 155 16.21 30.51 0.23
N PHE C 156 17.43 31.04 0.06
CA PHE C 156 17.76 32.33 0.68
C PHE C 156 16.86 33.43 0.15
N LEU C 157 16.66 33.48 -1.17
CA LEU C 157 15.78 34.48 -1.75
C LEU C 157 14.35 34.29 -1.27
N LEU C 158 13.95 33.04 -1.08
CA LEU C 158 12.60 32.73 -0.61
C LEU C 158 12.38 33.24 0.81
N GLN C 159 13.29 32.90 1.72
CA GLN C 159 13.04 33.15 3.14
C GLN C 159 13.48 34.55 3.57
N GLU C 160 14.59 35.05 3.03
CA GLU C 160 15.22 36.26 3.54
C GLU C 160 14.77 37.51 2.78
N ILE C 161 14.83 37.49 1.46
CA ILE C 161 14.46 38.66 0.66
C ILE C 161 12.96 38.56 0.44
N ASP C 162 12.21 39.01 1.44
CA ASP C 162 10.76 39.11 1.34
C ASP C 162 10.22 40.38 1.97
N ASN C 163 11.07 41.17 2.63
CA ASN C 163 10.63 42.37 3.34
C ASN C 163 10.29 43.52 2.39
N CYS C 164 10.61 43.39 1.11
CA CYS C 164 10.32 44.45 0.15
C CYS C 164 8.84 44.46 -0.17
N TYR C 165 8.19 45.59 0.12
CA TYR C 165 6.86 45.96 -0.34
C TYR C 165 5.74 45.19 0.35
N HIS C 166 6.06 44.28 1.26
CA HIS C 166 5.05 43.72 2.17
C HIS C 166 5.19 44.24 3.58
N ARG C 167 6.41 44.58 4.00
CA ARG C 167 6.68 45.29 5.25
C ARG C 167 6.80 46.78 5.04
N ALA C 168 6.56 47.27 3.81
CA ALA C 168 6.71 48.67 3.49
C ALA C 168 5.68 49.56 4.17
N ALA C 169 4.63 48.98 4.77
CA ALA C 169 3.65 49.79 5.49
C ALA C 169 4.31 50.55 6.64
N GLU C 170 5.27 49.93 7.32
CA GLU C 170 6.05 50.59 8.34
C GLU C 170 7.50 50.85 7.91
N GLY C 171 7.91 50.34 6.76
CA GLY C 171 9.28 50.51 6.30
C GLY C 171 9.51 51.74 5.47
N ARG C 172 8.61 52.01 4.52
CA ARG C 172 8.75 53.16 3.63
C ARG C 172 7.48 53.97 3.42
N ALA C 173 6.31 53.46 3.81
CA ALA C 173 5.08 54.22 3.65
C ALA C 173 5.08 55.53 4.43
N PRO C 174 5.45 55.57 5.72
CA PRO C 174 5.45 56.86 6.43
C PRO C 174 6.71 57.67 6.19
N LYS C 175 7.49 57.31 5.17
CA LYS C 175 8.76 57.96 4.89
C LYS C 175 8.76 58.79 3.62
N ILE C 176 8.38 58.21 2.49
CA ILE C 176 8.52 58.90 1.21
C ILE C 176 7.34 59.84 0.97
N GLU C 177 6.12 59.30 0.93
CA GLU C 177 4.96 60.09 0.57
C GLU C 177 4.29 60.76 1.76
N LYS C 178 4.74 60.47 2.99
CA LYS C 178 4.17 61.13 4.16
C LYS C 178 4.49 62.62 4.18
N GLN C 179 5.67 63.01 3.71
CA GLN C 179 6.05 64.42 3.65
C GLN C 179 5.65 65.09 2.34
N ILE C 180 5.31 64.32 1.31
CA ILE C 180 4.92 64.92 0.04
C ILE C 180 3.57 65.60 0.16
N GLN C 181 2.64 65.00 0.89
CA GLN C 181 1.32 65.60 1.06
C GLN C 181 1.40 66.91 1.83
N SER C 182 2.24 66.97 2.87
CA SER C 182 2.34 68.14 3.73
C SER C 182 3.52 68.99 3.27
N LYS C 183 3.29 69.75 2.20
CA LYS C 183 4.28 70.70 1.69
C LYS C 183 3.56 71.77 0.90
N GLY C 184 4.24 72.90 0.73
CA GLY C 184 3.69 74.02 -0.01
C GLY C 184 2.62 74.77 0.74
N THR C 188 5.30 69.95 -7.24
CA THR C 188 5.24 69.98 -8.70
C THR C 188 5.64 68.64 -9.30
N GLU C 189 6.64 68.66 -10.18
CA GLU C 189 7.11 67.43 -10.82
C GLU C 189 8.63 67.36 -10.91
N ARG C 190 9.37 68.28 -10.29
CA ARG C 190 10.82 68.31 -10.35
C ARG C 190 11.44 68.12 -8.97
N GLU C 191 10.73 67.45 -8.06
CA GLU C 191 11.23 67.23 -6.71
C GLU C 191 11.05 65.80 -6.21
N LYS C 192 10.23 64.98 -6.88
CA LYS C 192 10.00 63.62 -6.41
C LYS C 192 11.28 62.79 -6.44
N ARG C 193 12.08 62.95 -7.50
CA ARG C 193 13.31 62.19 -7.63
C ARG C 193 14.30 62.51 -6.52
N GLU C 194 14.36 63.77 -6.11
CA GLU C 194 15.30 64.17 -5.06
C GLU C 194 14.99 63.46 -3.75
N ILE C 195 13.71 63.38 -3.38
CA ILE C 195 13.33 62.69 -2.16
C ILE C 195 13.50 61.18 -2.31
N ILE C 196 13.10 60.63 -3.46
CA ILE C 196 13.14 59.18 -3.65
C ILE C 196 14.56 58.66 -3.78
N GLU C 197 15.53 59.53 -4.09
CA GLU C 197 16.91 59.08 -4.24
C GLU C 197 17.47 58.55 -2.92
N ASN C 198 17.17 59.22 -1.81
CA ASN C 198 17.72 58.84 -0.52
C ASN C 198 16.88 57.75 0.15
N ALA C 199 16.60 56.69 -0.59
CA ALA C 199 15.92 55.51 -0.07
C ALA C 199 16.76 54.25 -0.19
N GLU C 200 17.26 53.95 -1.39
CA GLU C 200 18.12 52.81 -1.62
C GLU C 200 19.59 53.19 -1.71
N LYS C 201 19.89 54.38 -2.24
CA LYS C 201 21.28 54.83 -2.31
C LYS C 201 21.88 54.98 -0.92
N GLU C 202 21.09 55.46 0.04
CA GLU C 202 21.56 55.56 1.42
C GLU C 202 21.86 54.18 1.98
N LYS C 203 22.91 54.10 2.80
CA LYS C 203 23.34 52.83 3.40
C LYS C 203 22.39 52.45 4.53
N SER C 204 21.20 52.01 4.13
CA SER C 204 20.20 51.59 5.08
C SER C 204 20.58 50.24 5.69
N PRO C 205 20.02 49.89 6.85
CA PRO C 205 20.26 48.55 7.40
C PRO C 205 19.83 47.43 6.47
N GLU C 206 18.75 47.64 5.71
CA GLU C 206 18.31 46.65 4.72
C GLU C 206 18.87 46.99 3.34
N GLN C 207 20.20 47.07 3.29
CA GLN C 207 20.90 47.36 2.04
C GLN C 207 22.06 46.43 1.76
N ASN C 208 22.64 45.77 2.77
CA ASN C 208 23.72 44.82 2.53
C ASN C 208 23.26 43.59 1.76
N LEU C 209 21.95 43.33 1.72
CA LEU C 209 21.40 42.20 0.98
C LEU C 209 20.93 42.57 -0.42
N PHE C 210 21.10 43.83 -0.84
CA PHE C 210 20.67 44.28 -2.14
C PHE C 210 21.78 45.05 -2.83
N GLU C 211 21.88 44.86 -4.16
CA GLU C 211 22.85 45.52 -5.03
C GLU C 211 24.25 44.97 -4.80
N LYS C 212 24.41 44.10 -3.80
CA LYS C 212 25.64 43.35 -3.66
C LYS C 212 25.54 42.01 -4.39
N TYR C 213 24.37 41.37 -4.32
CA TYR C 213 24.11 40.20 -5.15
C TYR C 213 24.20 40.54 -6.63
N LEU C 214 23.66 41.71 -7.02
CA LEU C 214 23.76 42.14 -8.41
C LEU C 214 25.21 42.35 -8.83
N GLU C 215 26.02 42.94 -7.94
CA GLU C 215 27.42 43.18 -8.25
C GLU C 215 28.21 41.88 -8.33
N ARG C 216 27.89 40.90 -7.48
CA ARG C 216 28.65 39.65 -7.49
C ARG C 216 28.24 38.75 -8.65
N ARG C 217 26.95 38.54 -8.84
CA ARG C 217 26.45 37.64 -9.88
C ARG C 217 26.27 38.34 -11.21
N GLY C 218 26.62 39.62 -11.31
CA GLY C 218 26.55 40.33 -12.57
C GLY C 218 27.67 40.06 -13.53
N ARG C 219 28.66 39.28 -13.12
CA ARG C 219 29.76 38.89 -13.99
C ARG C 219 30.13 37.42 -13.93
N SER C 220 29.63 36.68 -12.93
CA SER C 220 29.96 35.26 -12.78
C SER C 220 28.93 34.45 -13.57
N ASN C 221 29.24 34.23 -14.85
CA ASN C 221 28.37 33.49 -15.75
C ASN C 221 28.70 31.99 -15.67
N PHE C 222 28.33 31.40 -14.54
CA PHE C 222 28.55 29.97 -14.29
C PHE C 222 27.31 29.14 -14.57
N LEU C 223 26.15 29.56 -14.07
CA LEU C 223 24.92 28.80 -14.28
C LEU C 223 24.56 28.73 -15.76
N ALA C 224 24.74 29.85 -16.48
CA ALA C 224 24.48 29.86 -17.91
C ALA C 224 25.47 28.99 -18.68
N LYS C 225 26.59 28.64 -18.06
CA LYS C 225 27.55 27.73 -18.66
C LYS C 225 27.21 26.26 -18.42
N LEU C 226 26.15 25.98 -17.66
CA LEU C 226 25.73 24.62 -17.36
C LEU C 226 24.32 24.31 -17.84
N TYR C 227 23.38 25.25 -17.68
CA TYR C 227 22.03 25.04 -18.21
C TYR C 227 22.06 24.95 -19.73
N LEU C 228 22.91 25.77 -20.37
CA LEU C 228 23.11 25.65 -21.81
C LEU C 228 23.68 24.28 -22.18
N ALA C 229 24.62 23.77 -21.39
CA ALA C 229 25.16 22.44 -21.62
C ALA C 229 24.13 21.35 -21.35
N ARG C 230 23.08 21.63 -20.58
CA ARG C 230 22.02 20.67 -20.35
C ARG C 230 21.10 20.49 -21.56
N HIS C 231 21.02 21.49 -22.44
CA HIS C 231 20.16 21.43 -23.62
C HIS C 231 20.94 21.25 -24.91
N VAL C 232 22.09 21.89 -25.06
CA VAL C 232 22.91 21.72 -26.25
C VAL C 232 23.51 20.32 -26.34
N LEU C 233 23.55 19.58 -25.22
CA LEU C 233 24.00 18.20 -25.23
C LEU C 233 22.89 17.24 -25.66
N ILE C 234 21.66 17.50 -25.22
CA ILE C 234 20.53 16.68 -25.66
C ILE C 234 20.22 16.93 -27.14
N LEU C 235 20.64 18.08 -27.69
CA LEU C 235 20.51 18.31 -29.12
C LEU C 235 21.55 17.54 -29.93
N LEU C 236 22.67 17.18 -29.32
CA LEU C 236 23.70 16.39 -29.97
C LEU C 236 23.59 14.90 -29.68
N LEU C 237 23.03 14.53 -28.53
CA LEU C 237 22.78 13.13 -28.25
C LEU C 237 21.68 12.58 -29.14
N SER C 238 20.73 13.44 -29.53
CA SER C 238 19.66 13.02 -30.44
C SER C 238 20.14 13.08 -31.88
N ALA C 239 21.27 12.45 -32.17
CA ALA C 239 21.80 12.38 -33.53
C ALA C 239 21.86 10.96 -34.06
N VAL C 240 22.61 10.08 -33.41
CA VAL C 240 22.69 8.69 -33.86
C VAL C 240 21.37 7.97 -33.58
N PRO C 241 20.58 8.35 -32.56
CA PRO C 241 19.16 7.99 -32.58
C PRO C 241 18.51 8.16 -33.93
N ILE C 242 18.67 9.32 -34.55
CA ILE C 242 18.04 9.61 -35.83
C ILE C 242 18.84 9.01 -37.00
N SER C 243 20.17 9.06 -36.93
CA SER C 243 21.00 8.57 -38.03
C SER C 243 20.99 7.04 -38.14
N TYR C 244 20.60 6.34 -37.08
CA TYR C 244 20.57 4.88 -37.15
C TYR C 244 19.30 4.38 -37.84
N LEU C 245 18.15 4.68 -37.28
CA LEU C 245 16.88 4.24 -37.85
C LEU C 245 16.37 5.21 -38.92
N CYS C 246 17.27 5.58 -39.83
CA CYS C 246 16.93 6.36 -41.00
C CYS C 246 17.39 5.60 -42.24
N THR C 247 18.56 4.97 -42.15
CA THR C 247 18.99 4.01 -43.15
C THR C 247 18.28 2.67 -43.01
N TYR C 248 17.82 2.33 -41.80
CA TYR C 248 17.01 1.13 -41.62
C TYR C 248 15.67 1.26 -42.33
N TYR C 249 15.08 2.45 -42.32
CA TYR C 249 13.82 2.69 -43.03
C TYR C 249 13.98 2.68 -44.54
N ALA C 250 15.21 2.78 -45.04
CA ALA C 250 15.45 2.90 -46.47
C ALA C 250 16.14 1.70 -47.10
N THR C 251 16.79 0.85 -46.31
CA THR C 251 17.53 -0.28 -46.86
C THR C 251 17.03 -1.64 -46.40
N GLN C 252 16.16 -1.71 -45.39
CA GLN C 252 15.62 -2.97 -44.89
C GLN C 252 14.12 -2.99 -45.16
N LYS C 253 13.74 -3.62 -46.27
CA LYS C 253 12.35 -3.67 -46.70
C LYS C 253 11.81 -5.08 -46.78
N GLN C 254 12.56 -6.00 -47.38
CA GLN C 254 12.04 -7.34 -47.65
C GLN C 254 11.86 -8.13 -46.35
N ASN C 255 10.92 -9.07 -46.39
CA ASN C 255 10.66 -9.95 -45.26
C ASN C 255 10.42 -11.39 -45.72
N GLU C 256 11.04 -11.78 -46.82
CA GLU C 256 10.87 -13.13 -47.37
C GLU C 256 12.22 -13.58 -47.94
N PHE C 257 12.81 -14.60 -47.33
CA PHE C 257 14.11 -15.10 -47.74
C PHE C 257 14.06 -16.62 -47.85
N THR C 258 14.91 -17.17 -48.72
CA THR C 258 15.00 -18.61 -48.96
C THR C 258 16.15 -19.17 -48.13
N CYS C 259 15.83 -19.67 -46.94
CA CYS C 259 16.83 -20.28 -46.08
C CYS C 259 17.27 -21.63 -46.63
N ALA C 260 18.50 -22.02 -46.30
CA ALA C 260 19.08 -23.27 -46.80
C ALA C 260 19.70 -24.03 -45.65
N LEU C 261 19.28 -25.29 -45.49
CA LEU C 261 19.86 -26.19 -44.51
C LEU C 261 20.95 -27.03 -45.18
N GLY C 262 21.43 -28.06 -44.49
CA GLY C 262 22.45 -28.93 -45.06
C GLY C 262 22.79 -30.05 -44.11
N ALA C 263 23.66 -30.94 -44.61
CA ALA C 263 24.18 -32.07 -43.83
C ALA C 263 23.05 -32.97 -43.33
N SER C 264 22.31 -33.53 -44.29
CA SER C 264 21.25 -34.47 -43.94
C SER C 264 21.85 -35.76 -43.40
N PRO C 265 21.22 -36.39 -42.41
CA PRO C 265 21.76 -37.63 -41.83
C PRO C 265 21.33 -38.84 -42.65
N ASP C 266 22.31 -39.57 -43.17
CA ASP C 266 22.03 -40.76 -43.97
C ASP C 266 22.48 -42.03 -43.26
N PRO C 273 21.62 -34.54 -49.12
CA PRO C 273 21.52 -33.38 -50.01
C PRO C 273 20.94 -32.15 -49.29
N ALA C 274 21.38 -30.96 -49.69
CA ALA C 274 20.90 -29.74 -49.08
C ALA C 274 19.46 -29.46 -49.51
N VAL C 275 18.66 -28.96 -48.58
CA VAL C 275 17.26 -28.63 -48.82
C VAL C 275 17.06 -27.15 -48.51
N ARG C 276 16.30 -26.48 -49.37
CA ARG C 276 16.03 -25.05 -49.25
C ARG C 276 14.55 -24.84 -48.98
N VAL C 277 14.24 -23.96 -48.03
CA VAL C 277 12.86 -23.66 -47.66
C VAL C 277 12.68 -22.14 -47.65
N SER C 278 11.60 -21.68 -48.26
CA SER C 278 11.27 -20.26 -48.28
C SER C 278 10.47 -19.90 -47.03
N CYS C 279 10.97 -18.94 -46.27
CA CYS C 279 10.38 -18.55 -44.99
C CYS C 279 9.76 -17.17 -45.09
N LYS C 280 9.11 -16.76 -44.00
CA LYS C 280 8.35 -15.52 -43.95
C LYS C 280 8.41 -14.96 -42.53
N LEU C 281 8.63 -13.64 -42.45
CA LEU C 281 8.78 -12.92 -41.19
C LEU C 281 7.50 -12.16 -40.88
N PRO C 282 6.79 -12.48 -39.80
CA PRO C 282 5.52 -11.80 -39.50
C PRO C 282 5.67 -10.32 -39.18
N SER C 283 6.50 -10.00 -38.20
CA SER C 283 6.55 -8.65 -37.63
C SER C 283 7.66 -7.84 -38.28
N VAL C 284 7.41 -7.44 -39.53
CA VAL C 284 8.30 -6.52 -40.23
C VAL C 284 7.50 -5.30 -40.65
N GLN C 285 6.21 -5.49 -40.91
CA GLN C 285 5.34 -4.40 -41.35
C GLN C 285 4.96 -3.45 -40.23
N LEU C 286 5.04 -3.90 -38.97
CA LEU C 286 4.77 -3.05 -37.82
C LEU C 286 6.03 -2.45 -37.23
N GLN C 287 7.16 -3.13 -37.36
CA GLN C 287 8.41 -2.61 -36.81
C GLN C 287 8.78 -1.27 -37.46
N ARG C 288 8.67 -1.18 -38.78
CA ARG C 288 8.91 0.08 -39.47
C ARG C 288 7.62 0.89 -39.64
N ILE C 289 6.88 1.01 -38.54
CA ILE C 289 5.79 1.96 -38.42
C ILE C 289 6.08 2.76 -37.16
N ILE C 290 6.79 2.13 -36.22
CA ILE C 290 7.35 2.81 -35.07
C ILE C 290 8.84 3.06 -35.26
N ALA C 291 9.28 3.12 -36.52
CA ALA C 291 10.68 3.28 -36.92
C ALA C 291 10.78 4.38 -37.97
N GLY C 292 10.22 5.54 -37.65
CA GLY C 292 9.96 6.59 -38.61
C GLY C 292 8.75 7.41 -38.20
N VAL C 293 8.04 6.95 -37.18
CA VAL C 293 7.25 7.86 -36.36
C VAL C 293 8.15 8.50 -35.31
N ASP C 294 9.06 7.72 -34.74
CA ASP C 294 10.10 8.28 -33.87
C ASP C 294 11.01 9.24 -34.61
N ILE C 295 11.16 9.07 -35.92
CA ILE C 295 11.98 10.00 -36.71
C ILE C 295 11.44 11.41 -36.59
N VAL C 296 10.14 11.59 -36.83
CA VAL C 296 9.55 12.92 -36.77
C VAL C 296 9.27 13.32 -35.33
N LEU C 297 9.14 12.33 -34.43
CA LEU C 297 8.94 12.66 -33.02
C LEU C 297 10.21 13.17 -32.36
N LEU C 298 11.38 12.78 -32.85
CA LEU C 298 12.64 13.26 -32.31
C LEU C 298 13.25 14.38 -33.13
N CYS C 299 12.92 14.48 -34.42
CA CYS C 299 13.38 15.59 -35.24
C CYS C 299 12.57 16.86 -35.03
N VAL C 300 11.39 16.76 -34.43
CA VAL C 300 10.60 17.95 -34.08
C VAL C 300 10.97 18.48 -32.71
N MET C 301 11.60 17.68 -31.85
CA MET C 301 12.10 18.15 -30.57
C MET C 301 13.46 18.83 -30.69
N ASN C 302 14.10 18.75 -31.84
CA ASN C 302 15.36 19.45 -32.11
C ASN C 302 15.14 20.84 -32.69
N LEU C 303 13.88 21.26 -32.85
CA LEU C 303 13.53 22.58 -33.35
C LEU C 303 12.98 23.50 -32.28
N ILE C 304 12.11 22.99 -31.41
CA ILE C 304 11.60 23.81 -30.32
C ILE C 304 12.71 24.15 -29.34
N ILE C 305 13.62 23.20 -29.07
CA ILE C 305 14.77 23.48 -28.22
C ILE C 305 15.66 24.55 -28.86
N LEU C 306 15.88 24.43 -30.17
CA LEU C 306 16.72 25.40 -30.87
C LEU C 306 16.12 26.80 -30.81
N VAL C 307 14.82 26.93 -31.07
CA VAL C 307 14.20 28.25 -31.07
C VAL C 307 14.16 28.82 -29.66
N ASN C 308 13.90 27.97 -28.66
CA ASN C 308 13.94 28.42 -27.27
C ASN C 308 15.32 28.97 -26.91
N LEU C 309 16.37 28.21 -27.24
CA LEU C 309 17.72 28.62 -26.89
C LEU C 309 18.15 29.87 -27.65
N ILE C 310 17.76 30.00 -28.91
CA ILE C 310 18.17 31.19 -29.66
C ILE C 310 17.42 32.43 -29.18
N HIS C 311 16.12 32.31 -28.90
CA HIS C 311 15.37 33.49 -28.49
C HIS C 311 15.67 33.90 -27.06
N LEU C 312 16.09 32.96 -26.20
CA LEU C 312 16.49 33.35 -24.85
C LEU C 312 17.81 34.11 -24.86
N PHE C 313 18.75 33.71 -25.71
CA PHE C 313 20.10 34.26 -25.68
C PHE C 313 20.32 35.41 -26.65
N ILE C 314 19.44 35.63 -27.61
CA ILE C 314 19.65 36.68 -28.61
C ILE C 314 18.47 37.63 -28.76
N PHE C 315 17.26 37.28 -28.35
CA PHE C 315 16.11 38.15 -28.58
C PHE C 315 15.47 38.66 -27.30
N ARG C 316 15.14 37.77 -26.36
CA ARG C 316 14.41 38.19 -25.16
C ARG C 316 15.34 38.95 -24.22
N LYS C 317 14.89 40.13 -23.78
CA LYS C 317 15.64 40.96 -22.84
C LYS C 317 14.73 41.47 -21.73
N SER C 318 13.86 40.61 -21.22
CA SER C 318 12.95 40.94 -20.12
C SER C 318 13.09 39.88 -19.05
N ASN C 319 13.84 40.20 -18.00
CA ASN C 319 14.14 39.22 -16.96
C ASN C 319 12.93 38.96 -16.06
N PHE C 320 12.21 40.02 -15.69
CA PHE C 320 11.11 40.00 -14.72
C PHE C 320 11.67 39.84 -13.30
N ILE C 321 12.98 39.60 -13.19
CA ILE C 321 13.62 39.55 -11.89
C ILE C 321 14.18 40.92 -11.48
N PHE C 322 14.41 41.81 -12.44
CA PHE C 322 14.78 43.19 -12.13
C PHE C 322 14.05 44.18 -13.04
N ASP C 323 13.18 43.70 -13.92
CA ASP C 323 12.37 44.57 -14.77
C ASP C 323 11.04 44.91 -14.13
N LYS C 324 10.38 43.92 -13.52
CA LYS C 324 9.14 44.19 -12.78
C LYS C 324 9.39 45.09 -11.59
N LEU C 325 10.51 44.88 -10.89
CA LEU C 325 10.87 45.65 -9.71
C LEU C 325 11.78 46.83 -10.03
N HIS C 326 11.66 47.38 -11.25
CA HIS C 326 12.47 48.53 -11.65
C HIS C 326 11.73 49.85 -11.56
N LYS C 327 10.39 49.85 -11.64
CA LYS C 327 9.59 51.07 -11.55
C LYS C 327 9.16 51.36 -10.12
N VAL C 328 9.22 50.38 -9.24
CA VAL C 328 8.61 50.50 -7.91
C VAL C 328 9.64 50.95 -6.88
N GLY C 329 10.80 51.43 -7.33
CA GLY C 329 11.74 52.04 -6.42
C GLY C 329 13.20 51.64 -6.56
N ILE C 330 13.47 50.37 -6.83
CA ILE C 330 14.83 49.89 -7.01
C ILE C 330 15.14 49.96 -8.50
N LYS C 331 15.88 50.99 -8.90
CA LYS C 331 16.28 51.18 -10.28
C LYS C 331 17.71 50.67 -10.46
N THR C 332 17.91 49.85 -11.49
CA THR C 332 19.20 49.22 -11.76
C THR C 332 19.96 50.02 -12.81
N ARG C 333 21.22 50.33 -12.51
CA ARG C 333 22.06 51.01 -13.48
C ARG C 333 22.34 50.11 -14.67
N ARG C 334 22.64 50.73 -15.82
CA ARG C 334 22.83 49.98 -17.05
C ARG C 334 24.17 49.25 -17.05
N GLN C 335 24.31 48.27 -16.15
CA GLN C 335 25.46 47.38 -16.11
C GLN C 335 25.12 45.97 -16.54
N TRP C 336 23.85 45.69 -16.85
CA TRP C 336 23.41 44.38 -17.30
C TRP C 336 23.19 44.30 -18.81
N ARG C 337 22.92 45.43 -19.46
CA ARG C 337 22.62 45.41 -20.89
C ARG C 337 23.80 44.97 -21.74
N ARG C 338 25.01 44.95 -21.18
CA ARG C 338 26.19 44.56 -21.95
C ARG C 338 26.23 43.06 -22.21
N SER C 339 25.58 42.24 -21.39
CA SER C 339 25.62 40.80 -21.57
C SER C 339 24.38 40.17 -20.96
N GLN C 340 23.80 39.20 -21.66
CA GLN C 340 22.63 38.48 -21.20
C GLN C 340 22.97 37.06 -20.72
N PHE C 341 24.24 36.82 -20.41
CA PHE C 341 24.72 35.50 -20.01
C PHE C 341 24.80 35.35 -18.50
N CYS C 342 24.23 36.28 -17.73
CA CYS C 342 24.30 36.23 -16.28
C CYS C 342 23.43 35.11 -15.73
N ASP C 343 23.76 34.66 -14.52
CA ASP C 343 22.95 33.65 -13.83
C ASP C 343 21.63 34.22 -13.35
N ILE C 344 21.52 35.54 -13.22
CA ILE C 344 20.27 36.15 -12.77
C ILE C 344 19.16 35.91 -13.79
N ASN C 345 19.50 35.83 -15.08
CA ASN C 345 18.50 35.51 -16.09
C ASN C 345 17.92 34.12 -15.87
N ILE C 346 18.78 33.16 -15.51
CA ILE C 346 18.29 31.81 -15.24
C ILE C 346 17.48 31.78 -13.95
N LEU C 347 17.94 32.49 -12.92
CA LEU C 347 17.18 32.56 -11.67
C LEU C 347 15.82 33.21 -11.88
N ALA C 348 15.70 34.06 -12.90
CA ALA C 348 14.43 34.71 -13.19
C ALA C 348 13.35 33.70 -13.55
N MET C 349 13.70 32.68 -14.34
CA MET C 349 12.72 31.65 -14.70
C MET C 349 12.27 30.88 -13.47
N PHE C 350 13.20 30.52 -12.59
CA PHE C 350 12.84 29.80 -11.37
C PHE C 350 11.96 30.65 -10.46
N CYS C 351 12.26 31.96 -10.38
CA CYS C 351 11.42 32.85 -9.59
C CYS C 351 10.02 32.97 -10.21
N ASN C 352 9.94 33.00 -11.53
CA ASN C 352 8.65 33.10 -12.20
C ASN C 352 7.79 31.86 -11.92
N GLU C 353 8.40 30.68 -11.93
CA GLU C 353 7.66 29.45 -11.66
C GLU C 353 7.15 29.36 -10.24
N ASN C 354 7.64 30.19 -9.33
CA ASN C 354 7.22 30.22 -7.93
C ASN C 354 6.66 31.61 -7.63
N ARG C 355 5.36 31.78 -7.86
CA ARG C 355 4.67 33.03 -7.59
C ARG C 355 3.42 32.82 -6.74
N ASP C 356 3.08 31.57 -6.41
CA ASP C 356 1.78 31.28 -5.82
C ASP C 356 1.85 30.99 -4.33
N HIS C 357 2.69 30.03 -3.92
CA HIS C 357 2.78 29.66 -2.52
C HIS C 357 3.42 30.74 -1.67
N ILE C 358 4.02 31.75 -2.27
CA ILE C 358 4.56 32.89 -1.55
C ILE C 358 3.44 33.94 -1.54
N LYS C 359 2.82 34.13 -0.37
CA LYS C 359 1.68 35.03 -0.27
C LYS C 359 2.11 36.50 -0.40
N SER C 360 3.29 36.84 0.10
CA SER C 360 3.75 38.23 0.03
C SER C 360 3.92 38.67 -1.42
N LEU C 361 4.50 37.80 -2.26
CA LEU C 361 4.66 38.15 -3.66
C LEU C 361 3.31 38.24 -4.38
N ASN C 362 2.33 37.45 -3.94
CA ASN C 362 0.98 37.56 -4.51
C ASN C 362 0.34 38.88 -4.13
N ARG C 363 0.50 39.30 -2.87
CA ARG C 363 0.07 40.64 -2.46
C ARG C 363 0.74 41.71 -3.31
N LEU C 364 2.04 41.57 -3.54
CA LEU C 364 2.76 42.52 -4.39
C LEU C 364 2.18 42.55 -5.80
N ASP C 365 1.93 41.37 -6.38
CA ASP C 365 1.39 41.30 -7.73
C ASP C 365 0.04 41.99 -7.83
N PHE C 366 -0.83 41.82 -6.84
CA PHE C 366 -2.10 42.52 -6.89
C PHE C 366 -1.95 44.02 -6.63
N ILE C 367 -0.97 44.40 -5.81
CA ILE C 367 -0.86 45.78 -5.34
C ILE C 367 0.14 46.62 -6.14
N THR C 368 0.88 46.02 -7.07
CA THR C 368 1.89 46.76 -7.83
C THR C 368 1.51 46.94 -9.30
N ASN C 369 1.14 45.86 -9.99
CA ASN C 369 1.01 45.89 -11.44
C ASN C 369 -0.36 46.36 -11.92
N GLU C 370 -1.31 46.62 -11.02
CA GLU C 370 -2.62 47.09 -11.45
C GLU C 370 -2.62 48.54 -11.90
N SER C 371 -1.61 49.33 -11.50
CA SER C 371 -1.52 50.73 -11.88
C SER C 371 -0.24 51.04 -12.63
N ASP C 372 0.35 50.05 -13.29
CA ASP C 372 1.57 50.26 -14.05
C ASP C 372 1.32 51.19 -15.22
N LEU C 373 2.29 52.07 -15.49
CA LEU C 373 2.19 53.04 -16.57
C LEU C 373 3.56 53.38 -17.14
N ASN C 377 -0.81 60.54 -7.98
CA ASN C 377 -1.89 59.78 -8.60
C ASN C 377 -2.16 58.49 -7.83
N VAL C 378 -1.38 57.45 -8.10
CA VAL C 378 -1.54 56.18 -7.40
C VAL C 378 -1.17 56.32 -5.93
N VAL C 379 -0.13 57.11 -5.64
CA VAL C 379 0.32 57.27 -4.26
C VAL C 379 -0.63 58.12 -3.42
N ARG C 380 -1.62 58.77 -4.05
CA ARG C 380 -2.53 59.62 -3.30
C ARG C 380 -3.37 58.82 -2.31
N GLN C 381 -3.86 57.66 -2.72
CA GLN C 381 -4.68 56.84 -1.84
C GLN C 381 -3.87 55.83 -1.02
N LEU C 382 -2.63 55.54 -1.42
CA LEU C 382 -1.81 54.62 -0.65
C LEU C 382 -1.50 55.18 0.73
N LEU C 383 -1.21 56.48 0.82
CA LEU C 383 -0.96 57.10 2.13
C LEU C 383 -2.22 57.08 2.99
N ALA C 384 -3.39 57.33 2.40
CA ALA C 384 -4.64 57.34 3.15
C ALA C 384 -5.11 55.94 3.53
N ALA C 385 -4.61 54.89 2.86
CA ALA C 385 -5.01 53.52 3.16
C ALA C 385 -4.16 52.89 4.24
N LEU C 386 -2.87 53.23 4.32
CA LEU C 386 -1.95 52.64 5.28
C LEU C 386 -1.55 53.59 6.40
N ALA C 387 -2.33 54.64 6.64
CA ALA C 387 -2.04 55.59 7.71
C ALA C 387 -2.60 55.07 9.03
N GLN C 388 -1.96 54.02 9.55
CA GLN C 388 -2.37 53.41 10.79
C GLN C 388 -1.43 53.80 11.93
N LEU D 41 12.90 15.15 10.97
CA LEU D 41 13.54 15.57 9.73
C LEU D 41 15.04 15.25 9.74
N LEU D 42 15.59 15.00 8.56
CA LEU D 42 17.00 14.67 8.41
C LEU D 42 17.59 15.52 7.29
N GLN D 43 18.81 16.02 7.52
CA GLN D 43 19.49 16.85 6.56
C GLN D 43 20.90 16.39 6.20
N LEU D 44 21.49 15.50 7.00
CA LEU D 44 22.85 15.03 6.77
C LEU D 44 22.80 13.68 6.06
N LYS D 45 23.43 13.61 4.88
CA LYS D 45 23.53 12.38 4.11
C LYS D 45 24.99 11.94 4.05
N LEU D 46 25.19 10.62 4.16
CA LEU D 46 26.53 10.04 4.25
C LEU D 46 27.04 9.51 2.92
N GLU D 47 26.32 9.76 1.83
CA GLU D 47 26.70 9.25 0.51
C GLU D 47 27.03 10.42 -0.41
N LEU D 48 28.22 10.39 -0.98
CA LEU D 48 28.61 11.39 -1.97
C LEU D 48 27.96 11.08 -3.31
N PRO D 49 27.81 12.08 -4.18
CA PRO D 49 27.33 11.80 -5.54
C PRO D 49 28.23 10.85 -6.30
N PHE D 50 29.54 10.89 -6.06
CA PHE D 50 30.45 9.95 -6.70
C PHE D 50 30.12 8.51 -6.31
N ASP D 51 29.86 8.27 -5.02
CA ASP D 51 29.52 6.93 -4.58
C ASP D 51 28.20 6.46 -5.20
N ARG D 52 27.20 7.34 -5.27
CA ARG D 52 25.94 6.97 -5.88
C ARG D 52 26.11 6.65 -7.36
N VAL D 53 26.91 7.47 -8.07
CA VAL D 53 27.16 7.22 -9.49
C VAL D 53 27.85 5.87 -9.68
N VAL D 54 28.85 5.59 -8.84
CA VAL D 54 29.56 4.32 -8.94
C VAL D 54 28.60 3.16 -8.68
N THR D 55 27.77 3.27 -7.63
CA THR D 55 26.85 2.20 -7.29
C THR D 55 25.86 1.94 -8.41
N ILE D 56 25.29 3.00 -9.00
CA ILE D 56 24.32 2.82 -10.08
C ILE D 56 24.96 2.47 -11.41
N GLY D 57 26.28 2.62 -11.55
CA GLY D 57 26.92 2.30 -12.81
C GLY D 57 27.72 1.02 -12.83
N THR D 58 27.98 0.41 -11.67
CA THR D 58 28.72 -0.84 -11.62
C THR D 58 27.99 -1.96 -10.91
N VAL D 59 26.81 -1.72 -10.34
CA VAL D 59 26.07 -2.75 -9.63
C VAL D 59 24.67 -2.88 -10.21
N LEU D 60 24.16 -1.79 -10.77
CA LEU D 60 22.76 -1.71 -11.16
C LEU D 60 22.53 -2.18 -12.60
N VAL D 61 23.15 -1.52 -13.58
CA VAL D 61 22.93 -1.88 -14.98
C VAL D 61 23.53 -3.26 -15.24
N PRO D 62 24.52 -3.75 -14.43
CA PRO D 62 24.73 -5.18 -14.36
C PRO D 62 23.44 -5.98 -14.29
N ILE D 63 22.66 -5.70 -13.24
CA ILE D 63 21.45 -6.45 -12.97
C ILE D 63 20.43 -6.25 -14.08
N LEU D 64 20.24 -5.00 -14.51
CA LEU D 64 19.27 -4.73 -15.56
C LEU D 64 19.67 -5.34 -16.91
N LEU D 65 20.93 -5.69 -17.10
CA LEU D 65 21.40 -6.34 -18.32
C LEU D 65 21.39 -7.85 -18.20
N VAL D 66 21.01 -8.41 -17.05
CA VAL D 66 20.94 -9.85 -16.86
C VAL D 66 19.53 -10.37 -17.08
N THR D 67 18.52 -9.65 -16.60
CA THR D 67 17.13 -10.09 -16.76
C THR D 67 16.74 -10.19 -18.23
N LEU D 68 17.38 -9.40 -19.10
CA LEU D 68 17.11 -9.51 -20.53
C LEU D 68 17.50 -10.89 -21.04
N VAL D 69 18.68 -11.39 -20.65
CA VAL D 69 19.11 -12.71 -21.08
C VAL D 69 18.19 -13.79 -20.51
N PHE D 70 17.79 -13.64 -19.24
CA PHE D 70 16.92 -14.64 -18.63
C PHE D 70 15.56 -14.70 -19.31
N THR D 71 14.99 -13.54 -19.66
CA THR D 71 13.71 -13.53 -20.33
C THR D 71 13.81 -13.93 -21.79
N LYS D 72 14.98 -13.76 -22.42
CA LYS D 72 15.17 -14.21 -23.79
C LYS D 72 15.34 -15.73 -23.87
N ASN D 73 16.13 -16.29 -22.95
CA ASN D 73 16.40 -17.74 -23.00
C ASN D 73 15.18 -18.55 -22.60
N PHE D 74 14.46 -18.11 -21.57
CA PHE D 74 13.31 -18.86 -21.07
C PHE D 74 12.10 -18.77 -22.01
N ALA D 75 12.15 -17.92 -23.03
CA ALA D 75 11.05 -17.77 -23.98
C ALA D 75 11.37 -18.43 -25.33
N GLU D 76 12.19 -19.48 -25.32
CA GLU D 76 12.55 -20.17 -26.56
C GLU D 76 13.01 -21.58 -26.22
N GLU D 77 13.07 -22.41 -27.26
CA GLU D 77 13.52 -23.79 -27.08
C GLU D 77 15.02 -23.80 -26.82
N PRO D 78 15.50 -24.57 -25.85
CA PRO D 78 16.94 -24.51 -25.49
C PRO D 78 17.88 -24.92 -26.61
N ILE D 79 17.48 -25.85 -27.48
CA ILE D 79 18.38 -26.38 -28.51
C ILE D 79 17.54 -26.96 -29.62
N TYR D 80 18.07 -26.95 -30.84
CA TYR D 80 17.41 -27.54 -31.99
C TYR D 80 18.30 -28.60 -32.63
N CYS D 81 17.77 -29.80 -32.81
CA CYS D 81 18.57 -30.90 -33.33
C CYS D 81 17.89 -31.54 -34.53
N TYR D 82 18.71 -32.06 -35.44
CA TYR D 82 18.24 -32.66 -36.69
C TYR D 82 18.12 -34.17 -36.49
N THR D 83 16.96 -34.58 -35.99
CA THR D 83 16.73 -36.00 -35.73
C THR D 83 16.56 -36.76 -37.04
N PRO D 84 16.93 -38.05 -37.07
CA PRO D 84 16.72 -38.85 -38.29
C PRO D 84 15.26 -39.09 -38.60
N HIS D 85 15.00 -39.81 -39.69
CA HIS D 85 13.62 -40.03 -40.15
C HIS D 85 12.88 -41.00 -39.24
N ASN D 86 13.42 -42.20 -39.06
CA ASN D 86 12.73 -43.25 -38.32
C ASN D 86 12.89 -43.05 -36.81
N PHE D 87 12.44 -41.89 -36.35
CA PHE D 87 12.44 -41.54 -34.93
C PHE D 87 11.04 -41.13 -34.53
N THR D 88 10.48 -41.82 -33.54
CA THR D 88 9.15 -41.46 -33.05
C THR D 88 9.20 -40.15 -32.28
N ARG D 89 8.03 -39.54 -32.09
CA ARG D 89 7.96 -38.22 -31.48
C ARG D 89 8.41 -38.20 -30.03
N ASP D 90 8.44 -39.36 -29.35
CA ASP D 90 8.99 -39.44 -28.01
C ASP D 90 10.41 -39.98 -27.98
N GLN D 91 10.84 -40.70 -29.01
CA GLN D 91 12.23 -41.13 -29.11
C GLN D 91 13.16 -39.99 -29.53
N ALA D 92 12.63 -38.95 -30.17
CA ALA D 92 13.42 -37.80 -30.56
C ALA D 92 13.48 -36.73 -29.48
N LEU D 93 12.66 -36.85 -28.43
CA LEU D 93 12.76 -35.95 -27.29
C LEU D 93 13.96 -36.28 -26.42
N TYR D 94 14.32 -37.56 -26.31
CA TYR D 94 15.54 -37.92 -25.60
C TYR D 94 16.77 -37.35 -26.30
N ALA D 95 16.78 -37.39 -27.63
CA ALA D 95 17.91 -36.85 -28.38
C ALA D 95 18.03 -35.34 -28.26
N ARG D 96 16.93 -34.66 -27.93
CA ARG D 96 16.92 -33.21 -27.76
C ARG D 96 17.13 -32.77 -26.32
N GLY D 97 16.85 -33.63 -25.35
CA GLY D 97 17.07 -33.30 -23.95
C GLY D 97 18.32 -33.93 -23.38
N TYR D 98 18.98 -34.76 -24.19
CA TYR D 98 20.20 -35.44 -23.76
C TYR D 98 21.45 -34.75 -24.24
N CYS D 99 21.39 -34.09 -25.41
CA CYS D 99 22.50 -33.32 -25.94
C CYS D 99 22.54 -31.91 -25.38
N TRP D 100 21.55 -31.52 -24.58
CA TRP D 100 21.55 -30.23 -23.89
C TRP D 100 22.14 -30.29 -22.50
N THR D 101 22.01 -31.44 -21.81
CA THR D 101 22.66 -31.63 -20.53
C THR D 101 24.06 -32.24 -20.66
N GLU D 102 24.44 -32.66 -21.87
CA GLU D 102 25.79 -33.16 -22.13
C GLU D 102 26.70 -32.06 -22.64
N LEU D 103 26.33 -31.44 -23.76
CA LEU D 103 27.07 -30.33 -24.36
C LEU D 103 28.52 -30.71 -24.61
N ARG D 104 28.71 -31.72 -25.46
CA ARG D 104 30.03 -32.24 -25.79
C ARG D 104 30.10 -32.51 -27.28
N ASP D 105 31.03 -31.85 -27.96
CA ASP D 105 31.24 -32.09 -29.38
C ASP D 105 31.84 -33.48 -29.58
N ALA D 106 31.66 -34.02 -30.78
CA ALA D 106 32.16 -35.35 -31.15
C ALA D 106 32.97 -35.22 -32.44
N LEU D 107 34.25 -34.89 -32.31
CA LEU D 107 35.12 -34.82 -33.47
C LEU D 107 35.43 -36.23 -33.97
N PRO D 108 35.35 -36.48 -35.28
CA PRO D 108 35.65 -37.83 -35.78
C PRO D 108 37.11 -38.19 -35.58
N GLY D 109 37.35 -39.49 -35.38
CA GLY D 109 38.68 -40.04 -35.25
C GLY D 109 39.27 -40.03 -33.85
N VAL D 110 39.12 -38.92 -33.14
CA VAL D 110 39.71 -38.77 -31.80
C VAL D 110 38.96 -39.64 -30.80
N ASP D 111 39.55 -39.82 -29.62
CA ASP D 111 38.97 -40.68 -28.59
C ASP D 111 37.86 -39.92 -27.86
N ALA D 112 37.37 -40.49 -26.76
CA ALA D 112 36.27 -39.90 -26.01
C ALA D 112 36.75 -38.94 -24.91
N SER D 113 38.06 -38.72 -24.80
CA SER D 113 38.59 -37.82 -23.78
C SER D 113 38.98 -36.45 -24.32
N LEU D 114 39.24 -36.34 -25.62
CA LEU D 114 39.66 -35.07 -26.24
C LEU D 114 38.50 -34.35 -26.91
N TRP D 115 37.28 -34.53 -26.39
CA TRP D 115 36.12 -33.86 -26.95
C TRP D 115 35.92 -32.51 -26.28
N PRO D 116 35.98 -31.40 -27.02
CA PRO D 116 35.76 -30.08 -26.40
C PRO D 116 34.36 -29.96 -25.83
N SER D 117 34.25 -29.22 -24.72
CA SER D 117 32.99 -29.00 -24.04
C SER D 117 32.40 -27.63 -24.38
N LEU D 118 31.14 -27.45 -24.02
CA LEU D 118 30.42 -26.20 -24.28
C LEU D 118 29.60 -25.77 -23.08
N PHE D 119 30.07 -26.06 -21.87
CA PHE D 119 29.32 -25.74 -20.67
C PHE D 119 29.29 -24.24 -20.38
N GLU D 120 30.20 -23.46 -20.97
CA GLU D 120 30.26 -22.03 -20.69
C GLU D 120 28.99 -21.32 -21.14
N HIS D 121 28.47 -21.68 -22.32
CA HIS D 121 27.26 -21.04 -22.82
C HIS D 121 26.07 -21.31 -21.92
N LYS D 122 25.97 -22.52 -21.36
CA LYS D 122 24.90 -22.85 -20.42
C LYS D 122 25.13 -22.23 -19.05
N PHE D 123 26.38 -21.99 -18.67
CA PHE D 123 26.72 -21.65 -17.30
C PHE D 123 26.59 -20.16 -16.97
N LEU D 124 26.47 -19.28 -17.95
CA LEU D 124 26.62 -17.89 -17.53
C LEU D 124 25.39 -17.04 -17.79
N PRO D 125 24.18 -17.61 -17.68
CA PRO D 125 23.09 -16.88 -17.07
C PRO D 125 23.41 -16.44 -15.66
N TYR D 126 24.16 -17.25 -14.92
CA TYR D 126 24.39 -17.09 -13.49
C TYR D 126 25.74 -16.48 -13.18
N ALA D 127 26.74 -16.74 -14.00
CA ALA D 127 28.05 -16.13 -13.81
C ALA D 127 28.00 -14.62 -13.93
N LEU D 128 27.02 -14.09 -14.66
CA LEU D 128 26.76 -12.65 -14.67
C LEU D 128 25.98 -12.20 -13.44
N LEU D 129 25.37 -13.14 -12.70
CA LEU D 129 24.66 -12.83 -11.47
C LEU D 129 25.53 -12.97 -10.23
N ALA D 130 26.61 -13.72 -10.31
CA ALA D 130 27.54 -13.84 -9.19
C ALA D 130 28.57 -12.72 -9.17
N PHE D 131 28.62 -11.90 -10.22
CA PHE D 131 29.52 -10.75 -10.26
C PHE D 131 28.82 -9.44 -9.89
N ALA D 132 27.48 -9.42 -9.94
CA ALA D 132 26.72 -8.26 -9.51
C ALA D 132 26.43 -8.26 -8.01
N ALA D 133 26.70 -9.37 -7.32
CA ALA D 133 26.59 -9.43 -5.88
C ALA D 133 27.94 -9.39 -5.17
N ILE D 134 29.02 -9.73 -5.87
CA ILE D 134 30.36 -9.57 -5.30
C ILE D 134 30.67 -8.10 -5.07
N MET D 135 30.10 -7.22 -5.89
CA MET D 135 30.36 -5.79 -5.76
C MET D 135 29.52 -5.18 -4.66
N TYR D 136 29.55 -5.79 -3.47
CA TYR D 136 28.87 -5.26 -2.30
C TYR D 136 29.75 -5.18 -1.06
N VAL D 137 30.84 -5.96 -0.99
CA VAL D 137 31.75 -5.84 0.16
C VAL D 137 32.32 -4.43 0.28
N PRO D 138 32.83 -3.79 -0.78
CA PRO D 138 33.17 -2.36 -0.65
C PRO D 138 31.97 -1.49 -0.33
N ALA D 139 30.78 -1.85 -0.82
CA ALA D 139 29.59 -1.07 -0.52
C ALA D 139 29.07 -1.31 0.88
N LEU D 140 29.24 -2.51 1.42
CA LEU D 140 28.81 -2.83 2.77
C LEU D 140 29.89 -2.60 3.81
N GLY D 141 31.08 -2.16 3.40
CA GLY D 141 32.12 -1.78 4.32
C GLY D 141 31.99 -0.39 4.88
N TRP D 142 30.94 0.33 4.51
CA TRP D 142 30.67 1.68 5.00
C TRP D 142 29.41 1.77 5.84
N GLU D 143 28.33 1.10 5.42
CA GLU D 143 27.07 1.16 6.16
C GLU D 143 27.11 0.32 7.44
N PHE D 144 28.08 -0.59 7.57
CA PHE D 144 28.17 -1.44 8.74
C PHE D 144 29.42 -1.21 9.58
N LEU D 145 30.44 -0.56 9.03
CA LEU D 145 31.71 -0.35 9.73
C LEU D 145 31.91 1.07 10.22
N ALA D 146 31.56 2.08 9.42
CA ALA D 146 31.77 3.47 9.81
C ALA D 146 30.53 4.30 9.51
N SER D 147 29.36 3.73 9.78
CA SER D 147 28.10 4.45 9.61
C SER D 147 27.58 5.04 10.91
N THR D 148 28.33 4.93 12.00
CA THR D 148 27.95 5.50 13.30
C THR D 148 28.93 6.55 13.79
N ARG D 149 30.23 6.30 13.70
CA ARG D 149 31.22 7.26 14.19
C ARG D 149 31.21 8.54 13.37
N LEU D 150 31.17 8.41 12.05
CA LEU D 150 31.22 9.59 11.18
C LEU D 150 30.02 10.50 11.40
N THR D 151 28.80 9.95 11.33
CA THR D 151 27.62 10.76 11.58
C THR D 151 27.52 11.21 13.03
N SER D 152 28.08 10.48 13.98
CA SER D 152 28.19 10.97 15.35
C SER D 152 29.06 12.21 15.45
N GLU D 153 30.19 12.23 14.76
CA GLU D 153 31.07 13.39 14.77
C GLU D 153 30.57 14.52 13.88
N LEU D 154 29.65 14.24 12.97
CA LEU D 154 29.09 15.25 12.09
C LEU D 154 27.83 15.91 12.62
N ASN D 155 26.98 15.16 13.33
CA ASN D 155 25.79 15.78 13.93
C ASN D 155 26.18 16.77 15.02
N PHE D 156 27.31 16.53 15.70
CA PHE D 156 27.84 17.53 16.61
C PHE D 156 28.17 18.81 15.88
N LEU D 157 28.82 18.70 14.72
CA LEU D 157 29.16 19.89 13.94
C LEU D 157 27.89 20.58 13.47
N LEU D 158 26.85 19.80 13.18
CA LEU D 158 25.59 20.37 12.73
C LEU D 158 24.92 21.18 13.84
N GLN D 159 24.81 20.60 15.04
CA GLN D 159 23.99 21.23 16.09
C GLN D 159 24.79 22.22 16.93
N GLU D 160 26.02 21.86 17.31
CA GLU D 160 26.83 22.67 18.21
C GLU D 160 27.51 23.83 17.48
N ILE D 161 28.31 23.54 16.47
CA ILE D 161 29.14 24.57 15.82
C ILE D 161 28.25 25.22 14.76
N ASP D 162 27.45 26.18 15.20
CA ASP D 162 26.67 27.01 14.30
C ASP D 162 26.66 28.47 14.72
N ASN D 163 27.24 28.81 15.87
CA ASN D 163 27.22 30.17 16.40
C ASN D 163 28.16 31.11 15.66
N CYS D 164 29.02 30.58 14.80
CA CYS D 164 29.96 31.41 14.06
C CYS D 164 29.23 32.14 12.95
N TYR D 165 29.26 33.48 13.01
CA TYR D 165 28.89 34.39 11.94
C TYR D 165 27.39 34.48 11.71
N HIS D 166 26.57 33.72 12.43
CA HIS D 166 25.13 33.97 12.47
C HIS D 166 24.69 34.61 13.77
N ARG D 167 25.40 34.32 14.87
CA ARG D 167 25.22 35.03 16.13
C ARG D 167 26.22 36.16 16.32
N ALA D 168 27.02 36.45 15.29
CA ALA D 168 28.06 37.48 15.39
C ALA D 168 27.49 38.88 15.49
N ALA D 169 26.19 39.06 15.26
CA ALA D 169 25.59 40.38 15.40
C ALA D 169 25.74 40.89 16.84
N GLU D 170 25.61 40.01 17.81
CA GLU D 170 25.87 40.33 19.21
C GLU D 170 27.14 39.70 19.75
N GLY D 171 27.80 38.84 18.98
CA GLY D 171 28.99 38.16 19.44
C GLY D 171 30.28 38.90 19.14
N ARG D 172 30.41 39.43 17.92
CA ARG D 172 31.61 40.14 17.52
C ARG D 172 31.36 41.43 16.77
N ALA D 173 30.14 41.69 16.29
CA ALA D 173 29.87 42.93 15.57
C ALA D 173 30.13 44.18 16.43
N PRO D 174 29.65 44.27 17.68
CA PRO D 174 29.93 45.49 18.47
C PRO D 174 31.29 45.44 19.15
N LYS D 175 32.17 44.54 18.72
CA LYS D 175 33.47 44.35 19.35
C LYS D 175 34.64 44.79 18.49
N ILE D 176 34.74 44.29 17.26
CA ILE D 176 35.93 44.56 16.45
C ILE D 176 35.82 45.91 15.75
N GLU D 177 34.81 46.07 14.89
CA GLU D 177 34.70 47.28 14.07
C GLU D 177 33.95 48.41 14.76
N LYS D 178 33.38 48.17 15.95
CA LYS D 178 32.70 49.24 16.67
C LYS D 178 33.68 50.31 17.13
N GLN D 179 34.88 49.91 17.52
CA GLN D 179 35.90 50.87 17.95
C GLN D 179 36.76 51.38 16.81
N ILE D 180 36.74 50.73 15.65
CA ILE D 180 37.54 51.17 14.51
C ILE D 180 37.00 52.48 13.95
N GLN D 181 35.66 52.61 13.88
CA GLN D 181 35.08 53.84 13.36
C GLN D 181 35.37 55.03 14.25
N SER D 182 35.33 54.83 15.57
CA SER D 182 35.53 55.93 16.53
C SER D 182 36.99 55.92 16.99
N LYS D 183 37.85 56.47 16.14
CA LYS D 183 39.26 56.62 16.50
C LYS D 183 39.84 57.74 15.64
N GLY D 184 40.96 58.28 16.10
CA GLY D 184 41.65 59.35 15.39
C GLY D 184 40.93 60.69 15.50
N THR D 188 44.62 53.71 9.85
CA THR D 188 45.44 53.50 8.65
C THR D 188 45.32 52.05 8.17
N GLU D 189 46.46 51.37 8.06
CA GLU D 189 46.47 49.98 7.60
C GLU D 189 47.43 49.10 8.39
N ARG D 190 48.02 49.61 9.48
CA ARG D 190 48.98 48.86 10.27
C ARG D 190 48.48 48.64 11.70
N GLU D 191 47.16 48.64 11.89
CA GLU D 191 46.58 48.45 13.21
C GLU D 191 45.42 47.46 13.25
N LYS D 192 44.85 47.09 12.10
CA LYS D 192 43.71 46.17 12.10
C LYS D 192 44.10 44.80 12.67
N ARG D 193 45.29 44.31 12.31
CA ARG D 193 45.72 43.00 12.77
C ARG D 193 45.86 42.97 14.30
N GLU D 194 46.36 44.06 14.89
CA GLU D 194 46.54 44.10 16.34
C GLU D 194 45.22 43.93 17.07
N ILE D 195 44.17 44.62 16.61
CA ILE D 195 42.86 44.49 17.24
C ILE D 195 42.25 43.12 16.94
N ILE D 196 42.37 42.65 15.70
CA ILE D 196 41.73 41.39 15.32
C ILE D 196 42.42 40.19 15.93
N GLU D 197 43.66 40.34 16.41
CA GLU D 197 44.36 39.21 17.01
C GLU D 197 43.68 38.74 18.29
N ASN D 198 43.22 39.67 19.11
CA ASN D 198 42.61 39.32 20.40
C ASN D 198 41.13 38.98 20.26
N ALA D 199 40.81 38.11 19.30
CA ALA D 199 39.46 37.60 19.11
C ALA D 199 39.39 36.09 19.28
N GLU D 200 40.23 35.34 18.55
CA GLU D 200 40.30 33.89 18.67
C GLU D 200 41.46 33.42 19.52
N LYS D 201 42.59 34.13 19.48
CA LYS D 201 43.74 33.77 20.32
C LYS D 201 43.38 33.85 21.80
N GLU D 202 42.59 34.86 22.19
CA GLU D 202 42.14 34.97 23.57
C GLU D 202 41.28 33.78 23.95
N LYS D 203 41.43 33.31 25.19
CA LYS D 203 40.68 32.15 25.68
C LYS D 203 39.24 32.55 25.97
N SER D 204 38.49 32.74 24.88
CA SER D 204 37.08 33.10 24.97
C SER D 204 36.26 31.90 25.45
N PRO D 205 35.06 32.14 25.99
CA PRO D 205 34.19 31.01 26.33
C PRO D 205 33.86 30.13 25.13
N GLU D 206 33.73 30.71 23.94
CA GLU D 206 33.49 29.94 22.72
C GLU D 206 34.83 29.65 22.01
N GLN D 207 35.72 29.01 22.74
CA GLN D 207 37.03 28.63 22.21
C GLN D 207 37.42 27.20 22.50
N ASN D 208 36.85 26.55 23.50
CA ASN D 208 37.16 25.15 23.78
C ASN D 208 36.66 24.22 22.68
N LEU D 209 35.73 24.69 21.85
CA LEU D 209 35.20 23.90 20.74
C LEU D 209 35.91 24.17 19.42
N PHE D 210 36.93 25.04 19.42
CA PHE D 210 37.64 25.40 18.20
C PHE D 210 39.14 25.31 18.43
N GLU D 211 39.87 24.85 17.40
CA GLU D 211 41.32 24.72 17.39
C GLU D 211 41.77 23.57 18.28
N LYS D 212 40.84 22.95 19.01
CA LYS D 212 41.13 21.71 19.70
C LYS D 212 40.77 20.51 18.82
N TYR D 213 39.67 20.62 18.07
CA TYR D 213 39.36 19.62 17.06
C TYR D 213 40.44 19.56 16.00
N LEU D 214 40.96 20.72 15.58
CA LEU D 214 42.04 20.76 14.61
C LEU D 214 43.29 20.10 15.16
N GLU D 215 43.59 20.33 16.44
CA GLU D 215 44.77 19.73 17.05
C GLU D 215 44.62 18.23 17.23
N ARG D 216 43.41 17.74 17.53
CA ARG D 216 43.22 16.31 17.73
C ARG D 216 43.16 15.55 16.41
N ARG D 217 42.34 16.01 15.47
CA ARG D 217 42.15 15.34 14.20
C ARG D 217 43.17 15.73 13.15
N GLY D 218 44.12 16.60 13.50
CA GLY D 218 45.16 16.99 12.58
C GLY D 218 46.28 15.98 12.43
N ARG D 219 46.25 14.90 13.18
CA ARG D 219 47.25 13.84 13.07
C ARG D 219 46.65 12.43 13.06
N SER D 220 45.37 12.27 13.44
CA SER D 220 44.74 10.96 13.49
C SER D 220 44.13 10.67 12.13
N ASN D 221 44.94 10.08 11.25
CA ASN D 221 44.52 9.74 9.89
C ASN D 221 43.89 8.35 9.88
N PHE D 222 42.69 8.27 10.47
CA PHE D 222 41.93 7.03 10.53
C PHE D 222 40.87 6.92 9.45
N LEU D 223 40.08 7.98 9.25
CA LEU D 223 39.04 7.96 8.23
C LEU D 223 39.64 7.82 6.83
N ALA D 224 40.74 8.51 6.56
CA ALA D 224 41.41 8.36 5.28
C ALA D 224 42.01 6.97 5.09
N LYS D 225 42.17 6.20 6.17
CA LYS D 225 42.63 4.83 6.08
C LYS D 225 41.50 3.85 5.81
N LEU D 226 40.25 4.32 5.75
CA LEU D 226 39.09 3.47 5.50
C LEU D 226 38.33 3.87 4.24
N TYR D 227 38.15 5.17 4.00
CA TYR D 227 37.50 5.60 2.76
C TYR D 227 38.34 5.23 1.55
N LEU D 228 39.67 5.32 1.68
CA LEU D 228 40.56 4.84 0.63
C LEU D 228 40.39 3.33 0.42
N ALA D 229 40.27 2.57 1.51
CA ALA D 229 40.02 1.14 1.41
C ALA D 229 38.65 0.82 0.83
N ARG D 230 37.71 1.77 0.87
CA ARG D 230 36.41 1.57 0.26
C ARG D 230 36.44 1.65 -1.26
N HIS D 231 37.39 2.38 -1.84
CA HIS D 231 37.50 2.54 -3.28
C HIS D 231 38.63 1.72 -3.88
N VAL D 232 39.77 1.63 -3.22
CA VAL D 232 40.88 0.82 -3.72
C VAL D 232 40.55 -0.67 -3.70
N LEU D 233 39.54 -1.08 -2.92
CA LEU D 233 39.10 -2.47 -2.91
C LEU D 233 38.16 -2.77 -4.06
N ILE D 234 37.25 -1.82 -4.39
CA ILE D 234 36.38 -2.00 -5.54
C ILE D 234 37.17 -1.93 -6.84
N LEU D 235 38.35 -1.30 -6.84
CA LEU D 235 39.21 -1.31 -8.01
C LEU D 235 39.92 -2.64 -8.19
N LEU D 236 40.08 -3.41 -7.11
CA LEU D 236 40.69 -4.73 -7.18
C LEU D 236 39.66 -5.85 -7.28
N LEU D 237 38.47 -5.66 -6.74
CA LEU D 237 37.41 -6.65 -6.91
C LEU D 237 36.95 -6.69 -8.36
N SER D 238 37.02 -5.57 -9.06
CA SER D 238 36.65 -5.53 -10.47
C SER D 238 37.81 -6.01 -11.34
N ALA D 239 38.37 -7.17 -11.01
CA ALA D 239 39.45 -7.75 -11.79
C ALA D 239 39.08 -9.06 -12.44
N VAL D 240 38.66 -10.05 -11.67
CA VAL D 240 38.24 -11.33 -12.25
C VAL D 240 36.87 -11.20 -12.91
N PRO D 241 35.99 -10.27 -12.51
CA PRO D 241 34.88 -9.90 -13.41
C PRO D 241 35.33 -9.66 -14.83
N ILE D 242 36.41 -8.90 -15.02
CA ILE D 242 36.89 -8.56 -16.34
C ILE D 242 37.75 -9.68 -16.93
N SER D 243 38.58 -10.32 -16.09
CA SER D 243 39.46 -11.38 -16.58
C SER D 243 38.72 -12.66 -16.91
N TYR D 244 37.50 -12.84 -16.43
CA TYR D 244 36.74 -14.05 -16.75
C TYR D 244 36.09 -13.95 -18.12
N LEU D 245 35.20 -12.97 -18.28
CA LEU D 245 34.50 -12.79 -19.57
C LEU D 245 35.32 -11.93 -20.53
N CYS D 246 36.60 -12.28 -20.66
CA CYS D 246 37.47 -11.68 -21.66
C CYS D 246 38.06 -12.80 -22.52
N THR D 247 38.40 -13.91 -21.87
CA THR D 247 38.73 -15.13 -22.60
C THR D 247 37.49 -15.83 -23.13
N TYR D 248 36.33 -15.63 -22.49
CA TYR D 248 35.09 -16.15 -23.03
C TYR D 248 34.73 -15.49 -24.35
N TYR D 249 34.99 -14.19 -24.47
CA TYR D 249 34.72 -13.47 -25.71
C TYR D 249 35.67 -13.87 -26.84
N ALA D 250 36.80 -14.51 -26.52
CA ALA D 250 37.81 -14.83 -27.51
C ALA D 250 37.98 -16.30 -27.81
N THR D 251 37.48 -17.19 -26.95
CA THR D 251 37.65 -18.63 -27.15
C THR D 251 36.35 -19.40 -27.33
N GLN D 252 35.20 -18.80 -27.04
CA GLN D 252 33.90 -19.46 -27.17
C GLN D 252 33.13 -18.74 -28.27
N LYS D 253 33.20 -19.28 -29.49
CA LYS D 253 32.55 -18.68 -30.65
C LYS D 253 31.51 -19.58 -31.28
N GLN D 254 31.84 -20.86 -31.49
CA GLN D 254 30.96 -21.75 -32.24
C GLN D 254 29.68 -22.05 -31.45
N ASN D 255 28.62 -22.34 -32.20
CA ASN D 255 27.33 -22.70 -31.62
C ASN D 255 26.68 -23.86 -32.38
N GLU D 256 27.50 -24.74 -32.96
CA GLU D 256 26.98 -25.87 -33.73
C GLU D 256 27.91 -27.05 -33.49
N PHE D 257 27.39 -28.10 -32.84
CA PHE D 257 28.17 -29.27 -32.51
C PHE D 257 27.39 -30.53 -32.90
N THR D 258 28.14 -31.60 -33.18
CA THR D 258 27.56 -32.87 -33.59
C THR D 258 27.51 -33.79 -32.37
N CYS D 259 26.37 -33.81 -31.71
CA CYS D 259 26.18 -34.67 -30.54
C CYS D 259 26.04 -36.13 -30.97
N ALA D 260 26.41 -37.03 -30.07
CA ALA D 260 26.41 -38.46 -30.35
C ALA D 260 25.73 -39.20 -29.21
N LEU D 261 24.71 -39.98 -29.54
CA LEU D 261 24.04 -40.85 -28.58
C LEU D 261 24.66 -42.25 -28.65
N GLY D 262 24.01 -43.21 -28.00
CA GLY D 262 24.51 -44.58 -28.01
C GLY D 262 23.57 -45.51 -27.27
N ALA D 263 23.91 -46.79 -27.31
CA ALA D 263 23.19 -47.85 -26.60
C ALA D 263 21.72 -47.90 -27.02
N SER D 264 21.51 -48.16 -28.31
CA SER D 264 20.15 -48.32 -28.82
C SER D 264 19.54 -49.60 -28.27
N PRO D 265 18.24 -49.59 -27.96
CA PRO D 265 17.58 -50.79 -27.43
C PRO D 265 17.15 -51.72 -28.53
N ASP D 266 17.66 -52.95 -28.51
CA ASP D 266 17.32 -53.94 -29.52
C ASP D 266 16.50 -55.07 -28.93
N PRO D 273 23.31 -49.59 -32.75
CA PRO D 273 24.38 -48.74 -33.30
C PRO D 273 24.26 -47.28 -32.84
N ALA D 274 25.40 -46.61 -32.69
CA ALA D 274 25.39 -45.23 -32.26
C ALA D 274 24.91 -44.32 -33.38
N VAL D 275 24.14 -43.30 -33.01
CA VAL D 275 23.58 -42.34 -33.96
C VAL D 275 24.06 -40.95 -33.58
N ARG D 276 24.45 -40.16 -34.58
CA ARG D 276 24.96 -38.82 -34.38
C ARG D 276 24.00 -37.81 -34.99
N VAL D 277 23.71 -36.74 -34.25
CA VAL D 277 22.80 -35.70 -34.69
C VAL D 277 23.49 -34.35 -34.53
N SER D 278 23.41 -33.51 -35.56
CA SER D 278 23.96 -32.16 -35.52
C SER D 278 22.93 -31.21 -34.92
N CYS D 279 23.33 -30.50 -33.87
CA CYS D 279 22.43 -29.62 -33.14
C CYS D 279 22.83 -28.16 -33.33
N LYS D 280 22.06 -27.28 -32.71
CA LYS D 280 22.20 -25.84 -32.87
C LYS D 280 21.71 -25.13 -31.62
N LEU D 281 22.50 -24.13 -31.19
CA LEU D 281 22.25 -23.38 -29.97
C LEU D 281 21.68 -22.01 -30.33
N PRO D 282 20.43 -21.70 -29.96
CA PRO D 282 19.83 -20.42 -30.34
C PRO D 282 20.52 -19.20 -29.75
N SER D 283 20.66 -19.17 -28.42
CA SER D 283 21.07 -17.95 -27.71
C SER D 283 22.58 -18.00 -27.43
N VAL D 284 23.35 -17.78 -28.50
CA VAL D 284 24.79 -17.62 -28.38
C VAL D 284 25.19 -16.26 -28.95
N GLN D 285 24.42 -15.80 -29.94
CA GLN D 285 24.72 -14.54 -30.59
C GLN D 285 24.33 -13.33 -29.76
N LEU D 286 23.42 -13.49 -28.80
CA LEU D 286 23.05 -12.42 -27.89
C LEU D 286 23.81 -12.46 -26.56
N GLN D 287 24.22 -13.65 -26.13
CA GLN D 287 24.96 -13.77 -24.87
C GLN D 287 26.27 -12.99 -24.94
N ARG D 288 27.00 -13.12 -26.04
CA ARG D 288 28.23 -12.34 -26.22
C ARG D 288 27.96 -11.04 -26.94
N ILE D 289 26.93 -10.32 -26.49
CA ILE D 289 26.69 -8.93 -26.85
C ILE D 289 26.57 -8.18 -25.54
N ILE D 290 26.14 -8.89 -24.50
CA ILE D 290 26.17 -8.40 -23.13
C ILE D 290 27.36 -9.02 -22.37
N ALA D 291 28.39 -9.44 -23.10
CA ALA D 291 29.57 -10.11 -22.59
C ALA D 291 30.82 -9.47 -23.16
N GLY D 292 30.90 -8.14 -23.02
CA GLY D 292 31.86 -7.33 -23.74
C GLY D 292 31.32 -5.93 -23.97
N VAL D 293 30.03 -5.74 -23.67
CA VAL D 293 29.55 -4.41 -23.30
C VAL D 293 29.84 -4.15 -21.83
N ASP D 294 29.68 -5.18 -21.00
CA ASP D 294 30.13 -5.10 -19.62
C ASP D 294 31.63 -4.91 -19.50
N ILE D 295 32.40 -5.39 -20.49
CA ILE D 295 33.85 -5.21 -20.45
C ILE D 295 34.21 -3.73 -20.43
N VAL D 296 33.65 -2.96 -21.36
CA VAL D 296 33.93 -1.53 -21.40
C VAL D 296 33.20 -0.81 -20.28
N LEU D 297 32.01 -1.29 -19.91
CA LEU D 297 31.24 -0.66 -18.84
C LEU D 297 31.94 -0.76 -17.49
N LEU D 298 32.72 -1.83 -17.26
CA LEU D 298 33.45 -2.00 -16.02
C LEU D 298 34.89 -1.54 -16.11
N CYS D 299 35.48 -1.52 -17.30
CA CYS D 299 36.82 -1.01 -17.48
C CYS D 299 36.87 0.51 -17.56
N VAL D 300 35.73 1.16 -17.76
CA VAL D 300 35.69 2.62 -17.75
C VAL D 300 35.47 3.18 -16.35
N MET D 301 34.98 2.37 -15.41
CA MET D 301 34.87 2.80 -14.03
C MET D 301 36.12 2.52 -13.21
N ASN D 302 37.11 1.87 -13.81
CA ASN D 302 38.43 1.73 -13.18
C ASN D 302 39.36 2.87 -13.53
N LEU D 303 38.87 3.86 -14.29
CA LEU D 303 39.64 5.05 -14.66
C LEU D 303 39.15 6.31 -13.96
N ILE D 304 37.84 6.51 -13.87
CA ILE D 304 37.32 7.67 -13.16
C ILE D 304 37.62 7.56 -11.66
N ILE D 305 37.53 6.36 -11.10
CA ILE D 305 37.89 6.17 -9.70
C ILE D 305 39.37 6.45 -9.50
N LEU D 306 40.21 5.97 -10.42
CA LEU D 306 41.64 6.19 -10.32
C LEU D 306 41.99 7.68 -10.38
N VAL D 307 41.39 8.42 -11.32
CA VAL D 307 41.71 9.84 -11.44
C VAL D 307 41.18 10.61 -10.25
N ASN D 308 39.99 10.25 -9.75
CA ASN D 308 39.46 10.89 -8.55
C ASN D 308 40.40 10.68 -7.37
N LEU D 309 40.82 9.43 -7.15
CA LEU D 309 41.69 9.12 -6.01
C LEU D 309 43.05 9.80 -6.13
N ILE D 310 43.62 9.84 -7.33
CA ILE D 310 44.93 10.47 -7.47
C ILE D 310 44.84 11.98 -7.32
N HIS D 311 43.79 12.61 -7.85
CA HIS D 311 43.69 14.06 -7.76
C HIS D 311 43.30 14.53 -6.37
N LEU D 312 42.57 13.71 -5.61
CA LEU D 312 42.26 14.09 -4.23
C LEU D 312 43.49 14.03 -3.35
N PHE D 313 44.35 13.02 -3.55
CA PHE D 313 45.46 12.77 -2.65
C PHE D 313 46.77 13.40 -3.09
N ILE D 314 46.88 13.89 -4.33
CA ILE D 314 48.14 14.45 -4.79
C ILE D 314 48.00 15.83 -5.43
N PHE D 315 46.82 16.26 -5.87
CA PHE D 315 46.70 17.53 -6.57
C PHE D 315 45.84 18.54 -5.83
N ARG D 316 44.63 18.17 -5.45
CA ARG D 316 43.71 19.13 -4.84
C ARG D 316 44.14 19.45 -3.41
N LYS D 317 44.24 20.75 -3.11
CA LYS D 317 44.61 21.21 -1.77
C LYS D 317 43.69 22.34 -1.33
N SER D 318 42.39 22.18 -1.58
CA SER D 318 41.38 23.18 -1.18
C SER D 318 40.28 22.43 -0.42
N ASN D 319 40.32 22.51 0.91
CA ASN D 319 39.39 21.73 1.73
C ASN D 319 37.99 22.32 1.70
N PHE D 320 37.88 23.66 1.77
CA PHE D 320 36.63 24.41 1.90
C PHE D 320 36.08 24.26 3.32
N ILE D 321 36.70 23.38 4.11
CA ILE D 321 36.34 23.25 5.52
C ILE D 321 37.17 24.17 6.41
N PHE D 322 38.35 24.60 5.94
CA PHE D 322 39.13 25.61 6.65
C PHE D 322 39.71 26.64 5.70
N ASP D 323 39.44 26.52 4.39
CA ASP D 323 39.88 27.50 3.40
C ASP D 323 38.85 28.61 3.20
N LYS D 324 37.56 28.26 3.13
CA LYS D 324 36.52 29.27 3.05
C LYS D 324 36.47 30.13 4.30
N LEU D 325 36.66 29.51 5.47
CA LEU D 325 36.61 30.20 6.75
C LEU D 325 37.99 30.63 7.23
N HIS D 326 38.91 30.90 6.31
CA HIS D 326 40.25 31.36 6.67
C HIS D 326 40.44 32.86 6.53
N LYS D 327 39.65 33.53 5.70
CA LYS D 327 39.74 34.98 5.52
C LYS D 327 38.82 35.74 6.47
N VAL D 328 37.81 35.08 7.03
CA VAL D 328 36.75 35.76 7.75
C VAL D 328 37.04 35.79 9.25
N GLY D 329 38.28 35.49 9.64
CA GLY D 329 38.67 35.67 11.03
C GLY D 329 39.44 34.54 11.68
N ILE D 330 39.08 33.30 11.39
CA ILE D 330 39.78 32.14 11.95
C ILE D 330 40.87 31.75 10.96
N LYS D 331 42.11 32.14 11.26
CA LYS D 331 43.25 31.82 10.42
C LYS D 331 43.98 30.60 11.01
N THR D 332 44.25 29.62 10.16
CA THR D 332 44.88 28.37 10.58
C THR D 332 46.38 28.43 10.33
N ARG D 333 47.15 28.08 11.34
CA ARG D 333 48.61 28.02 11.19
C ARG D 333 48.99 26.89 10.24
N ARG D 334 50.15 27.02 9.61
CA ARG D 334 50.59 26.06 8.62
C ARG D 334 51.02 24.74 9.26
N GLN D 335 50.08 24.04 9.87
CA GLN D 335 50.30 22.71 10.42
C GLN D 335 49.58 21.64 9.62
N TRP D 336 48.83 22.01 8.59
CA TRP D 336 48.11 21.07 7.74
C TRP D 336 48.80 20.82 6.41
N ARG D 337 49.59 21.77 5.93
CA ARG D 337 50.22 21.64 4.62
C ARG D 337 51.22 20.49 4.55
N ARG D 338 51.63 19.95 5.69
CA ARG D 338 52.60 18.85 5.68
C ARG D 338 51.98 17.53 5.23
N SER D 339 50.67 17.36 5.36
CA SER D 339 50.03 16.12 4.96
C SER D 339 48.57 16.38 4.63
N GLN D 340 48.09 15.74 3.57
CA GLN D 340 46.69 15.84 3.14
C GLN D 340 45.89 14.59 3.47
N PHE D 341 46.37 13.78 4.40
CA PHE D 341 45.74 12.52 4.76
C PHE D 341 44.86 12.63 6.00
N CYS D 342 44.57 13.84 6.46
CA CYS D 342 43.75 14.03 7.64
C CYS D 342 42.30 13.69 7.36
N ASP D 343 41.56 13.40 8.44
CA ASP D 343 40.14 13.12 8.32
C ASP D 343 39.32 14.37 8.03
N ILE D 344 39.89 15.55 8.31
CA ILE D 344 39.17 16.80 8.05
C ILE D 344 38.93 16.98 6.55
N ASN D 345 39.85 16.48 5.71
CA ASN D 345 39.63 16.55 4.27
C ASN D 345 38.41 15.73 3.85
N ILE D 346 38.22 14.56 4.47
CA ILE D 346 37.05 13.75 4.16
C ILE D 346 35.80 14.40 4.71
N LEU D 347 35.86 14.95 5.93
CA LEU D 347 34.71 15.66 6.50
C LEU D 347 34.34 16.87 5.65
N ALA D 348 35.30 17.43 4.92
CA ALA D 348 35.01 18.57 4.06
C ALA D 348 34.00 18.23 2.97
N MET D 349 34.12 17.05 2.37
CA MET D 349 33.17 16.64 1.35
C MET D 349 31.76 16.49 1.93
N PHE D 350 31.66 15.88 3.12
CA PHE D 350 30.35 15.71 3.74
C PHE D 350 29.74 17.05 4.12
N CYS D 351 30.58 18.00 4.58
CA CYS D 351 30.08 19.34 4.87
C CYS D 351 29.62 20.05 3.60
N ASN D 352 30.35 19.85 2.49
CA ASN D 352 29.97 20.48 1.23
C ASN D 352 28.62 19.96 0.74
N GLU D 353 28.38 18.67 0.88
CA GLU D 353 27.12 18.08 0.44
C GLU D 353 25.93 18.55 1.27
N ASN D 354 26.17 19.16 2.42
CA ASN D 354 25.11 19.68 3.29
C ASN D 354 25.33 21.18 3.45
N ARG D 355 24.75 21.96 2.55
CA ARG D 355 24.82 23.41 2.59
C ARG D 355 23.45 24.06 2.51
N ASP D 356 22.38 23.28 2.34
CA ASP D 356 21.07 23.82 1.99
C ASP D 356 20.11 23.85 3.18
N HIS D 357 19.90 22.69 3.82
CA HIS D 357 18.96 22.62 4.92
C HIS D 357 19.43 23.36 6.16
N ILE D 358 20.69 23.78 6.20
CA ILE D 358 21.22 24.59 7.29
C ILE D 358 21.08 26.04 6.83
N LYS D 359 20.14 26.77 7.46
CA LYS D 359 19.86 28.14 7.04
C LYS D 359 20.97 29.10 7.45
N SER D 360 21.62 28.85 8.59
CA SER D 360 22.69 29.73 9.05
C SER D 360 23.87 29.71 8.07
N LEU D 361 24.23 28.52 7.59
CA LEU D 361 25.31 28.44 6.62
C LEU D 361 24.92 29.08 5.29
N ASN D 362 23.63 29.05 4.93
CA ASN D 362 23.17 29.74 3.74
C ASN D 362 23.28 31.25 3.90
N ARG D 363 22.89 31.77 5.07
CA ARG D 363 23.14 33.17 5.38
C ARG D 363 24.62 33.52 5.27
N LEU D 364 25.48 32.65 5.80
CA LEU D 364 26.91 32.89 5.70
C LEU D 364 27.37 32.92 4.24
N ASP D 365 26.90 31.98 3.43
CA ASP D 365 27.27 31.95 2.02
C ASP D 365 26.86 33.22 1.30
N PHE D 366 25.66 33.73 1.56
CA PHE D 366 25.26 34.98 0.92
C PHE D 366 26.02 36.18 1.47
N ILE D 367 26.38 36.15 2.76
CA ILE D 367 26.91 37.33 3.43
C ILE D 367 28.43 37.33 3.53
N THR D 368 29.11 36.26 3.14
CA THR D 368 30.57 36.19 3.23
C THR D 368 31.25 36.25 1.87
N ASN D 369 30.84 35.41 0.93
CA ASN D 369 31.58 35.22 -0.32
C ASN D 369 31.25 36.25 -1.39
N GLU D 370 30.25 37.10 -1.18
CA GLU D 370 29.92 38.11 -2.19
C GLU D 370 30.95 39.23 -2.27
N SER D 371 31.77 39.42 -1.23
CA SER D 371 32.78 40.46 -1.20
C SER D 371 34.18 39.90 -1.02
N ASP D 372 34.40 38.63 -1.39
CA ASP D 372 35.71 38.03 -1.25
C ASP D 372 36.72 38.71 -2.16
N LEU D 373 37.95 38.86 -1.66
CA LEU D 373 39.01 39.51 -2.41
C LEU D 373 40.37 38.96 -2.02
N ASN D 377 36.24 48.98 4.03
CA ASN D 377 35.51 48.80 2.78
C ASN D 377 34.22 48.04 3.00
N VAL D 378 34.32 46.71 3.06
CA VAL D 378 33.14 45.88 3.29
C VAL D 378 32.60 46.09 4.70
N VAL D 379 33.50 46.25 5.68
CA VAL D 379 33.08 46.43 7.06
C VAL D 379 32.46 47.78 7.34
N ARG D 380 32.54 48.72 6.38
CA ARG D 380 32.00 50.06 6.59
C ARG D 380 30.48 50.03 6.75
N GLN D 381 29.79 49.24 5.94
CA GLN D 381 28.34 49.16 6.02
C GLN D 381 27.84 48.06 6.96
N LEU D 382 28.69 47.10 7.30
CA LEU D 382 28.27 46.05 8.23
C LEU D 382 27.98 46.62 9.61
N LEU D 383 28.79 47.57 10.07
CA LEU D 383 28.52 48.20 11.35
C LEU D 383 27.24 49.02 11.32
N ALA D 384 26.97 49.72 10.22
CA ALA D 384 25.77 50.53 10.10
C ALA D 384 24.51 49.70 9.87
N ALA D 385 24.66 48.45 9.45
CA ALA D 385 23.51 47.57 9.21
C ALA D 385 23.08 46.81 10.44
N LEU D 386 24.02 46.44 11.32
CA LEU D 386 23.73 45.65 12.50
C LEU D 386 23.84 46.44 13.80
N ALA D 387 23.77 47.77 13.72
CA ALA D 387 23.85 48.61 14.92
C ALA D 387 22.46 48.73 15.55
N GLN D 388 22.02 47.63 16.14
CA GLN D 388 20.71 47.58 16.79
C GLN D 388 20.85 47.64 18.31
N LEU E 41 9.80 7.92 18.91
CA LEU E 41 11.13 7.70 18.37
C LEU E 41 11.89 6.64 19.18
N LEU E 42 12.78 5.91 18.52
CA LEU E 42 13.57 4.88 19.15
C LEU E 42 15.03 5.04 18.77
N GLN E 43 15.92 4.86 19.75
CA GLN E 43 17.35 5.01 19.52
C GLN E 43 18.17 3.81 19.97
N LEU E 44 17.61 2.92 20.77
CA LEU E 44 18.33 1.76 21.30
C LEU E 44 18.00 0.54 20.46
N LYS E 45 19.04 -0.07 19.88
CA LYS E 45 18.90 -1.29 19.10
C LYS E 45 19.60 -2.44 19.82
N LEU E 46 18.96 -3.61 19.80
CA LEU E 46 19.43 -4.77 20.54
C LEU E 46 20.24 -5.75 19.68
N GLU E 47 20.55 -5.38 18.43
CA GLU E 47 21.27 -6.25 17.52
C GLU E 47 22.62 -5.64 17.19
N LEU E 48 23.69 -6.41 17.42
CA LEU E 48 25.02 -5.98 17.03
C LEU E 48 25.22 -6.15 15.52
N PRO E 49 26.16 -5.41 14.94
CA PRO E 49 26.49 -5.67 13.53
C PRO E 49 26.99 -7.07 13.28
N PHE E 50 27.68 -7.67 14.25
CA PHE E 50 28.12 -9.06 14.10
C PHE E 50 26.93 -10.01 13.96
N ASP E 51 25.90 -9.81 14.77
CA ASP E 51 24.71 -10.66 14.69
C ASP E 51 24.01 -10.50 13.35
N ARG E 52 23.90 -9.26 12.86
CA ARG E 52 23.27 -9.03 11.56
C ARG E 52 24.08 -9.68 10.43
N VAL E 53 25.41 -9.55 10.50
CA VAL E 53 26.27 -10.16 9.48
C VAL E 53 26.12 -11.69 9.50
N VAL E 54 26.08 -12.28 10.70
CA VAL E 54 25.91 -13.72 10.81
C VAL E 54 24.56 -14.14 10.24
N THR E 55 23.51 -13.40 10.58
CA THR E 55 22.17 -13.74 10.11
C THR E 55 22.08 -13.66 8.59
N ILE E 56 22.63 -12.60 8.00
CA ILE E 56 22.57 -12.46 6.54
C ILE E 56 23.56 -13.36 5.82
N GLY E 57 24.54 -13.94 6.52
CA GLY E 57 25.49 -14.80 5.85
C GLY E 57 25.27 -16.29 6.07
N THR E 58 24.39 -16.66 7.02
CA THR E 58 24.14 -18.07 7.29
C THR E 58 22.66 -18.46 7.20
N VAL E 59 21.75 -17.51 7.01
CA VAL E 59 20.33 -17.84 6.97
C VAL E 59 19.72 -17.32 5.67
N LEU E 60 20.30 -16.27 5.11
CA LEU E 60 19.69 -15.56 4.00
C LEU E 60 20.11 -16.10 2.63
N VAL E 61 21.42 -16.07 2.35
CA VAL E 61 21.88 -16.53 1.04
C VAL E 61 21.68 -18.04 0.93
N PRO E 62 21.58 -18.80 2.06
CA PRO E 62 20.90 -20.10 1.99
C PRO E 62 19.63 -20.06 1.16
N ILE E 63 18.70 -19.20 1.58
CA ILE E 63 17.38 -19.14 0.96
C ILE E 63 17.50 -18.65 -0.48
N LEU E 64 18.30 -17.61 -0.71
CA LEU E 64 18.44 -17.08 -2.06
C LEU E 64 19.13 -18.05 -3.01
N LEU E 65 19.85 -19.05 -2.48
CA LEU E 65 20.48 -20.06 -3.31
C LEU E 65 19.61 -21.29 -3.51
N VAL E 66 18.42 -21.33 -2.91
CA VAL E 66 17.51 -22.45 -3.05
C VAL E 66 16.47 -22.19 -4.14
N THR E 67 15.95 -20.96 -4.21
CA THR E 67 14.95 -20.62 -5.21
C THR E 67 15.49 -20.80 -6.63
N LEU E 68 16.80 -20.64 -6.81
CA LEU E 68 17.40 -20.88 -8.12
C LEU E 68 17.19 -22.33 -8.55
N VAL E 69 17.44 -23.28 -7.65
CA VAL E 69 17.25 -24.69 -7.97
C VAL E 69 15.79 -24.99 -8.25
N PHE E 70 14.89 -24.41 -7.44
CA PHE E 70 13.46 -24.66 -7.64
C PHE E 70 12.98 -24.13 -8.98
N THR E 71 13.44 -22.94 -9.37
CA THR E 71 13.02 -22.38 -10.65
C THR E 71 13.72 -23.06 -11.83
N LYS E 72 14.90 -23.65 -11.62
CA LYS E 72 15.56 -24.39 -12.69
C LYS E 72 14.90 -25.75 -12.92
N ASN E 73 14.57 -26.45 -11.84
CA ASN E 73 14.01 -27.80 -11.98
C ASN E 73 12.58 -27.76 -12.50
N PHE E 74 11.78 -26.81 -12.02
CA PHE E 74 10.38 -26.72 -12.43
C PHE E 74 10.20 -26.21 -13.85
N ALA E 75 11.26 -25.72 -14.49
CA ALA E 75 11.20 -25.22 -15.86
C ALA E 75 11.83 -26.18 -16.86
N GLU E 76 11.78 -27.49 -16.57
CA GLU E 76 12.35 -28.49 -17.48
C GLU E 76 11.70 -29.83 -17.20
N GLU E 77 11.90 -30.75 -18.14
CA GLU E 77 11.36 -32.10 -17.99
C GLU E 77 12.14 -32.84 -16.92
N PRO E 78 11.46 -33.54 -15.99
CA PRO E 78 12.17 -34.16 -14.88
C PRO E 78 13.19 -35.22 -15.29
N ILE E 79 12.94 -35.95 -16.38
CA ILE E 79 13.81 -37.06 -16.76
C ILE E 79 13.61 -37.33 -18.25
N TYR E 80 14.66 -37.84 -18.91
CA TYR E 80 14.57 -38.19 -20.32
C TYR E 80 14.92 -39.66 -20.49
N CYS E 81 14.06 -40.43 -21.16
CA CYS E 81 14.26 -41.86 -21.30
C CYS E 81 14.19 -42.26 -22.77
N TYR E 82 14.95 -43.30 -23.11
CA TYR E 82 15.07 -43.80 -24.48
C TYR E 82 14.09 -44.95 -24.66
N THR E 83 12.85 -44.61 -24.98
CA THR E 83 11.82 -45.62 -25.15
C THR E 83 12.05 -46.41 -26.44
N PRO E 84 11.63 -47.68 -26.48
CA PRO E 84 11.77 -48.47 -27.71
C PRO E 84 10.91 -47.96 -28.85
N HIS E 85 10.98 -48.64 -30.00
CA HIS E 85 10.27 -48.17 -31.19
C HIS E 85 8.77 -48.41 -31.08
N ASN E 86 8.37 -49.66 -30.85
CA ASN E 86 6.94 -50.02 -30.84
C ASN E 86 6.29 -49.66 -29.50
N PHE E 87 6.36 -48.37 -29.18
CA PHE E 87 5.74 -47.81 -27.99
C PHE E 87 4.85 -46.65 -28.40
N THR E 88 3.56 -46.73 -28.07
CA THR E 88 2.66 -45.64 -28.40
C THR E 88 2.95 -44.42 -27.52
N ARG E 89 2.43 -43.27 -27.95
CA ARG E 89 2.75 -42.01 -27.27
C ARG E 89 2.20 -41.95 -25.85
N ASP E 90 1.21 -42.78 -25.52
CA ASP E 90 0.73 -42.88 -24.14
C ASP E 90 1.32 -44.07 -23.39
N GLN E 91 1.83 -45.07 -24.09
CA GLN E 91 2.53 -46.18 -23.45
C GLN E 91 3.94 -45.79 -23.03
N ALA E 92 4.52 -44.77 -23.66
CA ALA E 92 5.85 -44.29 -23.30
C ALA E 92 5.81 -43.22 -22.21
N LEU E 93 4.63 -42.68 -21.89
CA LEU E 93 4.51 -41.78 -20.76
C LEU E 93 4.57 -42.52 -19.44
N TYR E 94 4.06 -43.75 -19.37
CA TYR E 94 4.21 -44.55 -18.16
C TYR E 94 5.68 -44.86 -17.90
N ALA E 95 6.44 -45.17 -18.95
CA ALA E 95 7.86 -45.46 -18.79
C ALA E 95 8.66 -44.24 -18.36
N ARG E 96 8.16 -43.04 -18.62
CA ARG E 96 8.83 -41.81 -18.25
C ARG E 96 8.38 -41.28 -16.90
N GLY E 97 7.17 -41.63 -16.45
CA GLY E 97 6.69 -41.19 -15.15
C GLY E 97 6.80 -42.27 -14.08
N TYR E 98 7.25 -43.46 -14.49
CA TYR E 98 7.39 -44.59 -13.58
C TYR E 98 8.83 -44.78 -13.11
N CYS E 99 9.81 -44.42 -13.95
CA CYS E 99 11.21 -44.48 -13.58
C CYS E 99 11.67 -43.21 -12.87
N TRP E 100 10.79 -42.22 -12.72
CA TRP E 100 11.08 -41.02 -11.95
C TRP E 100 10.62 -41.12 -10.51
N THR E 101 9.54 -41.85 -10.24
CA THR E 101 9.11 -42.11 -8.88
C THR E 101 9.74 -43.37 -8.29
N GLU E 102 10.45 -44.15 -9.10
CA GLU E 102 11.16 -45.34 -8.62
C GLU E 102 12.62 -45.00 -8.29
N LEU E 103 13.36 -44.51 -9.29
CA LEU E 103 14.75 -44.10 -9.14
C LEU E 103 15.60 -45.24 -8.56
N ARG E 104 15.65 -46.33 -9.32
CA ARG E 104 16.38 -47.52 -8.90
C ARG E 104 17.14 -48.08 -10.10
N ASP E 105 18.47 -48.13 -9.99
CA ASP E 105 19.28 -48.74 -11.03
C ASP E 105 19.04 -50.24 -11.09
N ALA E 106 19.34 -50.82 -12.25
CA ALA E 106 19.16 -52.26 -12.48
C ALA E 106 20.47 -52.82 -13.02
N LEU E 107 21.36 -53.21 -12.12
CA LEU E 107 22.61 -53.84 -12.52
C LEU E 107 22.34 -55.26 -12.99
N PRO E 108 22.90 -55.68 -14.12
CA PRO E 108 22.66 -57.05 -14.59
C PRO E 108 23.27 -58.09 -13.66
N GLY E 109 22.62 -59.25 -13.60
CA GLY E 109 23.08 -60.38 -12.82
C GLY E 109 22.65 -60.40 -11.36
N VAL E 110 22.74 -59.26 -10.67
CA VAL E 110 22.42 -59.19 -9.25
C VAL E 110 20.91 -59.33 -9.05
N ASP E 111 20.50 -59.54 -7.80
CA ASP E 111 19.10 -59.74 -7.47
C ASP E 111 18.39 -58.38 -7.40
N ALA E 112 17.16 -58.37 -6.92
CA ALA E 112 16.35 -57.15 -6.84
C ALA E 112 16.53 -56.41 -5.53
N SER E 113 17.40 -56.88 -4.64
CA SER E 113 17.62 -56.23 -3.36
C SER E 113 18.91 -55.41 -3.31
N LEU E 114 19.88 -55.71 -4.17
CA LEU E 114 21.15 -55.00 -4.19
C LEU E 114 21.20 -53.91 -5.26
N TRP E 115 20.05 -53.33 -5.60
CA TRP E 115 19.99 -52.27 -6.59
C TRP E 115 20.20 -50.92 -5.92
N PRO E 116 21.24 -50.17 -6.29
CA PRO E 116 21.46 -48.86 -5.68
C PRO E 116 20.32 -47.90 -6.01
N SER E 117 20.00 -47.02 -5.05
CA SER E 117 18.94 -46.04 -5.20
C SER E 117 19.51 -44.68 -5.58
N LEU E 118 18.61 -43.79 -5.99
CA LEU E 118 18.97 -42.43 -6.39
C LEU E 118 18.01 -41.40 -5.83
N PHE E 119 17.47 -41.66 -4.63
CA PHE E 119 16.46 -40.77 -4.06
C PHE E 119 17.03 -39.44 -3.58
N GLU E 120 18.35 -39.37 -3.36
CA GLU E 120 18.95 -38.13 -2.85
C GLU E 120 18.81 -36.99 -3.84
N HIS E 121 19.01 -37.26 -5.14
CA HIS E 121 18.89 -36.20 -6.13
C HIS E 121 17.49 -35.62 -6.16
N LYS E 122 16.46 -36.46 -5.98
CA LYS E 122 15.09 -35.99 -5.91
C LYS E 122 14.79 -35.32 -4.58
N PHE E 123 15.49 -35.70 -3.51
CA PHE E 123 15.10 -35.34 -2.17
C PHE E 123 15.63 -33.99 -1.70
N LEU E 124 16.60 -33.38 -2.39
CA LEU E 124 17.15 -32.22 -1.73
C LEU E 124 17.01 -30.93 -2.53
N PRO E 125 15.88 -30.74 -3.23
CA PRO E 125 15.27 -29.42 -3.24
C PRO E 125 14.87 -28.95 -1.86
N TYR E 126 14.45 -29.87 -0.99
CA TYR E 126 13.86 -29.58 0.31
C TYR E 126 14.84 -29.73 1.46
N ALA E 127 15.80 -30.65 1.34
CA ALA E 127 16.82 -30.80 2.38
C ALA E 127 17.66 -29.54 2.52
N LEU E 128 17.76 -28.73 1.48
CA LEU E 128 18.37 -27.40 1.57
C LEU E 128 17.41 -26.38 2.17
N LEU E 129 16.12 -26.69 2.23
CA LEU E 129 15.14 -25.81 2.86
C LEU E 129 14.88 -26.14 4.31
N ALA E 130 15.20 -27.36 4.75
CA ALA E 130 15.09 -27.72 6.15
C ALA E 130 16.32 -27.33 6.97
N PHE E 131 17.39 -26.89 6.31
CA PHE E 131 18.58 -26.40 7.00
C PHE E 131 18.62 -24.89 7.11
N ALA E 132 17.82 -24.18 6.32
CA ALA E 132 17.71 -22.73 6.43
C ALA E 132 16.69 -22.28 7.45
N ALA E 133 15.87 -23.20 7.97
CA ALA E 133 14.94 -22.91 9.05
C ALA E 133 15.39 -23.46 10.39
N ILE E 134 16.28 -24.46 10.40
CA ILE E 134 16.87 -24.92 11.65
C ILE E 134 17.71 -23.83 12.27
N MET E 135 18.30 -22.96 11.45
CA MET E 135 19.17 -21.90 11.96
C MET E 135 18.34 -20.72 12.47
N TYR E 136 17.33 -21.02 13.30
CA TYR E 136 16.51 -20.00 13.93
C TYR E 136 16.35 -20.16 15.43
N VAL E 137 16.57 -21.37 15.98
CA VAL E 137 16.52 -21.53 17.43
C VAL E 137 17.52 -20.64 18.14
N PRO E 138 18.80 -20.57 17.73
CA PRO E 138 19.67 -19.54 18.31
C PRO E 138 19.18 -18.13 18.02
N ALA E 139 18.60 -17.89 16.85
CA ALA E 139 18.11 -16.55 16.51
C ALA E 139 16.85 -16.20 17.29
N LEU E 140 16.02 -17.18 17.61
CA LEU E 140 14.80 -16.94 18.40
C LEU E 140 15.02 -17.12 19.89
N GLY E 141 16.24 -17.48 20.30
CA GLY E 141 16.57 -17.53 21.71
C GLY E 141 16.93 -16.20 22.34
N TRP E 142 16.86 -15.12 21.56
CA TRP E 142 17.13 -13.78 22.04
C TRP E 142 15.91 -12.88 21.99
N GLU E 143 15.14 -12.91 20.90
CA GLU E 143 13.97 -12.06 20.78
C GLU E 143 12.81 -12.51 21.68
N PHE E 144 12.86 -13.75 22.17
CA PHE E 144 11.79 -14.28 23.01
C PHE E 144 12.21 -14.58 24.44
N LEU E 145 13.52 -14.68 24.71
CA LEU E 145 14.01 -15.04 26.03
C LEU E 145 14.60 -13.87 26.80
N ALA E 146 15.38 -13.00 26.15
CA ALA E 146 16.03 -11.88 26.82
C ALA E 146 15.86 -10.60 26.01
N SER E 147 14.67 -10.40 25.45
CA SER E 147 14.37 -9.19 24.71
C SER E 147 13.61 -8.17 25.55
N THR E 148 13.40 -8.45 26.83
CA THR E 148 12.72 -7.52 27.75
C THR E 148 13.61 -7.06 28.89
N ARG E 149 14.34 -7.98 29.54
CA ARG E 149 15.18 -7.60 30.67
C ARG E 149 16.33 -6.70 30.24
N LEU E 150 17.00 -7.03 29.14
CA LEU E 150 18.15 -6.26 28.70
C LEU E 150 17.76 -4.83 28.34
N THR E 151 16.75 -4.67 27.49
CA THR E 151 16.30 -3.32 27.15
C THR E 151 15.64 -2.60 28.31
N SER E 152 15.06 -3.34 29.27
CA SER E 152 14.59 -2.72 30.51
C SER E 152 15.72 -2.12 31.32
N GLU E 153 16.85 -2.82 31.42
CA GLU E 153 18.01 -2.34 32.15
C GLU E 153 18.81 -1.32 31.36
N LEU E 154 18.60 -1.24 30.05
CA LEU E 154 19.31 -0.27 29.20
C LEU E 154 18.56 1.03 29.02
N ASN E 155 17.22 1.01 28.98
CA ASN E 155 16.47 2.25 28.88
C ASN E 155 16.61 3.08 30.14
N PHE E 156 16.80 2.43 31.30
CA PHE E 156 17.15 3.17 32.50
C PHE E 156 18.46 3.91 32.34
N LEU E 157 19.47 3.24 31.77
CA LEU E 157 20.75 3.90 31.54
C LEU E 157 20.60 5.04 30.55
N LEU E 158 19.70 4.88 29.59
CA LEU E 158 19.45 5.93 28.59
C LEU E 158 18.83 7.17 29.23
N GLN E 159 17.78 6.98 30.03
CA GLN E 159 17.01 8.13 30.50
C GLN E 159 17.54 8.70 31.82
N GLU E 160 17.89 7.83 32.77
CA GLU E 160 18.33 8.26 34.09
C GLU E 160 19.78 8.72 34.09
N ILE E 161 20.71 7.85 33.71
CA ILE E 161 22.14 8.15 33.86
C ILE E 161 22.54 8.93 32.61
N ASP E 162 22.31 10.24 32.67
CA ASP E 162 22.77 11.16 31.65
C ASP E 162 23.30 12.45 32.24
N ASN E 163 23.18 12.66 33.56
CA ASN E 163 23.58 13.89 34.21
C ASN E 163 25.09 14.03 34.33
N CYS E 164 25.85 12.98 34.05
CA CYS E 164 27.30 13.02 34.15
C CYS E 164 27.87 13.81 32.98
N TYR E 165 28.56 14.91 33.29
CA TYR E 165 29.43 15.65 32.39
C TYR E 165 28.68 16.47 31.34
N HIS E 166 27.35 16.41 31.31
CA HIS E 166 26.56 17.37 30.56
C HIS E 166 25.88 18.39 31.45
N ARG E 167 25.54 18.01 32.68
CA ARG E 167 25.07 18.92 33.72
C ARG E 167 26.20 19.37 34.64
N ALA E 168 27.44 18.99 34.35
CA ALA E 168 28.57 19.31 35.19
C ALA E 168 28.91 20.79 35.20
N ALA E 169 28.32 21.58 34.30
CA ALA E 169 28.57 23.02 34.30
C ALA E 169 28.12 23.64 35.62
N GLU E 170 27.00 23.17 36.17
CA GLU E 170 26.53 23.59 37.48
C GLU E 170 26.68 22.50 38.54
N GLY E 171 27.08 21.29 38.15
CA GLY E 171 27.19 20.19 39.08
C GLY E 171 28.57 20.07 39.72
N ARG E 172 29.62 20.20 38.93
CA ARG E 172 30.98 20.07 39.42
C ARG E 172 31.94 21.13 38.91
N ALA E 173 31.60 21.89 37.88
CA ALA E 173 32.50 22.92 37.37
C ALA E 173 32.83 23.98 38.42
N PRO E 174 31.86 24.56 39.16
CA PRO E 174 32.23 25.56 40.16
C PRO E 174 32.67 24.95 41.49
N LYS E 175 32.98 23.66 41.49
CA LYS E 175 33.33 22.94 42.71
C LYS E 175 34.79 22.53 42.78
N ILE E 176 35.29 21.82 41.77
CA ILE E 176 36.64 21.25 41.87
C ILE E 176 37.69 22.29 41.49
N GLU E 177 37.64 22.79 40.25
CA GLU E 177 38.68 23.68 39.75
C GLU E 177 38.42 25.15 40.07
N LYS E 178 37.25 25.48 40.64
CA LYS E 178 36.99 26.86 41.01
C LYS E 178 37.90 27.33 42.14
N GLN E 179 38.22 26.44 43.08
CA GLN E 179 39.11 26.78 44.17
C GLN E 179 40.58 26.53 43.86
N ILE E 180 40.88 25.78 42.79
CA ILE E 180 42.26 25.50 42.44
C ILE E 180 42.94 26.77 41.91
N GLN E 181 42.23 27.56 41.11
CA GLN E 181 42.80 28.78 40.57
C GLN E 181 43.12 29.79 41.67
N SER E 182 42.23 29.91 42.66
CA SER E 182 42.38 30.89 43.73
C SER E 182 43.01 30.22 44.95
N LYS E 183 44.34 30.04 44.87
CA LYS E 183 45.10 29.51 45.99
C LYS E 183 46.54 29.95 45.85
N GLY E 184 47.26 29.91 46.97
CA GLY E 184 48.67 30.29 46.98
C GLY E 184 48.87 31.80 46.90
N THR E 188 50.71 22.98 43.28
CA THR E 188 51.79 22.13 42.77
C THR E 188 51.23 20.91 42.06
N GLU E 189 51.64 19.71 42.51
CA GLU E 189 51.18 18.47 41.90
C GLU E 189 50.85 17.40 42.93
N ARG E 190 50.87 17.72 44.22
CA ARG E 190 50.60 16.74 45.28
C ARG E 190 49.35 17.11 46.08
N GLU E 191 48.42 17.84 45.47
CA GLU E 191 47.20 18.25 46.16
C GLU E 191 45.93 18.05 45.33
N LYS E 192 46.04 17.81 44.02
CA LYS E 192 44.84 17.64 43.21
C LYS E 192 44.03 16.42 43.63
N ARG E 193 44.72 15.32 43.95
CA ARG E 193 44.03 14.11 44.34
C ARG E 193 43.23 14.30 45.62
N GLU E 194 43.78 15.06 46.57
CA GLU E 194 43.07 15.28 47.84
C GLU E 194 41.74 15.99 47.62
N ILE E 195 41.73 17.01 46.77
CA ILE E 195 40.47 17.71 46.49
C ILE E 195 39.54 16.84 45.66
N ILE E 196 40.08 16.14 44.66
CA ILE E 196 39.23 15.36 43.76
C ILE E 196 38.66 14.12 44.44
N GLU E 197 39.24 13.69 45.55
CA GLU E 197 38.74 12.50 46.24
C GLU E 197 37.33 12.72 46.77
N ASN E 198 37.06 13.90 47.33
CA ASN E 198 35.75 14.18 47.94
C ASN E 198 34.74 14.65 46.90
N ALA E 199 34.63 13.90 45.81
CA ALA E 199 33.62 14.15 44.78
C ALA E 199 32.67 12.97 44.60
N GLU E 200 33.22 11.78 44.37
CA GLU E 200 32.42 10.56 44.24
C GLU E 200 32.41 9.73 45.51
N LYS E 201 33.51 9.72 46.27
CA LYS E 201 33.55 8.98 47.53
C LYS E 201 32.54 9.52 48.52
N GLU E 202 32.35 10.84 48.55
CA GLU E 202 31.35 11.43 49.41
C GLU E 202 29.95 10.99 48.99
N LYS E 203 29.08 10.76 49.99
CA LYS E 203 27.72 10.29 49.74
C LYS E 203 26.87 11.45 49.20
N SER E 204 27.13 11.78 47.93
CA SER E 204 26.38 12.83 47.27
C SER E 204 24.97 12.36 46.95
N PRO E 205 24.04 13.30 46.72
CA PRO E 205 22.69 12.88 46.28
C PRO E 205 22.71 12.10 44.99
N GLU E 206 23.62 12.41 44.07
CA GLU E 206 23.76 11.66 42.82
C GLU E 206 24.84 10.59 42.98
N GLN E 207 24.65 9.72 43.97
CA GLN E 207 25.56 8.62 44.24
C GLN E 207 24.88 7.27 44.43
N ASN E 208 23.60 7.24 44.79
CA ASN E 208 22.89 5.98 44.93
C ASN E 208 22.71 5.26 43.60
N LEU E 209 22.87 5.96 42.48
CA LEU E 209 22.75 5.37 41.15
C LEU E 209 24.10 4.97 40.57
N PHE E 210 25.19 5.15 41.30
CA PHE E 210 26.53 4.82 40.82
C PHE E 210 27.28 4.01 41.85
N GLU E 211 28.08 3.06 41.38
CA GLU E 211 28.92 2.18 42.18
C GLU E 211 28.08 1.16 42.94
N LYS E 212 26.76 1.29 42.88
CA LYS E 212 25.87 0.24 43.37
C LYS E 212 25.52 -0.74 42.25
N TYR E 213 25.32 -0.22 41.04
CA TYR E 213 25.18 -1.09 39.87
C TYR E 213 26.44 -1.90 39.65
N LEU E 214 27.61 -1.28 39.83
CA LEU E 214 28.87 -2.01 39.69
C LEU E 214 28.98 -3.11 40.72
N GLU E 215 28.56 -2.83 41.96
CA GLU E 215 28.62 -3.83 43.02
C GLU E 215 27.63 -4.97 42.80
N ARG E 216 26.45 -4.66 42.26
CA ARG E 216 25.46 -5.71 42.06
C ARG E 216 25.77 -6.57 40.83
N ARG E 217 26.04 -5.94 39.69
CA ARG E 217 26.29 -6.65 38.45
C ARG E 217 27.75 -7.07 38.28
N GLY E 218 28.59 -6.78 39.27
CA GLY E 218 29.98 -7.20 39.21
C GLY E 218 30.23 -8.64 39.56
N ARG E 219 29.19 -9.38 39.95
CA ARG E 219 29.32 -10.80 40.23
C ARG E 219 28.19 -11.64 39.64
N SER E 220 27.11 -11.04 39.18
CA SER E 220 25.98 -11.79 38.60
C SER E 220 26.22 -11.97 37.11
N ASN E 221 26.93 -13.05 36.78
CA ASN E 221 27.26 -13.37 35.39
C ASN E 221 26.13 -14.19 34.77
N PHE E 222 25.01 -13.52 34.53
CA PHE E 222 23.84 -14.13 33.93
C PHE E 222 23.75 -13.88 32.42
N LEU E 223 23.93 -12.62 32.01
CA LEU E 223 23.85 -12.31 30.59
C LEU E 223 24.95 -12.99 29.79
N ALA E 224 26.15 -13.08 30.36
CA ALA E 224 27.24 -13.80 29.70
C ALA E 224 26.98 -15.29 29.65
N LYS E 225 26.05 -15.80 30.45
CA LYS E 225 25.65 -17.19 30.41
C LYS E 225 24.58 -17.47 29.37
N LEU E 226 24.08 -16.43 28.69
CA LEU E 226 23.06 -16.57 27.66
C LEU E 226 23.52 -16.10 26.29
N TYR E 227 24.25 -14.98 26.23
CA TYR E 227 24.79 -14.53 24.95
C TYR E 227 25.82 -15.52 24.42
N LEU E 228 26.61 -16.12 25.32
CA LEU E 228 27.51 -17.20 24.91
C LEU E 228 26.73 -18.38 24.37
N ALA E 229 25.62 -18.75 25.01
CA ALA E 229 24.77 -19.82 24.50
C ALA E 229 24.08 -19.45 23.20
N ARG E 230 23.99 -18.16 22.88
CA ARG E 230 23.44 -17.71 21.60
C ARG E 230 24.36 -18.02 20.42
N HIS E 231 25.66 -17.96 20.62
CA HIS E 231 26.63 -18.19 19.56
C HIS E 231 27.23 -19.59 19.58
N VAL E 232 27.51 -20.14 20.76
CA VAL E 232 28.06 -21.49 20.85
C VAL E 232 27.06 -22.55 20.43
N LEU E 233 25.77 -22.22 20.40
CA LEU E 233 24.75 -23.13 19.90
C LEU E 233 24.65 -23.11 18.38
N ILE E 234 24.78 -21.93 17.77
CA ILE E 234 24.80 -21.85 16.32
C ILE E 234 26.08 -22.46 15.74
N LEU E 235 27.14 -22.56 16.55
CA LEU E 235 28.34 -23.25 16.11
C LEU E 235 28.18 -24.77 16.14
N LEU E 236 27.26 -25.28 16.95
CA LEU E 236 26.97 -26.70 17.00
C LEU E 236 25.79 -27.11 16.13
N LEU E 237 24.85 -26.20 15.88
CA LEU E 237 23.77 -26.49 14.95
C LEU E 237 24.28 -26.56 13.52
N SER E 238 25.34 -25.81 13.21
CA SER E 238 25.94 -25.86 11.89
C SER E 238 26.89 -27.04 11.77
N ALA E 239 26.44 -28.23 12.13
CA ALA E 239 27.24 -29.44 12.03
C ALA E 239 26.65 -30.45 11.05
N VAL E 240 25.43 -30.91 11.28
CA VAL E 240 24.80 -31.86 10.36
C VAL E 240 24.42 -31.15 9.06
N PRO E 241 24.12 -29.83 9.05
CA PRO E 241 24.21 -29.09 7.79
C PRO E 241 25.44 -29.44 6.96
N ILE E 242 26.62 -29.40 7.57
CA ILE E 242 27.85 -29.66 6.84
C ILE E 242 28.10 -31.16 6.67
N SER E 243 27.80 -31.96 7.70
CA SER E 243 28.07 -33.39 7.64
C SER E 243 27.13 -34.14 6.71
N TYR E 244 25.99 -33.54 6.34
CA TYR E 244 25.07 -34.22 5.44
C TYR E 244 25.50 -34.04 3.98
N LEU E 245 25.55 -32.80 3.50
CA LEU E 245 25.95 -32.54 2.12
C LEU E 245 27.46 -32.44 1.97
N CYS E 246 28.15 -33.42 2.54
CA CYS E 246 29.59 -33.58 2.36
C CYS E 246 29.85 -34.98 1.83
N THR E 247 29.11 -35.96 2.35
CA THR E 247 29.09 -37.29 1.75
C THR E 247 28.26 -37.33 0.48
N TYR E 248 27.25 -36.45 0.36
CA TYR E 248 26.50 -36.33 -0.89
C TYR E 248 27.39 -35.85 -2.03
N TYR E 249 28.29 -34.91 -1.75
CA TYR E 249 29.22 -34.42 -2.76
C TYR E 249 30.25 -35.46 -3.16
N ALA E 250 30.44 -36.51 -2.36
CA ALA E 250 31.50 -37.48 -2.61
C ALA E 250 31.01 -38.86 -3.03
N THR E 251 29.72 -39.18 -2.82
CA THR E 251 29.23 -40.53 -3.11
C THR E 251 28.13 -40.58 -4.16
N GLN E 252 27.52 -39.46 -4.53
CA GLN E 252 26.47 -39.42 -5.55
C GLN E 252 26.97 -38.56 -6.71
N LYS E 253 27.44 -39.21 -7.76
CA LYS E 253 28.00 -38.53 -8.93
C LYS E 253 27.23 -38.84 -10.20
N GLN E 254 26.86 -40.10 -10.41
CA GLN E 254 26.26 -40.53 -11.66
C GLN E 254 24.85 -39.96 -11.82
N ASN E 255 24.44 -39.80 -13.08
CA ASN E 255 23.10 -39.33 -13.41
C ASN E 255 22.51 -40.10 -14.58
N GLU E 256 22.89 -41.37 -14.73
CA GLU E 256 22.42 -42.20 -15.83
C GLU E 256 22.22 -43.61 -15.31
N PHE E 257 20.98 -44.08 -15.28
CA PHE E 257 20.63 -45.39 -14.77
C PHE E 257 19.71 -46.10 -15.76
N THR E 258 19.80 -47.44 -15.76
CA THR E 258 18.99 -48.28 -16.65
C THR E 258 17.78 -48.78 -15.88
N CYS E 259 16.67 -48.05 -16.01
CA CYS E 259 15.44 -48.43 -15.34
C CYS E 259 14.81 -49.64 -16.03
N ALA E 260 14.04 -50.41 -15.26
CA ALA E 260 13.44 -51.65 -15.75
C ALA E 260 11.97 -51.68 -15.37
N LEU E 261 11.11 -51.86 -16.37
CA LEU E 261 9.68 -52.04 -16.14
C LEU E 261 9.36 -53.54 -16.08
N GLY E 262 8.07 -53.87 -16.10
CA GLY E 262 7.67 -55.27 -16.08
C GLY E 262 6.17 -55.40 -16.18
N ALA E 263 5.73 -56.65 -16.25
CA ALA E 263 4.30 -57.01 -16.30
C ALA E 263 3.60 -56.36 -17.49
N SER E 264 4.07 -56.72 -18.68
CA SER E 264 3.43 -56.23 -19.89
C SER E 264 2.04 -56.86 -20.05
N PRO E 265 1.06 -56.12 -20.57
CA PRO E 265 -0.29 -56.66 -20.73
C PRO E 265 -0.42 -57.43 -22.04
N ASP E 266 -0.75 -58.72 -21.94
CA ASP E 266 -0.90 -59.56 -23.11
C ASP E 266 -2.35 -59.97 -23.33
N PRO E 273 7.00 -59.72 -21.42
CA PRO E 273 8.42 -59.68 -21.10
C PRO E 273 8.86 -58.32 -20.55
N ALA E 274 9.85 -58.34 -19.64
CA ALA E 274 10.34 -57.10 -19.06
C ALA E 274 11.15 -56.31 -20.07
N VAL E 275 10.99 -54.99 -20.05
CA VAL E 275 11.69 -54.08 -20.94
C VAL E 275 12.52 -53.10 -20.12
N ARG E 276 13.74 -52.86 -20.55
CA ARG E 276 14.67 -51.98 -19.85
C ARG E 276 14.96 -50.76 -20.72
N VAL E 277 14.90 -49.57 -20.10
CA VAL E 277 15.15 -48.31 -20.79
C VAL E 277 16.21 -47.53 -20.01
N SER E 278 17.19 -46.99 -20.72
CA SER E 278 18.22 -46.17 -20.10
C SER E 278 17.77 -44.72 -20.06
N CYS E 279 17.73 -44.14 -18.88
CA CYS E 279 17.22 -42.80 -18.66
C CYS E 279 18.35 -41.85 -18.30
N LYS E 280 18.00 -40.58 -18.14
CA LYS E 280 18.97 -39.51 -17.93
C LYS E 280 18.32 -38.41 -17.09
N LEU E 281 19.10 -37.92 -16.11
CA LEU E 281 18.65 -36.92 -15.15
C LEU E 281 19.22 -35.57 -15.53
N PRO E 282 18.40 -34.58 -15.89
CA PRO E 282 18.93 -33.28 -16.31
C PRO E 282 19.65 -32.52 -15.20
N SER E 283 18.98 -32.30 -14.07
CA SER E 283 19.48 -31.39 -13.05
C SER E 283 20.22 -32.15 -11.96
N VAL E 284 21.43 -32.59 -12.30
CA VAL E 284 22.34 -33.18 -11.34
C VAL E 284 23.63 -32.37 -11.33
N GLN E 285 23.96 -31.76 -12.47
CA GLN E 285 25.19 -31.00 -12.59
C GLN E 285 25.11 -29.65 -11.88
N LEU E 286 23.92 -29.08 -11.76
CA LEU E 286 23.75 -27.81 -11.05
C LEU E 286 23.44 -28.01 -9.57
N GLN E 287 22.83 -29.14 -9.21
CA GLN E 287 22.52 -29.38 -7.80
C GLN E 287 23.79 -29.43 -6.96
N ARG E 288 24.80 -30.14 -7.43
CA ARG E 288 26.09 -30.18 -6.72
C ARG E 288 27.03 -29.09 -7.22
N ILE E 289 26.50 -27.87 -7.33
CA ILE E 289 27.30 -26.67 -7.50
C ILE E 289 26.87 -25.72 -6.39
N ILE E 290 25.62 -25.88 -5.94
CA ILE E 290 25.12 -25.23 -4.75
C ILE E 290 25.09 -26.21 -3.57
N ALA E 291 25.92 -27.25 -3.63
CA ALA E 291 26.02 -28.33 -2.66
C ALA E 291 27.47 -28.55 -2.28
N GLY E 292 28.14 -27.48 -1.88
CA GLY E 292 29.58 -27.45 -1.76
C GLY E 292 30.12 -26.05 -2.00
N VAL E 293 29.24 -25.16 -2.46
CA VAL E 293 29.44 -23.73 -2.21
C VAL E 293 28.92 -23.38 -0.82
N ASP E 294 27.79 -23.98 -0.43
CA ASP E 294 27.32 -23.88 0.94
C ASP E 294 28.30 -24.50 1.93
N ILE E 295 29.09 -25.49 1.50
CA ILE E 295 30.07 -26.11 2.40
C ILE E 295 31.06 -25.06 2.88
N VAL E 296 31.64 -24.30 1.97
CA VAL E 296 32.62 -23.29 2.36
C VAL E 296 31.93 -22.06 2.91
N LEU E 297 30.69 -21.79 2.46
CA LEU E 297 29.95 -20.65 2.99
C LEU E 297 29.56 -20.84 4.44
N LEU E 298 29.35 -22.08 4.90
CA LEU E 298 29.01 -22.36 6.28
C LEU E 298 30.20 -22.76 7.12
N CYS E 299 31.27 -23.30 6.51
CA CYS E 299 32.49 -23.61 7.22
C CYS E 299 33.35 -22.39 7.47
N VAL E 300 33.12 -21.30 6.75
CA VAL E 300 33.84 -20.05 7.01
C VAL E 300 33.15 -19.20 8.06
N MET E 301 31.86 -19.44 8.32
CA MET E 301 31.15 -18.76 9.40
C MET E 301 31.38 -19.42 10.75
N ASN E 302 32.02 -20.58 10.78
CA ASN E 302 32.39 -21.25 12.02
C ASN E 302 33.78 -20.85 12.50
N LEU E 303 34.45 -19.96 11.78
CA LEU E 303 35.77 -19.45 12.14
C LEU E 303 35.74 -18.03 12.66
N ILE E 304 34.98 -17.14 12.02
CA ILE E 304 34.87 -15.77 12.51
C ILE E 304 34.15 -15.75 13.85
N ILE E 305 33.13 -16.59 14.03
CA ILE E 305 32.45 -16.68 15.32
C ILE E 305 33.42 -17.18 16.39
N LEU E 306 34.22 -18.19 16.05
CA LEU E 306 35.17 -18.75 17.01
C LEU E 306 36.21 -17.71 17.42
N VAL E 307 36.77 -16.98 16.45
CA VAL E 307 37.79 -16.00 16.80
C VAL E 307 37.19 -14.83 17.59
N ASN E 308 35.98 -14.41 17.22
CA ASN E 308 35.30 -13.37 17.99
C ASN E 308 35.10 -13.81 19.44
N LEU E 309 34.58 -15.03 19.63
CA LEU E 309 34.31 -15.51 20.98
C LEU E 309 35.58 -15.69 21.79
N ILE E 310 36.66 -16.19 21.18
CA ILE E 310 37.88 -16.39 21.93
C ILE E 310 38.54 -15.06 22.28
N HIS E 311 38.55 -14.09 21.35
CA HIS E 311 39.19 -12.82 21.63
C HIS E 311 38.40 -11.97 22.60
N LEU E 312 37.07 -12.10 22.62
CA LEU E 312 36.29 -11.37 23.60
C LEU E 312 36.53 -11.89 25.02
N PHE E 313 36.63 -13.21 25.17
CA PHE E 313 36.68 -13.82 26.50
C PHE E 313 38.08 -14.07 27.01
N ILE E 314 39.12 -13.98 26.17
CA ILE E 314 40.47 -14.27 26.64
C ILE E 314 41.48 -13.18 26.30
N PHE E 315 41.22 -12.29 25.36
CA PHE E 315 42.22 -11.30 24.95
C PHE E 315 41.79 -9.87 25.23
N ARG E 316 40.61 -9.46 24.77
CA ARG E 316 40.20 -8.06 24.90
C ARG E 316 39.82 -7.75 26.34
N LYS E 317 40.39 -6.68 26.87
CA LYS E 317 40.09 -6.23 28.24
C LYS E 317 39.85 -4.72 28.26
N SER E 318 39.12 -4.21 27.27
CA SER E 318 38.78 -2.80 27.18
C SER E 318 37.26 -2.68 27.01
N ASN E 319 36.56 -2.38 28.10
CA ASN E 319 35.11 -2.35 28.07
C ASN E 319 34.58 -1.12 27.34
N PHE E 320 35.20 0.04 27.58
CA PHE E 320 34.77 1.35 27.10
C PHE E 320 33.54 1.81 27.90
N ILE E 321 32.97 0.92 28.70
CA ILE E 321 31.86 1.29 29.56
C ILE E 321 32.34 1.77 30.93
N PHE E 322 33.57 1.42 31.32
CA PHE E 322 34.18 1.97 32.52
C PHE E 322 35.65 2.32 32.29
N ASP E 323 36.16 2.13 31.07
CA ASP E 323 37.52 2.51 30.70
C ASP E 323 37.58 3.93 30.15
N LYS E 324 36.62 4.28 29.29
CA LYS E 324 36.55 5.65 28.77
C LYS E 324 36.27 6.63 29.89
N LEU E 325 35.40 6.26 30.84
CA LEU E 325 35.01 7.12 31.95
C LEU E 325 35.81 6.82 33.22
N HIS E 326 37.07 6.41 33.06
CA HIS E 326 37.93 6.14 34.21
C HIS E 326 38.93 7.25 34.49
N LYS E 327 39.27 8.06 33.50
CA LYS E 327 40.20 9.18 33.67
C LYS E 327 39.49 10.49 34.02
N VAL E 328 38.19 10.56 33.76
CA VAL E 328 37.46 11.83 33.84
C VAL E 328 36.81 12.00 35.21
N GLY E 329 37.19 11.18 36.18
CA GLY E 329 36.75 11.41 37.54
C GLY E 329 36.26 10.19 38.31
N ILE E 330 35.53 9.29 37.65
CA ILE E 330 35.04 8.08 38.30
C ILE E 330 36.08 6.99 38.07
N LYS E 331 36.87 6.70 39.09
CA LYS E 331 37.88 5.67 39.03
C LYS E 331 37.36 4.40 39.70
N THR E 332 37.50 3.28 39.01
CA THR E 332 36.99 2.00 39.47
C THR E 332 38.10 1.21 40.15
N ARG E 333 37.82 0.71 41.35
CA ARG E 333 38.77 -0.13 42.06
C ARG E 333 38.95 -1.45 41.33
N ARG E 334 40.11 -2.08 41.53
CA ARG E 334 40.44 -3.30 40.81
C ARG E 334 39.65 -4.49 41.34
N GLN E 335 38.33 -4.45 41.16
CA GLN E 335 37.46 -5.57 41.48
C GLN E 335 36.90 -6.24 40.24
N TRP E 336 37.21 -5.72 39.04
CA TRP E 336 36.74 -6.29 37.79
C TRP E 336 37.81 -7.12 37.08
N ARG E 337 39.10 -6.86 37.33
CA ARG E 337 40.17 -7.55 36.62
C ARG E 337 40.20 -9.04 36.93
N ARG E 338 39.52 -9.49 37.99
CA ARG E 338 39.55 -10.90 38.35
C ARG E 338 38.73 -11.75 37.40
N SER E 339 37.74 -11.18 36.70
CA SER E 339 36.91 -11.96 35.80
C SER E 339 36.33 -11.03 34.74
N GLN E 340 36.31 -11.51 33.49
CA GLN E 340 35.74 -10.78 32.37
C GLN E 340 34.39 -11.33 31.94
N PHE E 341 33.72 -12.08 32.81
CA PHE E 341 32.45 -12.73 32.51
C PHE E 341 31.25 -11.92 33.00
N CYS E 342 31.46 -10.68 33.41
CA CYS E 342 30.37 -9.85 33.92
C CYS E 342 29.43 -9.43 32.79
N ASP E 343 28.20 -9.08 33.17
CA ASP E 343 27.23 -8.58 32.21
C ASP E 343 27.55 -7.17 31.73
N ILE E 344 28.37 -6.44 32.48
CA ILE E 344 28.74 -5.08 32.08
C ILE E 344 29.54 -5.10 30.79
N ASN E 345 30.33 -6.16 30.56
CA ASN E 345 31.06 -6.28 29.30
C ASN E 345 30.10 -6.40 28.12
N ILE E 346 29.01 -7.14 28.30
CA ILE E 346 28.01 -7.26 27.23
C ILE E 346 27.27 -5.94 27.05
N LEU E 347 26.91 -5.29 28.16
CA LEU E 347 26.24 -3.98 28.06
C LEU E 347 27.13 -2.95 27.40
N ALA E 348 28.45 -3.14 27.46
CA ALA E 348 29.37 -2.19 26.83
C ALA E 348 29.18 -2.15 25.32
N MET E 349 28.97 -3.32 24.70
CA MET E 349 28.75 -3.34 23.25
C MET E 349 27.47 -2.60 22.88
N PHE E 350 26.39 -2.82 23.65
CA PHE E 350 25.13 -2.15 23.36
C PHE E 350 25.26 -0.65 23.55
N CYS E 351 25.99 -0.22 24.58
CA CYS E 351 26.24 1.20 24.78
C CYS E 351 27.06 1.78 23.63
N ASN E 352 28.05 1.03 23.14
CA ASN E 352 28.86 1.50 22.02
C ASN E 352 28.03 1.67 20.77
N GLU E 353 27.12 0.73 20.50
CA GLU E 353 26.28 0.81 19.32
C GLU E 353 25.31 1.98 19.37
N ASN E 354 25.08 2.57 20.53
CA ASN E 354 24.19 3.72 20.70
C ASN E 354 25.01 4.88 21.24
N ARG E 355 25.58 5.65 20.31
CA ARG E 355 26.37 6.83 20.66
C ARG E 355 25.90 8.08 19.94
N ASP E 356 25.06 7.95 18.91
CA ASP E 356 24.69 9.05 18.04
C ASP E 356 23.44 9.78 18.49
N HIS E 357 22.33 9.07 18.64
CA HIS E 357 21.06 9.70 18.94
C HIS E 357 21.02 10.32 20.34
N ILE E 358 21.98 10.00 21.19
CA ILE E 358 22.11 10.62 22.50
C ILE E 358 23.03 11.82 22.32
N LYS E 359 22.46 13.02 22.43
CA LYS E 359 23.25 14.22 22.19
C LYS E 359 24.23 14.51 23.32
N SER E 360 23.86 14.20 24.56
CA SER E 360 24.75 14.46 25.68
C SER E 360 26.03 13.65 25.57
N LEU E 361 25.92 12.37 25.19
CA LEU E 361 27.11 11.56 25.02
C LEU E 361 27.96 12.03 23.85
N ASN E 362 27.35 12.59 22.81
CA ASN E 362 28.11 13.15 21.71
C ASN E 362 28.88 14.41 22.15
N ARG E 363 28.22 15.27 22.93
CA ARG E 363 28.91 16.39 23.56
C ARG E 363 30.09 15.92 24.40
N LEU E 364 29.88 14.85 25.18
CA LEU E 364 30.96 14.30 25.98
C LEU E 364 32.10 13.80 25.11
N ASP E 365 31.78 13.09 24.03
CA ASP E 365 32.80 12.55 23.13
C ASP E 365 33.64 13.68 22.53
N PHE E 366 33.01 14.78 22.13
CA PHE E 366 33.80 15.90 21.61
C PHE E 366 34.58 16.60 22.72
N ILE E 367 34.04 16.64 23.94
CA ILE E 367 34.60 17.45 25.01
C ILE E 367 35.51 16.69 25.97
N THR E 368 35.58 15.36 25.84
CA THR E 368 36.40 14.55 26.74
C THR E 368 37.66 13.99 26.09
N ASN E 369 37.50 13.31 24.95
CA ASN E 369 38.59 12.52 24.38
C ASN E 369 39.53 13.34 23.50
N GLU E 370 39.24 14.61 23.23
CA GLU E 370 40.15 15.41 22.41
C GLU E 370 41.43 15.81 23.15
N SER E 371 41.44 15.72 24.48
CA SER E 371 42.61 16.06 25.27
C SER E 371 43.08 14.90 26.13
N ASP E 372 42.76 13.66 25.73
CA ASP E 372 43.17 12.49 26.49
C ASP E 372 44.69 12.35 26.47
N LEU E 373 45.24 11.93 27.61
CA LEU E 373 46.68 11.76 27.74
C LEU E 373 47.01 10.66 28.75
N ASN E 377 46.31 22.32 32.96
CA ASN E 377 46.48 22.31 31.51
C ASN E 377 45.13 22.40 30.81
N VAL E 378 44.45 21.26 30.68
CA VAL E 378 43.15 21.24 30.03
C VAL E 378 42.12 21.96 30.86
N VAL E 379 42.20 21.83 32.19
CA VAL E 379 41.24 22.46 33.09
C VAL E 379 41.42 23.97 33.18
N ARG E 380 42.52 24.51 32.64
CA ARG E 380 42.76 25.95 32.74
C ARG E 380 41.71 26.75 31.99
N GLN E 381 41.33 26.30 30.80
CA GLN E 381 40.33 27.00 30.00
C GLN E 381 38.91 26.55 30.26
N LEU E 382 38.72 25.36 30.85
CA LEU E 382 37.38 24.90 31.16
C LEU E 382 36.69 25.80 32.19
N LEU E 383 37.44 26.24 33.20
CA LEU E 383 36.88 27.17 34.18
C LEU E 383 36.52 28.51 33.56
N ALA E 384 37.36 29.01 32.65
CA ALA E 384 37.12 30.29 32.01
C ALA E 384 36.02 30.22 30.95
N ALA E 385 35.70 29.02 30.46
CA ALA E 385 34.65 28.84 29.46
C ALA E 385 33.26 28.68 30.05
N LEU E 386 33.15 28.06 31.22
CA LEU E 386 31.87 27.79 31.85
C LEU E 386 31.62 28.64 33.09
N ALA E 387 32.32 29.77 33.24
CA ALA E 387 32.14 30.65 34.37
C ALA E 387 30.97 31.60 34.09
N GLN E 388 29.77 31.04 34.11
CA GLN E 388 28.56 31.81 33.86
C GLN E 388 27.80 32.08 35.16
N LEU F 41 -0.54 5.13 22.13
CA LEU F 41 0.48 4.13 22.42
C LEU F 41 -0.07 3.02 23.32
N LEU F 42 0.48 1.82 23.18
CA LEU F 42 0.05 0.67 23.95
C LEU F 42 1.27 -0.04 24.51
N GLN F 43 1.18 -0.48 25.78
CA GLN F 43 2.28 -1.14 26.44
C GLN F 43 1.90 -2.48 27.07
N LEU F 44 0.60 -2.76 27.25
CA LEU F 44 0.15 -4.00 27.87
C LEU F 44 -0.22 -4.99 26.79
N LYS F 45 0.41 -6.16 26.81
CA LYS F 45 0.11 -7.24 25.90
C LYS F 45 -0.47 -8.42 26.66
N LEU F 46 -1.47 -9.06 26.07
CA LEU F 46 -2.21 -10.14 26.72
C LEU F 46 -1.72 -11.53 26.33
N GLU F 47 -0.64 -11.63 25.58
CA GLU F 47 -0.13 -12.91 25.11
C GLU F 47 1.24 -13.18 25.74
N LEU F 48 1.37 -14.33 26.40
CA LEU F 48 2.64 -14.74 26.95
C LEU F 48 3.54 -15.29 25.84
N PRO F 49 4.85 -15.28 26.05
CA PRO F 49 5.75 -15.95 25.08
C PRO F 49 5.45 -17.42 24.92
N PHE F 50 5.00 -18.10 25.99
CA PHE F 50 4.62 -19.50 25.88
C PHE F 50 3.46 -19.69 24.90
N ASP F 51 2.45 -18.81 24.99
CA ASP F 51 1.31 -18.92 24.07
C ASP F 51 1.74 -18.68 22.63
N ARG F 52 2.60 -17.68 22.40
CA ARG F 52 3.08 -17.43 21.05
C ARG F 52 3.89 -18.60 20.51
N VAL F 53 4.74 -19.18 21.35
CA VAL F 53 5.53 -20.34 20.93
C VAL F 53 4.61 -21.51 20.58
N VAL F 54 3.60 -21.75 21.41
CA VAL F 54 2.66 -22.83 21.14
C VAL F 54 1.92 -22.58 19.82
N THR F 55 1.47 -21.34 19.62
CA THR F 55 0.71 -21.01 18.41
C THR F 55 1.57 -21.20 17.17
N ILE F 56 2.83 -20.74 17.19
CA ILE F 56 3.70 -20.89 16.04
C ILE F 56 4.25 -22.30 15.90
N GLY F 57 4.12 -23.15 16.91
CA GLY F 57 4.63 -24.50 16.80
C GLY F 57 3.59 -25.57 16.55
N THR F 58 2.30 -25.26 16.74
CA THR F 58 1.26 -26.25 16.50
C THR F 58 0.18 -25.80 15.52
N VAL F 59 0.22 -24.57 15.02
CA VAL F 59 -0.80 -24.07 14.12
C VAL F 59 -0.16 -23.57 12.82
N LEU F 60 1.08 -23.12 12.92
CA LEU F 60 1.72 -22.42 11.81
C LEU F 60 2.46 -23.37 10.86
N VAL F 61 3.46 -24.08 11.37
CA VAL F 61 4.26 -24.96 10.51
C VAL F 61 3.39 -26.13 10.04
N PRO F 62 2.28 -26.49 10.74
CA PRO F 62 1.21 -27.22 10.07
C PRO F 62 0.90 -26.69 8.68
N ILE F 63 0.50 -25.42 8.63
CA ILE F 63 0.09 -24.81 7.36
C ILE F 63 1.26 -24.73 6.40
N LEU F 64 2.44 -24.34 6.89
CA LEU F 64 3.61 -24.23 6.03
C LEU F 64 4.06 -25.58 5.47
N LEU F 65 3.68 -26.68 6.11
CA LEU F 65 4.01 -28.01 5.63
C LEU F 65 2.92 -28.61 4.75
N VAL F 66 1.82 -27.90 4.53
CA VAL F 66 0.73 -28.37 3.69
C VAL F 66 0.84 -27.82 2.27
N THR F 67 1.22 -26.55 2.14
CA THR F 67 1.35 -25.95 0.81
C THR F 67 2.40 -26.65 -0.03
N LEU F 68 3.41 -27.26 0.61
CA LEU F 68 4.41 -28.03 -0.13
C LEU F 68 3.76 -29.20 -0.85
N VAL F 69 2.89 -29.94 -0.16
CA VAL F 69 2.21 -31.07 -0.79
C VAL F 69 1.30 -30.59 -1.90
N PHE F 70 0.58 -29.48 -1.68
CA PHE F 70 -0.34 -28.98 -2.71
C PHE F 70 0.42 -28.55 -3.96
N THR F 71 1.56 -27.88 -3.78
CA THR F 71 2.34 -27.45 -4.95
C THR F 71 3.08 -28.61 -5.61
N LYS F 72 3.38 -29.67 -4.86
CA LYS F 72 4.01 -30.85 -5.47
C LYS F 72 3.01 -31.67 -6.27
N ASN F 73 1.81 -31.88 -5.73
CA ASN F 73 0.82 -32.71 -6.40
C ASN F 73 0.26 -32.03 -7.64
N PHE F 74 -0.02 -30.73 -7.56
CA PHE F 74 -0.60 -30.00 -8.67
C PHE F 74 0.39 -29.77 -9.82
N ALA F 75 1.66 -30.05 -9.62
CA ALA F 75 2.69 -29.87 -10.65
C ALA F 75 3.13 -31.19 -11.26
N GLU F 76 2.25 -32.19 -11.29
CA GLU F 76 2.59 -33.48 -11.85
C GLU F 76 1.32 -34.21 -12.25
N GLU F 77 1.49 -35.25 -13.06
CA GLU F 77 0.35 -36.06 -13.49
C GLU F 77 -0.18 -36.87 -12.32
N PRO F 78 -1.50 -36.91 -12.10
CA PRO F 78 -2.04 -37.59 -10.91
C PRO F 78 -1.72 -39.08 -10.84
N ILE F 79 -1.63 -39.77 -11.98
CA ILE F 79 -1.46 -41.22 -11.98
C ILE F 79 -0.88 -41.62 -13.33
N TYR F 80 -0.12 -42.72 -13.34
CA TYR F 80 0.45 -43.25 -14.57
C TYR F 80 -0.01 -44.69 -14.77
N CYS F 81 -0.56 -44.99 -15.94
CA CYS F 81 -1.10 -46.32 -16.20
C CYS F 81 -0.51 -46.90 -17.47
N TYR F 82 -0.43 -48.24 -17.49
CA TYR F 82 0.18 -48.98 -18.60
C TYR F 82 -0.95 -49.45 -19.52
N THR F 83 -1.35 -48.58 -20.43
CA THR F 83 -2.42 -48.90 -21.35
C THR F 83 -1.97 -49.93 -22.38
N PRO F 84 -2.89 -50.76 -22.90
CA PRO F 84 -2.51 -51.74 -23.92
C PRO F 84 -2.13 -51.10 -25.24
N HIS F 85 -1.77 -51.93 -26.23
CA HIS F 85 -1.27 -51.41 -27.51
C HIS F 85 -2.40 -50.79 -28.32
N ASN F 86 -3.45 -51.56 -28.61
CA ASN F 86 -4.53 -51.12 -29.47
C ASN F 86 -5.50 -50.20 -28.73
N PHE F 87 -4.96 -49.10 -28.20
CA PHE F 87 -5.72 -48.08 -27.52
C PHE F 87 -5.42 -46.73 -28.16
N THR F 88 -6.46 -46.06 -28.64
CA THR F 88 -6.26 -44.74 -29.23
C THR F 88 -5.94 -43.72 -28.14
N ARG F 89 -5.41 -42.58 -28.57
CA ARG F 89 -4.95 -41.56 -27.62
C ARG F 89 -6.07 -40.95 -26.80
N ASP F 90 -7.33 -41.06 -27.26
CA ASP F 90 -8.47 -40.62 -26.46
C ASP F 90 -9.17 -41.76 -25.74
N GLN F 91 -9.00 -43.00 -26.20
CA GLN F 91 -9.53 -44.16 -25.47
C GLN F 91 -8.69 -44.50 -24.25
N ALA F 92 -7.42 -44.10 -24.22
CA ALA F 92 -6.56 -44.35 -23.08
C ALA F 92 -6.63 -43.23 -22.05
N LEU F 93 -7.26 -42.10 -22.37
CA LEU F 93 -7.49 -41.06 -21.38
C LEU F 93 -8.61 -41.44 -20.42
N TYR F 94 -9.61 -42.17 -20.88
CA TYR F 94 -10.63 -42.69 -19.97
C TYR F 94 -10.02 -43.65 -18.97
N ALA F 95 -9.11 -44.51 -19.42
CA ALA F 95 -8.46 -45.46 -18.53
C ALA F 95 -7.57 -44.78 -17.49
N ARG F 96 -7.10 -43.57 -17.78
CA ARG F 96 -6.25 -42.83 -16.87
C ARG F 96 -7.02 -41.87 -15.97
N GLY F 97 -8.22 -41.47 -16.38
CA GLY F 97 -9.05 -40.61 -15.55
C GLY F 97 -10.16 -41.34 -14.84
N TYR F 98 -10.27 -42.65 -15.10
CA TYR F 98 -11.30 -43.48 -14.49
C TYR F 98 -10.76 -44.31 -13.33
N CYS F 99 -9.49 -44.67 -13.36
CA CYS F 99 -8.84 -45.38 -12.26
C CYS F 99 -8.30 -44.44 -11.20
N TRP F 100 -8.42 -43.13 -11.41
CA TRP F 100 -8.04 -42.13 -10.42
C TRP F 100 -9.21 -41.67 -9.57
N THR F 101 -10.43 -41.66 -10.12
CA THR F 101 -11.63 -41.40 -9.34
C THR F 101 -12.23 -42.65 -8.73
N GLU F 102 -11.73 -43.83 -9.11
CA GLU F 102 -12.19 -45.10 -8.52
C GLU F 102 -11.29 -45.51 -7.36
N LEU F 103 -10.01 -45.69 -7.63
CA LEU F 103 -9.01 -46.04 -6.62
C LEU F 103 -9.40 -47.32 -5.88
N ARG F 104 -9.51 -48.40 -6.64
CA ARG F 104 -9.93 -49.69 -6.10
C ARG F 104 -9.07 -50.79 -6.72
N ASP F 105 -8.33 -51.51 -5.88
CA ASP F 105 -7.53 -52.64 -6.34
C ASP F 105 -8.46 -53.77 -6.80
N ALA F 106 -7.93 -54.63 -7.66
CA ALA F 106 -8.68 -55.77 -8.19
C ALA F 106 -7.85 -57.03 -7.97
N LEU F 107 -8.01 -57.65 -6.80
CA LEU F 107 -7.34 -58.90 -6.52
C LEU F 107 -7.99 -60.03 -7.30
N PRO F 108 -7.22 -60.90 -7.95
CA PRO F 108 -7.83 -62.00 -8.71
C PRO F 108 -8.54 -62.99 -7.80
N GLY F 109 -9.59 -63.59 -8.33
CA GLY F 109 -10.34 -64.63 -7.63
C GLY F 109 -11.46 -64.13 -6.73
N VAL F 110 -11.19 -63.11 -5.94
CA VAL F 110 -12.17 -62.59 -4.97
C VAL F 110 -13.29 -61.88 -5.70
N ASP F 111 -14.38 -61.61 -4.99
CA ASP F 111 -15.56 -60.97 -5.57
C ASP F 111 -15.31 -59.46 -5.68
N ALA F 112 -16.36 -58.71 -6.02
CA ALA F 112 -16.27 -57.27 -6.21
C ALA F 112 -16.50 -56.49 -4.93
N SER F 113 -16.73 -57.16 -3.80
CA SER F 113 -16.97 -56.48 -2.53
C SER F 113 -15.76 -56.48 -1.61
N LEU F 114 -14.81 -57.40 -1.79
CA LEU F 114 -13.63 -57.50 -0.94
C LEU F 114 -12.41 -56.82 -1.58
N TRP F 115 -12.63 -55.80 -2.40
CA TRP F 115 -11.53 -55.09 -3.03
C TRP F 115 -11.06 -53.95 -2.13
N PRO F 116 -9.81 -53.96 -1.68
CA PRO F 116 -9.33 -52.86 -0.84
C PRO F 116 -9.33 -51.53 -1.58
N SER F 117 -9.60 -50.46 -0.85
CA SER F 117 -9.67 -49.12 -1.40
C SER F 117 -8.37 -48.36 -1.13
N LEU F 118 -8.22 -47.23 -1.82
CA LEU F 118 -7.04 -46.39 -1.69
C LEU F 118 -7.42 -44.91 -1.62
N PHE F 119 -8.58 -44.60 -1.07
CA PHE F 119 -9.06 -43.22 -1.01
C PHE F 119 -8.26 -42.37 -0.03
N GLU F 120 -7.52 -42.99 0.90
CA GLU F 120 -6.77 -42.22 1.89
C GLU F 120 -5.70 -41.35 1.25
N HIS F 121 -4.99 -41.90 0.26
CA HIS F 121 -3.94 -41.12 -0.40
C HIS F 121 -4.50 -39.90 -1.12
N LYS F 122 -5.67 -40.04 -1.73
CA LYS F 122 -6.32 -38.91 -2.38
C LYS F 122 -6.93 -37.93 -1.39
N PHE F 123 -7.34 -38.42 -0.21
CA PHE F 123 -8.15 -37.63 0.70
C PHE F 123 -7.35 -36.71 1.61
N LEU F 124 -6.03 -36.84 1.71
CA LEU F 124 -5.43 -36.07 2.78
C LEU F 124 -4.39 -35.06 2.28
N PRO F 125 -4.61 -34.45 1.11
CA PRO F 125 -4.27 -33.03 0.98
C PRO F 125 -5.06 -32.16 1.94
N TYR F 126 -6.30 -32.54 2.22
CA TYR F 126 -7.27 -31.73 2.97
C TYR F 126 -7.38 -32.15 4.42
N ALA F 127 -7.20 -33.44 4.73
CA ALA F 127 -7.24 -33.88 6.11
C ALA F 127 -6.14 -33.24 6.94
N LEU F 128 -5.03 -32.84 6.30
CA LEU F 128 -4.01 -32.04 6.97
C LEU F 128 -4.41 -30.57 7.07
N LEU F 129 -5.42 -30.14 6.32
CA LEU F 129 -5.92 -28.77 6.41
C LEU F 129 -7.09 -28.62 7.37
N ALA F 130 -7.79 -29.70 7.68
CA ALA F 130 -8.86 -29.67 8.66
C ALA F 130 -8.35 -29.82 10.09
N PHE F 131 -7.07 -30.14 10.27
CA PHE F 131 -6.47 -30.23 11.59
C PHE F 131 -5.71 -28.97 11.98
N ALA F 132 -5.36 -28.13 11.01
CA ALA F 132 -4.71 -26.85 11.29
C ALA F 132 -5.72 -25.75 11.60
N ALA F 133 -7.00 -25.98 11.36
CA ALA F 133 -8.05 -25.04 11.73
C ALA F 133 -8.82 -25.48 12.97
N ILE F 134 -8.81 -26.76 13.31
CA ILE F 134 -9.40 -27.22 14.56
C ILE F 134 -8.64 -26.63 15.75
N MET F 135 -7.35 -26.38 15.59
CA MET F 135 -6.54 -25.83 16.67
C MET F 135 -6.73 -24.32 16.80
N TYR F 136 -7.99 -23.89 16.83
CA TYR F 136 -8.33 -22.48 17.04
C TYR F 136 -9.38 -22.26 18.11
N VAL F 137 -10.18 -23.26 18.46
CA VAL F 137 -11.15 -23.09 19.55
C VAL F 137 -10.46 -22.73 20.86
N PRO F 138 -9.40 -23.42 21.30
CA PRO F 138 -8.64 -22.89 22.44
C PRO F 138 -8.03 -21.52 22.18
N ALA F 139 -7.58 -21.27 20.94
CA ALA F 139 -6.98 -19.98 20.62
C ALA F 139 -8.02 -18.86 20.59
N LEU F 140 -9.25 -19.17 20.19
CA LEU F 140 -10.33 -18.19 20.15
C LEU F 140 -11.14 -18.16 21.44
N GLY F 141 -10.82 -19.01 22.41
CA GLY F 141 -11.45 -18.96 23.71
C GLY F 141 -10.87 -17.93 24.64
N TRP F 142 -9.89 -17.15 24.20
CA TRP F 142 -9.29 -16.08 24.98
C TRP F 142 -9.54 -14.71 24.39
N GLU F 143 -9.42 -14.55 23.08
CA GLU F 143 -9.63 -13.24 22.44
C GLU F 143 -11.10 -12.84 22.41
N PHE F 144 -12.02 -13.79 22.59
CA PHE F 144 -13.44 -13.50 22.55
C PHE F 144 -14.16 -13.69 23.88
N LEU F 145 -13.56 -14.41 24.83
CA LEU F 145 -14.20 -14.70 26.11
C LEU F 145 -13.65 -13.90 27.27
N ALA F 146 -12.33 -13.72 27.36
CA ALA F 146 -11.72 -13.01 28.47
C ALA F 146 -10.67 -12.02 27.97
N SER F 147 -10.98 -11.33 26.87
CA SER F 147 -10.10 -10.31 26.33
C SER F 147 -10.51 -8.91 26.74
N THR F 148 -11.53 -8.77 27.59
CA THR F 148 -11.99 -7.48 28.08
C THR F 148 -11.85 -7.33 29.59
N ARG F 149 -12.24 -8.35 30.36
CA ARG F 149 -12.18 -8.26 31.81
C ARG F 149 -10.73 -8.21 32.30
N LEU F 150 -9.86 -9.05 31.76
CA LEU F 150 -8.47 -9.09 32.20
C LEU F 150 -7.75 -7.78 31.94
N THR F 151 -7.82 -7.28 30.70
CA THR F 151 -7.19 -6.01 30.41
C THR F 151 -7.88 -4.83 31.08
N SER F 152 -9.18 -4.93 31.38
CA SER F 152 -9.84 -3.93 32.21
C SER F 152 -9.28 -3.88 33.61
N GLU F 153 -9.01 -5.04 34.22
CA GLU F 153 -8.44 -5.10 35.55
C GLU F 153 -6.94 -4.82 35.56
N LEU F 154 -6.29 -4.89 34.40
CA LEU F 154 -4.87 -4.63 34.29
C LEU F 154 -4.52 -3.19 33.94
N ASN F 155 -5.35 -2.51 33.14
CA ASN F 155 -5.12 -1.11 32.87
C ASN F 155 -5.31 -0.27 34.14
N PHE F 156 -6.18 -0.71 35.05
CA PHE F 156 -6.28 -0.05 36.34
C PHE F 156 -4.98 -0.15 37.11
N LEU F 157 -4.35 -1.33 37.12
CA LEU F 157 -3.08 -1.50 37.80
C LEU F 157 -2.00 -0.65 37.12
N LEU F 158 -2.08 -0.54 35.80
CA LEU F 158 -1.10 0.25 35.05
C LEU F 158 -1.19 1.73 35.41
N GLN F 159 -2.39 2.30 35.36
CA GLN F 159 -2.53 3.75 35.48
C GLN F 159 -2.66 4.21 36.94
N GLU F 160 -3.31 3.41 37.78
CA GLU F 160 -3.65 3.81 39.13
C GLU F 160 -2.56 3.45 40.14
N ILE F 161 -2.20 2.18 40.24
CA ILE F 161 -1.24 1.72 41.26
C ILE F 161 0.13 1.93 40.65
N ASP F 162 0.62 3.16 40.76
CA ASP F 162 1.98 3.51 40.36
C ASP F 162 2.65 4.44 41.34
N ASN F 163 1.95 4.90 42.39
CA ASN F 163 2.49 5.84 43.35
C ASN F 163 3.42 5.19 44.35
N CYS F 164 3.49 3.86 44.39
CA CYS F 164 4.35 3.17 45.33
C CYS F 164 5.80 3.26 44.87
N TYR F 165 6.65 3.86 45.71
CA TYR F 165 8.10 3.83 45.62
C TYR F 165 8.64 4.69 44.48
N HIS F 166 7.79 5.34 43.69
CA HIS F 166 8.21 6.40 42.78
C HIS F 166 7.81 7.77 43.27
N ARG F 167 6.70 7.88 44.02
CA ARG F 167 6.31 9.09 44.71
C ARG F 167 6.73 9.06 46.17
N ALA F 168 7.48 8.04 46.60
CA ALA F 168 7.87 7.88 47.99
C ALA F 168 8.87 8.94 48.45
N ALA F 169 9.43 9.72 47.53
CA ALA F 169 10.35 10.79 47.93
C ALA F 169 9.65 11.80 48.83
N GLU F 170 8.39 12.10 48.54
CA GLU F 170 7.57 12.93 49.40
C GLU F 170 6.48 12.17 50.13
N GLY F 171 6.30 10.88 49.82
CA GLY F 171 5.25 10.09 50.45
C GLY F 171 5.67 9.39 51.72
N ARG F 172 6.86 8.79 51.72
CA ARG F 172 7.35 8.06 52.88
C ARG F 172 8.81 8.34 53.22
N ALA F 173 9.59 8.95 52.33
CA ALA F 173 10.99 9.23 52.65
C ALA F 173 11.17 10.15 53.86
N PRO F 174 10.44 11.27 53.99
CA PRO F 174 10.63 12.11 55.18
C PRO F 174 9.81 11.63 56.38
N LYS F 175 9.32 10.40 56.32
CA LYS F 175 8.45 9.86 57.37
C LYS F 175 9.11 8.76 58.20
N ILE F 176 9.62 7.71 57.57
CA ILE F 176 10.11 6.56 58.32
C ILE F 176 11.54 6.79 58.82
N GLU F 177 12.48 6.99 57.90
CA GLU F 177 13.88 7.08 58.26
C GLU F 177 14.31 8.50 58.62
N LYS F 178 13.45 9.50 58.46
CA LYS F 178 13.81 10.86 58.85
C LYS F 178 13.97 10.98 60.36
N GLN F 179 13.15 10.26 61.13
CA GLN F 179 13.26 10.29 62.59
C GLN F 179 14.23 9.24 63.13
N ILE F 180 14.62 8.27 62.33
CA ILE F 180 15.55 7.24 62.80
C ILE F 180 16.95 7.82 63.00
N GLN F 181 17.38 8.70 62.08
CA GLN F 181 18.70 9.30 62.21
C GLN F 181 18.80 10.19 63.45
N SER F 182 17.74 10.94 63.74
CA SER F 182 17.74 11.90 64.86
C SER F 182 17.09 11.23 66.07
N LYS F 183 17.86 10.39 66.74
CA LYS F 183 17.41 9.76 67.98
C LYS F 183 18.63 9.34 68.78
N GLY F 184 18.41 9.14 70.07
CA GLY F 184 19.48 8.74 70.98
C GLY F 184 20.45 9.85 71.30
N THR F 188 19.00 0.87 67.91
CA THR F 188 19.50 -0.50 67.97
C THR F 188 18.91 -1.36 66.86
N GLU F 189 18.28 -2.48 67.25
CA GLU F 189 17.68 -3.36 66.27
C GLU F 189 16.31 -3.89 66.70
N ARG F 190 15.75 -3.38 67.79
CA ARG F 190 14.46 -3.83 68.31
C ARG F 190 13.42 -2.72 68.30
N GLU F 191 13.58 -1.74 67.40
CA GLU F 191 12.65 -0.63 67.31
C GLU F 191 12.21 -0.29 65.89
N LYS F 192 12.90 -0.80 64.87
CA LYS F 192 12.54 -0.47 63.49
C LYS F 192 11.15 -0.98 63.15
N ARG F 193 10.81 -2.18 63.59
CA ARG F 193 9.51 -2.76 63.28
C ARG F 193 8.38 -1.92 63.88
N GLU F 194 8.57 -1.39 65.09
CA GLU F 194 7.53 -0.60 65.73
C GLU F 194 7.20 0.64 64.91
N ILE F 195 8.21 1.34 64.40
CA ILE F 195 7.96 2.52 63.59
C ILE F 195 7.39 2.11 62.23
N ILE F 196 7.94 1.07 61.61
CA ILE F 196 7.51 0.69 60.27
C ILE F 196 6.12 0.09 60.25
N GLU F 197 5.60 -0.35 61.41
CA GLU F 197 4.26 -0.94 61.45
C GLU F 197 3.19 0.09 61.10
N ASN F 198 3.33 1.32 61.59
CA ASN F 198 2.32 2.36 61.37
C ASN F 198 2.53 3.07 60.05
N ALA F 199 2.69 2.30 58.97
CA ALA F 199 2.78 2.84 57.61
C ALA F 199 1.68 2.32 56.72
N GLU F 200 1.50 1.00 56.64
CA GLU F 200 0.44 0.39 55.86
C GLU F 200 -0.74 -0.05 56.71
N LYS F 201 -0.49 -0.49 57.95
CA LYS F 201 -1.58 -0.88 58.84
C LYS F 201 -2.50 0.30 59.14
N GLU F 202 -1.93 1.50 59.29
CA GLU F 202 -2.74 2.69 59.50
C GLU F 202 -3.61 2.97 58.27
N LYS F 203 -4.83 3.44 58.52
CA LYS F 203 -5.79 3.71 57.45
C LYS F 203 -5.40 5.00 56.74
N SER F 204 -4.34 4.90 55.94
CA SER F 204 -3.85 6.02 55.16
C SER F 204 -4.80 6.32 54.02
N PRO F 205 -4.76 7.53 53.46
CA PRO F 205 -5.57 7.82 52.26
C PRO F 205 -5.23 6.91 51.09
N GLU F 206 -3.97 6.51 50.95
CA GLU F 206 -3.57 5.57 49.90
C GLU F 206 -3.55 4.13 50.46
N GLN F 207 -4.70 3.73 50.98
CA GLN F 207 -4.86 2.39 51.53
C GLN F 207 -6.12 1.66 51.05
N ASN F 208 -7.14 2.38 50.57
CA ASN F 208 -8.34 1.72 50.06
C ASN F 208 -8.06 0.96 48.76
N LEU F 209 -6.95 1.25 48.09
CA LEU F 209 -6.58 0.56 46.87
C LEU F 209 -5.62 -0.60 47.11
N PHE F 210 -5.26 -0.87 48.36
CA PHE F 210 -4.32 -1.94 48.69
C PHE F 210 -4.88 -2.80 49.81
N GLU F 211 -4.61 -4.11 49.71
CA GLU F 211 -5.02 -5.13 50.68
C GLU F 211 -6.52 -5.38 50.63
N LYS F 212 -7.24 -4.58 49.83
CA LYS F 212 -8.63 -4.90 49.51
C LYS F 212 -8.72 -5.74 48.25
N TYR F 213 -7.87 -5.45 47.26
CA TYR F 213 -7.75 -6.30 46.09
C TYR F 213 -7.27 -7.70 46.50
N LEU F 214 -6.32 -7.77 47.42
CA LEU F 214 -5.84 -9.06 47.90
C LEU F 214 -6.96 -9.83 48.61
N GLU F 215 -7.78 -9.12 49.39
CA GLU F 215 -8.87 -9.78 50.10
C GLU F 215 -9.97 -10.25 49.14
N ARG F 216 -10.23 -9.49 48.08
CA ARG F 216 -11.29 -9.87 47.16
C ARG F 216 -10.84 -10.99 46.21
N ARG F 217 -9.69 -10.83 45.58
CA ARG F 217 -9.19 -11.78 44.58
C ARG F 217 -8.41 -12.92 45.21
N GLY F 218 -8.28 -12.94 46.53
CA GLY F 218 -7.59 -14.02 47.21
C GLY F 218 -8.39 -15.29 47.35
N ARG F 219 -9.66 -15.28 46.97
CA ARG F 219 -10.51 -16.47 47.01
C ARG F 219 -11.32 -16.69 45.74
N SER F 220 -11.43 -15.70 44.86
CA SER F 220 -12.20 -15.83 43.63
C SER F 220 -11.31 -16.41 42.54
N ASN F 221 -11.23 -17.74 42.51
CA ASN F 221 -10.41 -18.46 41.53
C ASN F 221 -11.20 -18.68 40.24
N PHE F 222 -11.40 -17.56 39.52
CA PHE F 222 -12.11 -17.58 38.24
C PHE F 222 -11.17 -17.61 37.05
N LEU F 223 -10.15 -16.75 37.04
CA LEU F 223 -9.21 -16.73 35.92
C LEU F 223 -8.45 -18.04 35.80
N ALA F 224 -8.04 -18.62 36.93
CA ALA F 224 -7.37 -19.91 36.90
C ALA F 224 -8.30 -21.03 36.45
N LYS F 225 -9.61 -20.80 36.48
CA LYS F 225 -10.59 -21.75 35.96
C LYS F 225 -10.80 -21.62 34.46
N LEU F 226 -10.17 -20.63 33.82
CA LEU F 226 -10.29 -20.41 32.38
C LEU F 226 -8.97 -20.52 31.65
N TYR F 227 -7.87 -20.00 32.21
CA TYR F 227 -6.57 -20.16 31.59
C TYR F 227 -6.16 -21.62 31.59
N LEU F 228 -6.49 -22.36 32.65
CA LEU F 228 -6.27 -23.80 32.66
C LEU F 228 -7.07 -24.48 31.56
N ALA F 229 -8.33 -24.08 31.37
CA ALA F 229 -9.15 -24.61 30.29
C ALA F 229 -8.64 -24.20 28.91
N ARG F 230 -7.82 -23.15 28.83
CA ARG F 230 -7.19 -22.75 27.58
C ARG F 230 -6.11 -23.72 27.13
N HIS F 231 -5.37 -24.31 28.05
CA HIS F 231 -4.28 -25.23 27.72
C HIS F 231 -4.67 -26.69 27.83
N VAL F 232 -5.45 -27.06 28.85
CA VAL F 232 -5.89 -28.44 29.00
C VAL F 232 -6.83 -28.87 27.88
N LEU F 233 -7.44 -27.93 27.17
CA LEU F 233 -8.28 -28.25 26.02
C LEU F 233 -7.46 -28.49 24.76
N ILE F 234 -6.40 -27.69 24.56
CA ILE F 234 -5.51 -27.93 23.44
C ILE F 234 -4.71 -29.21 23.61
N LEU F 235 -4.56 -29.70 24.84
CA LEU F 235 -3.93 -30.99 25.07
C LEU F 235 -4.86 -32.15 24.72
N LEU F 236 -6.17 -31.93 24.74
CA LEU F 236 -7.14 -32.95 24.36
C LEU F 236 -7.59 -32.84 22.91
N LEU F 237 -7.56 -31.63 22.33
CA LEU F 237 -7.86 -31.48 20.92
C LEU F 237 -6.77 -32.12 20.05
N SER F 238 -5.53 -32.12 20.54
CA SER F 238 -4.43 -32.75 19.82
C SER F 238 -4.39 -34.24 20.10
N ALA F 239 -5.52 -34.93 19.95
CA ALA F 239 -5.59 -36.36 20.12
C ALA F 239 -5.92 -37.09 18.84
N VAL F 240 -7.05 -36.78 18.20
CA VAL F 240 -7.39 -37.41 16.93
C VAL F 240 -6.51 -36.87 15.80
N PRO F 241 -5.98 -35.63 15.86
CA PRO F 241 -4.84 -35.30 15.00
C PRO F 241 -3.77 -36.39 14.98
N ILE F 242 -3.35 -36.84 16.16
CA ILE F 242 -2.31 -37.85 16.25
C ILE F 242 -2.86 -39.26 15.99
N SER F 243 -4.06 -39.56 16.48
CA SER F 243 -4.62 -40.89 16.34
C SER F 243 -5.06 -41.20 14.90
N TYR F 244 -5.25 -40.18 14.07
CA TYR F 244 -5.66 -40.43 12.69
C TYR F 244 -4.47 -40.80 11.82
N LEU F 245 -3.50 -39.90 11.71
CA LEU F 245 -2.31 -40.15 10.88
C LEU F 245 -1.23 -40.89 11.66
N CYS F 246 -1.66 -41.96 12.34
CA CYS F 246 -0.74 -42.89 13.00
C CYS F 246 -1.02 -44.29 12.48
N THR F 247 -2.30 -44.60 12.28
CA THR F 247 -2.67 -45.81 11.56
C THR F 247 -2.49 -45.65 10.05
N TYR F 248 -2.56 -44.42 9.53
CA TYR F 248 -2.24 -44.18 8.13
C TYR F 248 -0.78 -44.48 7.83
N TYR F 249 0.12 -44.13 8.75
CA TYR F 249 1.54 -44.41 8.57
C TYR F 249 1.84 -45.90 8.66
N ALA F 250 0.93 -46.71 9.20
CA ALA F 250 1.20 -48.12 9.43
C ALA F 250 0.39 -49.07 8.55
N THR F 251 -0.69 -48.60 7.93
CA THR F 251 -1.55 -49.47 7.13
C THR F 251 -1.64 -49.08 5.67
N GLN F 252 -1.20 -47.89 5.28
CA GLN F 252 -1.26 -47.43 3.89
C GLN F 252 0.17 -47.28 3.39
N LYS F 253 0.66 -48.32 2.71
CA LYS F 253 2.03 -48.34 2.21
C LYS F 253 2.11 -48.47 0.70
N GLN F 254 1.33 -49.36 0.11
CA GLN F 254 1.46 -49.65 -1.31
C GLN F 254 0.99 -48.48 -2.15
N ASN F 255 1.56 -48.38 -3.37
CA ASN F 255 1.19 -47.34 -4.32
C ASN F 255 1.10 -47.90 -5.73
N GLU F 256 0.75 -49.17 -5.86
CA GLU F 256 0.66 -49.82 -7.17
C GLU F 256 -0.52 -50.79 -7.12
N PHE F 257 -1.55 -50.52 -7.91
CA PHE F 257 -2.76 -51.35 -7.93
C PHE F 257 -3.15 -51.64 -9.37
N THR F 258 -3.82 -52.76 -9.57
CA THR F 258 -4.27 -53.22 -10.89
C THR F 258 -5.73 -52.84 -11.07
N CYS F 259 -5.95 -51.68 -11.68
CA CYS F 259 -7.32 -51.22 -11.93
C CYS F 259 -7.95 -52.03 -13.06
N ALA F 260 -9.28 -52.11 -13.03
CA ALA F 260 -10.03 -52.91 -13.99
C ALA F 260 -11.18 -52.08 -14.55
N LEU F 261 -11.24 -51.98 -15.88
CA LEU F 261 -12.35 -51.33 -16.55
C LEU F 261 -13.39 -52.39 -16.96
N GLY F 262 -14.35 -51.99 -17.80
CA GLY F 262 -15.36 -52.93 -18.25
C GLY F 262 -16.30 -52.26 -19.23
N ALA F 263 -17.21 -53.09 -19.77
CA ALA F 263 -18.25 -52.63 -20.69
C ALA F 263 -17.65 -51.97 -21.93
N SER F 264 -16.88 -52.75 -22.67
CA SER F 264 -16.31 -52.26 -23.92
C SER F 264 -17.42 -52.09 -24.96
N PRO F 265 -17.35 -51.05 -25.79
CA PRO F 265 -18.39 -50.82 -26.81
C PRO F 265 -18.13 -51.65 -28.06
N ASP F 266 -19.07 -52.51 -28.40
CA ASP F 266 -18.94 -53.36 -29.58
C ASP F 266 -19.95 -52.95 -30.66
N PRO F 273 -15.09 -57.32 -23.71
CA PRO F 273 -14.36 -57.97 -22.62
C PRO F 273 -13.69 -56.97 -21.68
N ALA F 274 -13.61 -57.32 -20.40
CA ALA F 274 -12.98 -56.45 -19.42
C ALA F 274 -11.47 -56.42 -19.61
N VAL F 275 -10.88 -55.23 -19.45
CA VAL F 275 -9.44 -55.03 -19.59
C VAL F 275 -8.90 -54.49 -18.27
N ARG F 276 -7.75 -55.01 -17.86
CA ARG F 276 -7.10 -54.63 -16.61
C ARG F 276 -5.79 -53.93 -16.92
N VAL F 277 -5.54 -52.81 -16.24
CA VAL F 277 -4.31 -52.03 -16.41
C VAL F 277 -3.70 -51.79 -15.05
N SER F 278 -2.39 -51.99 -14.95
CA SER F 278 -1.65 -51.73 -13.72
C SER F 278 -1.18 -50.29 -13.70
N CYS F 279 -1.56 -49.55 -12.66
CA CYS F 279 -1.28 -48.14 -12.56
C CYS F 279 -0.27 -47.87 -11.44
N LYS F 280 0.07 -46.60 -11.26
CA LYS F 280 1.12 -46.18 -10.35
C LYS F 280 0.82 -44.77 -9.86
N LEU F 281 1.00 -44.58 -8.56
CA LEU F 281 0.71 -43.33 -7.87
C LEU F 281 2.00 -42.58 -7.59
N PRO F 282 2.22 -41.40 -8.18
CA PRO F 282 3.48 -40.68 -7.97
C PRO F 282 3.72 -40.22 -6.53
N SER F 283 2.76 -39.47 -5.97
CA SER F 283 2.97 -38.77 -4.71
C SER F 283 2.43 -39.59 -3.55
N VAL F 284 3.15 -40.66 -3.22
CA VAL F 284 2.85 -41.45 -2.04
C VAL F 284 4.08 -41.47 -1.14
N GLN F 285 5.27 -41.37 -1.75
CA GLN F 285 6.51 -41.41 -0.98
C GLN F 285 6.81 -40.11 -0.26
N LEU F 286 6.20 -39.00 -0.68
CA LEU F 286 6.37 -37.72 0.00
C LEU F 286 5.23 -37.41 0.95
N GLN F 287 4.03 -37.93 0.68
CA GLN F 287 2.89 -37.69 1.57
C GLN F 287 3.17 -38.23 2.97
N ARG F 288 3.70 -39.44 3.06
CA ARG F 288 4.07 -40.00 4.36
C ARG F 288 5.53 -39.71 4.69
N ILE F 289 5.90 -38.43 4.52
CA ILE F 289 7.15 -37.90 5.06
C ILE F 289 6.75 -36.66 5.86
N ILE F 290 5.63 -36.05 5.47
CA ILE F 290 4.98 -35.02 6.25
C ILE F 290 3.77 -35.59 7.00
N ALA F 291 3.77 -36.89 7.24
CA ALA F 291 2.69 -37.64 7.88
C ALA F 291 3.26 -38.51 8.98
N GLY F 292 4.02 -37.90 9.88
CA GLY F 292 4.87 -38.60 10.81
C GLY F 292 6.08 -37.77 11.17
N VAL F 293 6.27 -36.66 10.46
CA VAL F 293 7.01 -35.54 11.03
C VAL F 293 6.07 -34.71 11.90
N ASP F 294 4.83 -34.54 11.45
CA ASP F 294 3.81 -33.93 12.29
C ASP F 294 3.52 -34.77 13.53
N ILE F 295 3.72 -36.08 13.47
CA ILE F 295 3.51 -36.94 14.64
C ILE F 295 4.40 -36.49 15.79
N VAL F 296 5.69 -36.34 15.54
CA VAL F 296 6.61 -35.93 16.59
C VAL F 296 6.50 -34.43 16.85
N LEU F 297 6.14 -33.66 15.82
CA LEU F 297 5.98 -32.22 16.00
C LEU F 297 4.79 -31.88 16.90
N LEU F 298 3.76 -32.73 16.93
CA LEU F 298 2.60 -32.51 17.78
C LEU F 298 2.66 -33.31 19.08
N CYS F 299 3.37 -34.43 19.10
CA CYS F 299 3.56 -35.19 20.33
C CYS F 299 4.61 -34.59 21.25
N VAL F 300 5.46 -33.70 20.73
CA VAL F 300 6.43 -33.00 21.58
C VAL F 300 5.83 -31.73 22.17
N MET F 301 4.76 -31.19 21.58
CA MET F 301 4.06 -30.06 22.16
C MET F 301 3.08 -30.45 23.26
N ASN F 302 2.83 -31.75 23.43
CA ASN F 302 2.01 -32.25 24.51
C ASN F 302 2.81 -32.56 25.77
N LEU F 303 4.11 -32.31 25.75
CA LEU F 303 4.98 -32.52 26.89
C LEU F 303 5.44 -31.22 27.54
N ILE F 304 5.81 -30.21 26.75
CA ILE F 304 6.18 -28.92 27.31
C ILE F 304 4.97 -28.26 27.97
N ILE F 305 3.79 -28.39 27.37
CA ILE F 305 2.57 -27.85 28.00
C ILE F 305 2.30 -28.57 29.31
N LEU F 306 2.46 -29.90 29.32
CA LEU F 306 2.21 -30.67 30.53
C LEU F 306 3.18 -30.27 31.65
N VAL F 307 4.48 -30.13 31.34
CA VAL F 307 5.44 -29.79 32.38
C VAL F 307 5.21 -28.36 32.86
N ASN F 308 4.88 -27.43 31.94
CA ASN F 308 4.57 -26.08 32.35
C ASN F 308 3.38 -26.05 33.30
N LEU F 309 2.30 -26.75 32.94
CA LEU F 309 1.09 -26.75 33.77
C LEU F 309 1.33 -27.42 35.12
N ILE F 310 2.10 -28.50 35.16
CA ILE F 310 2.33 -29.17 36.44
C ILE F 310 3.24 -28.35 37.33
N HIS F 311 4.29 -27.74 36.78
CA HIS F 311 5.22 -26.98 37.62
C HIS F 311 4.63 -25.64 38.06
N LEU F 312 3.70 -25.07 37.29
CA LEU F 312 3.03 -23.86 37.74
C LEU F 312 2.11 -24.13 38.91
N PHE F 313 1.37 -25.24 38.87
CA PHE F 313 0.33 -25.51 39.85
C PHE F 313 0.79 -26.35 41.04
N ILE F 314 1.96 -26.96 40.98
CA ILE F 314 2.41 -27.82 42.08
C ILE F 314 3.84 -27.54 42.54
N PHE F 315 4.67 -26.82 41.80
CA PHE F 315 6.07 -26.64 42.19
C PHE F 315 6.45 -25.19 42.41
N ARG F 316 6.03 -24.28 41.52
CA ARG F 316 6.45 -22.89 41.64
C ARG F 316 5.57 -22.14 42.65
N LYS F 317 6.21 -21.48 43.61
CA LYS F 317 5.51 -20.63 44.57
C LYS F 317 6.18 -19.28 44.69
N SER F 318 6.56 -18.68 43.55
CA SER F 318 7.18 -17.37 43.51
C SER F 318 6.38 -16.50 42.55
N ASN F 319 5.49 -15.66 43.09
CA ASN F 319 4.59 -14.88 42.26
C ASN F 319 5.30 -13.72 41.58
N PHE F 320 6.15 -13.01 42.32
CA PHE F 320 6.83 -11.78 41.90
C PHE F 320 5.84 -10.61 41.89
N ILE F 321 4.55 -10.91 42.07
CA ILE F 321 3.55 -9.85 42.19
C ILE F 321 3.37 -9.43 43.65
N PHE F 322 3.69 -10.30 44.60
CA PHE F 322 3.69 -9.94 46.01
C PHE F 322 4.93 -10.48 46.73
N ASP F 323 5.83 -11.15 46.02
CA ASP F 323 7.09 -11.62 46.60
C ASP F 323 8.20 -10.59 46.45
N LYS F 324 8.30 -9.96 45.28
CA LYS F 324 9.28 -8.89 45.10
C LYS F 324 8.97 -7.70 46.00
N LEU F 325 7.67 -7.38 46.16
CA LEU F 325 7.23 -6.24 46.97
C LEU F 325 6.88 -6.66 48.40
N HIS F 326 7.53 -7.69 48.92
CA HIS F 326 7.28 -8.15 50.28
C HIS F 326 8.33 -7.69 51.28
N LYS F 327 9.55 -7.39 50.82
CA LYS F 327 10.63 -6.92 51.69
C LYS F 327 10.67 -5.40 51.80
N VAL F 328 10.05 -4.70 50.85
CA VAL F 328 10.22 -3.26 50.73
C VAL F 328 9.12 -2.50 51.46
N GLY F 329 8.37 -3.20 52.31
CA GLY F 329 7.42 -2.51 53.17
C GLY F 329 6.04 -3.10 53.28
N ILE F 330 5.48 -3.60 52.18
CA ILE F 330 4.15 -4.21 52.19
C ILE F 330 4.35 -5.71 52.41
N LYS F 331 4.12 -6.15 53.64
CA LYS F 331 4.24 -7.56 54.01
C LYS F 331 2.86 -8.19 54.01
N THR F 332 2.74 -9.33 53.33
CA THR F 332 1.47 -10.02 53.19
C THR F 332 1.35 -11.13 54.22
N ARG F 333 0.22 -11.17 54.93
CA ARG F 333 -0.03 -12.23 55.89
C ARG F 333 -0.20 -13.56 55.16
N ARG F 334 0.07 -14.65 55.89
CA ARG F 334 0.04 -15.98 55.28
C ARG F 334 -1.38 -16.44 55.03
N GLN F 335 -2.08 -15.74 54.13
CA GLN F 335 -3.41 -16.15 53.68
C GLN F 335 -3.40 -16.66 52.25
N TRP F 336 -2.25 -16.63 51.58
CA TRP F 336 -2.12 -17.11 50.20
C TRP F 336 -1.49 -18.49 50.11
N ARG F 337 -0.70 -18.89 51.11
CA ARG F 337 0.01 -20.17 51.05
C ARG F 337 -0.93 -21.37 51.06
N ARG F 338 -2.20 -21.17 51.42
CA ARG F 338 -3.15 -22.28 51.46
C ARG F 338 -3.57 -22.74 50.08
N SER F 339 -3.49 -21.88 49.07
CA SER F 339 -3.91 -22.25 47.72
C SER F 339 -3.18 -21.40 46.70
N GLN F 340 -2.75 -22.03 45.60
CA GLN F 340 -2.07 -21.34 44.52
C GLN F 340 -2.96 -21.17 43.29
N PHE F 341 -4.27 -21.26 43.47
CA PHE F 341 -5.23 -21.19 42.37
C PHE F 341 -5.83 -19.80 42.21
N CYS F 342 -5.30 -18.80 42.90
CA CYS F 342 -5.82 -17.45 42.81
C CYS F 342 -5.49 -16.82 41.47
N ASP F 343 -6.30 -15.81 41.09
CA ASP F 343 -6.07 -15.10 39.85
C ASP F 343 -4.84 -14.20 39.92
N ILE F 344 -4.37 -13.86 41.12
CA ILE F 344 -3.19 -13.02 41.25
C ILE F 344 -1.96 -13.73 40.69
N ASN F 345 -1.93 -15.06 40.77
CA ASN F 345 -0.81 -15.81 40.17
C ASN F 345 -0.77 -15.61 38.67
N ILE F 346 -1.94 -15.62 38.01
CA ILE F 346 -2.00 -15.40 36.58
C ILE F 346 -1.66 -13.94 36.25
N LEU F 347 -2.18 -13.00 37.05
CA LEU F 347 -1.86 -11.60 36.82
C LEU F 347 -0.37 -11.32 37.00
N ALA F 348 0.31 -12.15 37.79
CA ALA F 348 1.75 -11.97 37.97
C ALA F 348 2.51 -12.13 36.67
N MET F 349 2.13 -13.12 35.84
CA MET F 349 2.80 -13.31 34.57
C MET F 349 2.61 -12.11 33.65
N PHE F 350 1.38 -11.58 33.60
CA PHE F 350 1.11 -10.42 32.75
C PHE F 350 1.86 -9.19 33.25
N CYS F 351 1.98 -9.04 34.57
CA CYS F 351 2.78 -7.95 35.12
C CYS F 351 4.26 -8.13 34.76
N ASN F 352 4.75 -9.36 34.80
CA ASN F 352 6.15 -9.62 34.46
C ASN F 352 6.44 -9.28 33.02
N GLU F 353 5.52 -9.60 32.10
CA GLU F 353 5.72 -9.33 30.69
C GLU F 353 5.69 -7.84 30.38
N ASN F 354 5.22 -7.00 31.31
CA ASN F 354 5.17 -5.55 31.13
C ASN F 354 6.00 -4.91 32.24
N ARG F 355 7.30 -4.76 31.97
CA ARG F 355 8.22 -4.14 32.91
C ARG F 355 9.01 -2.99 32.29
N ASP F 356 9.01 -2.87 30.96
CA ASP F 356 9.86 -1.92 30.26
C ASP F 356 9.21 -0.57 30.04
N HIS F 357 8.05 -0.55 29.36
CA HIS F 357 7.42 0.71 28.97
C HIS F 357 6.93 1.51 30.17
N ILE F 358 6.86 0.90 31.36
CA ILE F 358 6.51 1.60 32.59
C ILE F 358 7.83 2.07 33.19
N LYS F 359 8.06 3.39 33.17
CA LYS F 359 9.33 3.91 33.65
C LYS F 359 9.44 3.87 35.16
N SER F 360 8.33 4.04 35.88
CA SER F 360 8.38 4.02 37.34
C SER F 360 8.81 2.64 37.84
N LEU F 361 8.28 1.57 37.24
CA LEU F 361 8.68 0.24 37.65
C LEU F 361 10.14 -0.06 37.30
N ASN F 362 10.64 0.53 36.22
CA ASN F 362 12.05 0.37 35.88
C ASN F 362 12.95 1.10 36.90
N ARG F 363 12.55 2.31 37.30
CA ARG F 363 13.23 3.00 38.39
C ARG F 363 13.22 2.16 39.66
N LEU F 364 12.07 1.55 39.97
CA LEU F 364 11.99 0.67 41.14
C LEU F 364 12.94 -0.51 41.01
N ASP F 365 12.97 -1.15 39.84
CA ASP F 365 13.84 -2.29 39.62
C ASP F 365 15.31 -1.93 39.83
N PHE F 366 15.73 -0.76 39.36
CA PHE F 366 17.11 -0.36 39.60
C PHE F 366 17.34 0.02 41.07
N ILE F 367 16.32 0.59 41.72
CA ILE F 367 16.50 1.19 43.05
C ILE F 367 16.11 0.26 44.19
N THR F 368 15.52 -0.90 43.90
CA THR F 368 15.07 -1.83 44.94
C THR F 368 15.93 -3.08 45.04
N ASN F 369 16.13 -3.78 43.92
CA ASN F 369 16.71 -5.12 43.95
C ASN F 369 18.24 -5.12 43.94
N GLU F 370 18.90 -3.95 43.83
CA GLU F 370 20.35 -3.93 43.84
C GLU F 370 20.93 -4.14 45.23
N SER F 371 20.14 -3.96 46.29
CA SER F 371 20.59 -4.14 47.66
C SER F 371 19.77 -5.18 48.41
N ASP F 372 19.15 -6.11 47.69
CA ASP F 372 18.35 -7.16 48.32
C ASP F 372 19.24 -8.07 49.16
N LEU F 373 18.72 -8.48 50.31
CA LEU F 373 19.45 -9.35 51.22
C LEU F 373 18.50 -10.24 52.02
N ASN F 377 21.82 0.62 57.03
CA ASN F 377 22.75 0.24 55.98
C ASN F 377 22.36 0.88 54.64
N VAL F 378 21.41 0.26 53.95
CA VAL F 378 20.95 0.80 52.67
C VAL F 378 20.22 2.12 52.87
N VAL F 379 19.44 2.21 53.95
CA VAL F 379 18.66 3.42 54.21
C VAL F 379 19.52 4.59 54.67
N ARG F 380 20.80 4.36 54.97
CA ARG F 380 21.65 5.43 55.45
C ARG F 380 21.86 6.51 54.37
N GLN F 381 22.06 6.10 53.13
CA GLN F 381 22.28 7.06 52.05
C GLN F 381 20.99 7.48 51.35
N LEU F 382 19.91 6.71 51.51
CA LEU F 382 18.64 7.09 50.89
C LEU F 382 18.11 8.39 51.48
N LEU F 383 18.24 8.57 52.79
CA LEU F 383 17.80 9.82 53.40
C LEU F 383 18.67 11.00 52.95
N ALA F 384 19.98 10.79 52.81
CA ALA F 384 20.87 11.86 52.37
C ALA F 384 20.75 12.16 50.89
N ALA F 385 20.19 11.26 50.09
CA ALA F 385 20.03 11.46 48.66
C ALA F 385 18.73 12.17 48.30
N LEU F 386 17.66 11.94 49.06
CA LEU F 386 16.35 12.51 48.76
C LEU F 386 15.94 13.60 49.75
N ALA F 387 16.89 14.18 50.48
CA ALA F 387 16.58 15.24 51.44
C ALA F 387 16.54 16.58 50.72
N GLN F 388 15.48 16.75 49.93
CA GLN F 388 15.28 17.98 49.17
C GLN F 388 14.21 18.85 49.82
N LEU G 41 -10.31 8.86 18.21
CA LEU G 41 -10.37 7.56 18.85
C LEU G 41 -11.82 7.11 19.05
N LEU G 42 -12.03 5.80 19.04
CA LEU G 42 -13.35 5.21 19.21
C LEU G 42 -13.29 4.11 20.23
N GLN G 43 -14.31 4.04 21.09
CA GLN G 43 -14.36 3.03 22.15
C GLN G 43 -15.67 2.26 22.19
N LEU G 44 -16.73 2.73 21.54
CA LEU G 44 -18.03 2.07 21.55
C LEU G 44 -18.17 1.22 20.29
N LYS G 45 -18.41 -0.07 20.48
CA LYS G 45 -18.64 -1.00 19.38
C LYS G 45 -20.07 -1.52 19.44
N LEU G 46 -20.69 -1.64 18.27
CA LEU G 46 -22.11 -2.00 18.17
C LEU G 46 -22.32 -3.48 17.89
N GLU G 47 -21.26 -4.29 17.91
CA GLU G 47 -21.36 -5.70 17.60
C GLU G 47 -21.01 -6.52 18.84
N LEU G 48 -21.91 -7.41 19.23
CA LEU G 48 -21.66 -8.32 20.33
C LEU G 48 -20.75 -9.46 19.87
N PRO G 49 -20.05 -10.11 20.79
CA PRO G 49 -19.29 -11.31 20.41
C PRO G 49 -20.16 -12.41 19.84
N PHE G 50 -21.41 -12.53 20.31
CA PHE G 50 -22.33 -13.51 19.76
C PHE G 50 -22.59 -13.25 18.28
N ASP G 51 -22.81 -11.99 17.91
CA ASP G 51 -23.05 -11.65 16.51
C ASP G 51 -21.82 -11.95 15.65
N ARG G 52 -20.63 -11.63 16.15
CA ARG G 52 -19.42 -11.93 15.39
C ARG G 52 -19.23 -13.43 15.22
N VAL G 53 -19.50 -14.21 16.28
CA VAL G 53 -19.38 -15.66 16.20
C VAL G 53 -20.37 -16.21 15.18
N VAL G 54 -21.61 -15.72 15.21
CA VAL G 54 -22.61 -16.18 14.25
C VAL G 54 -22.18 -15.83 12.82
N THR G 55 -21.69 -14.61 12.62
CA THR G 55 -21.28 -14.19 11.28
C THR G 55 -20.14 -15.03 10.75
N ILE G 56 -19.13 -15.30 11.59
CA ILE G 56 -17.98 -16.11 11.15
C ILE G 56 -18.29 -17.59 11.09
N GLY G 57 -19.39 -18.04 11.68
CA GLY G 57 -19.72 -19.45 11.63
C GLY G 57 -20.81 -19.83 10.66
N THR G 58 -21.55 -18.85 10.13
CA THR G 58 -22.62 -19.13 9.20
C THR G 58 -22.51 -18.41 7.86
N VAL G 59 -21.54 -17.52 7.69
CA VAL G 59 -21.42 -16.75 6.45
C VAL G 59 -20.02 -16.94 5.86
N LEU G 60 -19.05 -17.21 6.73
CA LEU G 60 -17.64 -17.17 6.33
C LEU G 60 -17.13 -18.54 5.87
N VAL G 61 -17.19 -19.54 6.74
CA VAL G 61 -16.66 -20.86 6.39
C VAL G 61 -17.55 -21.47 5.31
N PRO G 62 -18.83 -21.04 5.15
CA PRO G 62 -19.49 -21.22 3.86
C PRO G 62 -18.58 -20.87 2.68
N ILE G 63 -18.09 -19.63 2.68
CA ILE G 63 -17.32 -19.12 1.55
C ILE G 63 -16.01 -19.87 1.41
N LEU G 64 -15.30 -20.09 2.52
CA LEU G 64 -14.01 -20.78 2.42
C LEU G 64 -14.17 -22.25 2.05
N LEU G 65 -15.37 -22.82 2.20
CA LEU G 65 -15.62 -24.19 1.77
C LEU G 65 -16.12 -24.30 0.34
N VAL G 66 -16.30 -23.18 -0.35
CA VAL G 66 -16.74 -23.16 -1.73
C VAL G 66 -15.56 -23.04 -2.69
N THR G 67 -14.57 -22.22 -2.35
CA THR G 67 -13.41 -22.04 -3.21
C THR G 67 -12.65 -23.34 -3.41
N LEU G 68 -12.70 -24.24 -2.42
CA LEU G 68 -12.06 -25.54 -2.57
C LEU G 68 -12.68 -26.33 -3.73
N VAL G 69 -14.01 -26.34 -3.81
CA VAL G 69 -14.68 -27.04 -4.90
C VAL G 69 -14.36 -26.39 -6.24
N PHE G 70 -14.34 -25.05 -6.28
CA PHE G 70 -14.06 -24.35 -7.52
C PHE G 70 -12.64 -24.64 -8.01
N THR G 71 -11.67 -24.66 -7.09
CA THR G 71 -10.29 -24.94 -7.50
C THR G 71 -10.07 -26.42 -7.80
N LYS G 72 -10.88 -27.31 -7.21
CA LYS G 72 -10.77 -28.73 -7.54
C LYS G 72 -11.37 -29.05 -8.91
N ASN G 73 -12.53 -28.48 -9.22
CA ASN G 73 -13.21 -28.78 -10.47
C ASN G 73 -12.49 -28.17 -11.66
N PHE G 74 -12.01 -26.93 -11.52
CA PHE G 74 -11.36 -26.25 -12.62
C PHE G 74 -9.96 -26.78 -12.92
N ALA G 75 -9.43 -27.65 -12.06
CA ALA G 75 -8.11 -28.23 -12.26
C ALA G 75 -8.18 -29.68 -12.74
N GLU G 76 -9.24 -30.05 -13.44
CA GLU G 76 -9.40 -31.42 -13.93
C GLU G 76 -10.35 -31.42 -15.12
N GLU G 77 -10.34 -32.52 -15.85
CA GLU G 77 -11.23 -32.67 -16.99
C GLU G 77 -12.67 -32.83 -16.52
N PRO G 78 -13.64 -32.13 -17.13
CA PRO G 78 -15.02 -32.18 -16.62
C PRO G 78 -15.65 -33.56 -16.65
N ILE G 79 -15.30 -34.42 -17.61
CA ILE G 79 -15.96 -35.70 -17.77
C ILE G 79 -15.03 -36.61 -18.56
N TYR G 80 -15.15 -37.93 -18.33
CA TYR G 80 -14.35 -38.91 -19.06
C TYR G 80 -15.29 -39.90 -19.74
N CYS G 81 -15.13 -40.08 -21.06
CA CYS G 81 -16.03 -40.94 -21.82
C CYS G 81 -15.23 -41.98 -22.60
N TYR G 82 -15.87 -43.14 -22.80
CA TYR G 82 -15.24 -44.28 -23.47
C TYR G 82 -15.67 -44.26 -24.94
N THR G 83 -14.92 -43.50 -25.74
CA THR G 83 -15.22 -43.39 -27.15
C THR G 83 -14.89 -44.69 -27.89
N PRO G 84 -15.61 -44.99 -28.97
CA PRO G 84 -15.30 -46.21 -29.75
C PRO G 84 -13.96 -46.13 -30.46
N HIS G 85 -13.61 -47.19 -31.18
CA HIS G 85 -12.31 -47.27 -31.83
C HIS G 85 -12.22 -46.33 -33.02
N ASN G 86 -13.13 -46.48 -33.98
CA ASN G 86 -13.08 -45.71 -35.24
C ASN G 86 -13.63 -44.30 -35.04
N PHE G 87 -13.01 -43.57 -34.11
CA PHE G 87 -13.35 -42.19 -33.83
C PHE G 87 -12.07 -41.36 -33.92
N THR G 88 -12.07 -40.36 -34.79
CA THR G 88 -10.92 -39.48 -34.91
C THR G 88 -10.80 -38.59 -33.68
N ARG G 89 -9.60 -38.02 -33.49
CA ARG G 89 -9.32 -37.24 -32.29
C ARG G 89 -10.17 -35.98 -32.17
N ASP G 90 -10.73 -35.48 -33.28
CA ASP G 90 -11.67 -34.37 -33.22
C ASP G 90 -13.12 -34.80 -33.25
N GLN G 91 -13.41 -36.00 -33.74
CA GLN G 91 -14.76 -36.54 -33.68
C GLN G 91 -15.13 -37.04 -32.28
N ALA G 92 -14.14 -37.37 -31.46
CA ALA G 92 -14.39 -37.79 -30.10
C ALA G 92 -14.44 -36.63 -29.12
N LEU G 93 -14.03 -35.43 -29.54
CA LEU G 93 -14.20 -34.24 -28.70
C LEU G 93 -15.65 -33.78 -28.65
N TYR G 94 -16.40 -33.95 -29.74
CA TYR G 94 -17.83 -33.65 -29.70
C TYR G 94 -18.55 -34.58 -28.74
N ALA G 95 -18.17 -35.87 -28.73
CA ALA G 95 -18.80 -36.82 -27.82
C ALA G 95 -18.47 -36.53 -26.36
N ARG G 96 -17.36 -35.85 -26.08
CA ARG G 96 -16.96 -35.51 -24.73
C ARG G 96 -17.46 -34.13 -24.28
N GLY G 97 -17.75 -33.24 -25.22
CA GLY G 97 -18.28 -31.94 -24.88
C GLY G 97 -19.78 -31.81 -25.08
N TYR G 98 -20.39 -32.87 -25.62
CA TYR G 98 -21.82 -32.90 -25.87
C TYR G 98 -22.59 -33.62 -24.78
N CYS G 99 -21.98 -34.62 -24.14
CA CYS G 99 -22.60 -35.32 -23.04
C CYS G 99 -22.37 -34.62 -21.70
N TRP G 100 -21.61 -33.53 -21.69
CA TRP G 100 -21.41 -32.71 -20.51
C TRP G 100 -22.40 -31.55 -20.42
N THR G 101 -22.84 -31.02 -21.56
CA THR G 101 -23.90 -30.01 -21.57
C THR G 101 -25.28 -30.62 -21.68
N GLU G 102 -25.38 -31.92 -21.89
CA GLU G 102 -26.67 -32.61 -21.91
C GLU G 102 -27.00 -33.21 -20.55
N LEU G 103 -26.14 -34.08 -20.04
CA LEU G 103 -26.27 -34.70 -18.73
C LEU G 103 -27.63 -35.40 -18.61
N ARG G 104 -27.84 -36.38 -19.47
CA ARG G 104 -29.09 -37.13 -19.51
C ARG G 104 -28.78 -38.60 -19.70
N ASP G 105 -29.20 -39.42 -18.73
CA ASP G 105 -29.04 -40.87 -18.85
C ASP G 105 -29.94 -41.41 -19.95
N ALA G 106 -29.57 -42.58 -20.48
CA ALA G 106 -30.33 -43.24 -21.54
C ALA G 106 -30.62 -44.67 -21.11
N LEU G 107 -31.70 -44.86 -20.39
CA LEU G 107 -32.11 -46.20 -19.99
C LEU G 107 -32.67 -46.94 -21.19
N PRO G 108 -32.28 -48.20 -21.41
CA PRO G 108 -32.80 -48.94 -22.56
C PRO G 108 -34.29 -49.21 -22.44
N GLY G 109 -34.96 -49.27 -23.58
CA GLY G 109 -36.38 -49.58 -23.66
C GLY G 109 -37.34 -48.41 -23.50
N VAL G 110 -37.08 -47.55 -22.52
CA VAL G 110 -37.97 -46.41 -22.23
C VAL G 110 -37.88 -45.38 -23.34
N ASP G 111 -38.82 -44.44 -23.36
CA ASP G 111 -38.88 -43.41 -24.38
C ASP G 111 -37.86 -42.30 -24.06
N ALA G 112 -37.93 -41.20 -24.79
CA ALA G 112 -37.00 -40.09 -24.62
C ALA G 112 -37.47 -39.07 -23.60
N SER G 113 -38.61 -39.29 -22.95
CA SER G 113 -39.13 -38.36 -21.96
C SER G 113 -38.90 -38.80 -20.52
N LEU G 114 -38.70 -40.11 -20.28
CA LEU G 114 -38.50 -40.63 -18.94
C LEU G 114 -37.01 -40.84 -18.62
N TRP G 115 -36.14 -40.04 -19.21
CA TRP G 115 -34.71 -40.15 -18.95
C TRP G 115 -34.32 -39.27 -17.77
N PRO G 116 -33.81 -39.84 -16.68
CA PRO G 116 -33.41 -39.02 -15.53
C PRO G 116 -32.29 -38.07 -15.89
N SER G 117 -32.32 -36.89 -15.28
CA SER G 117 -31.32 -35.85 -15.51
C SER G 117 -30.26 -35.85 -14.40
N LEU G 118 -29.17 -35.13 -14.65
CA LEU G 118 -28.07 -35.03 -13.71
C LEU G 118 -27.55 -33.59 -13.61
N PHE G 119 -28.45 -32.61 -13.75
CA PHE G 119 -28.04 -31.22 -13.77
C PHE G 119 -27.60 -30.70 -12.40
N GLU G 120 -28.01 -31.37 -11.31
CA GLU G 120 -27.69 -30.88 -9.98
C GLU G 120 -26.18 -30.91 -9.72
N HIS G 121 -25.50 -31.96 -10.19
CA HIS G 121 -24.05 -32.04 -9.99
C HIS G 121 -23.32 -30.90 -10.68
N LYS G 122 -23.78 -30.50 -11.86
CA LYS G 122 -23.20 -29.36 -12.56
C LYS G 122 -23.62 -28.03 -11.94
N PHE G 123 -24.81 -27.98 -11.32
CA PHE G 123 -25.43 -26.73 -10.93
C PHE G 123 -24.95 -26.19 -9.59
N LEU G 124 -24.29 -26.98 -8.75
CA LEU G 124 -24.15 -26.42 -7.42
C LEU G 124 -22.71 -26.22 -6.99
N PRO G 125 -21.81 -25.86 -7.93
CA PRO G 125 -20.77 -24.91 -7.61
C PRO G 125 -21.34 -23.58 -7.13
N TYR G 126 -22.47 -23.18 -7.70
CA TYR G 126 -23.07 -21.86 -7.52
C TYR G 126 -24.20 -21.86 -6.52
N ALA G 127 -24.95 -22.96 -6.41
CA ALA G 127 -26.00 -23.06 -5.40
C ALA G 127 -25.46 -22.95 -3.99
N LEU G 128 -24.19 -23.32 -3.78
CA LEU G 128 -23.52 -23.06 -2.52
C LEU G 128 -23.05 -21.62 -2.40
N LEU G 129 -23.01 -20.88 -3.50
CA LEU G 129 -22.65 -19.46 -3.48
C LEU G 129 -23.85 -18.54 -3.36
N ALA G 130 -25.04 -19.02 -3.71
CA ALA G 130 -26.26 -18.23 -3.54
C ALA G 130 -26.84 -18.34 -2.14
N PHE G 131 -26.31 -19.25 -1.32
CA PHE G 131 -26.74 -19.39 0.07
C PHE G 131 -25.82 -18.67 1.05
N ALA G 132 -24.61 -18.32 0.61
CA ALA G 132 -23.69 -17.54 1.44
C ALA G 132 -23.89 -16.04 1.30
N ALA G 133 -24.71 -15.61 0.33
CA ALA G 133 -25.07 -14.20 0.19
C ALA G 133 -26.49 -13.90 0.63
N ILE G 134 -27.36 -14.92 0.68
CA ILE G 134 -28.69 -14.72 1.24
C ILE G 134 -28.60 -14.41 2.73
N MET G 135 -27.57 -14.92 3.41
CA MET G 135 -27.42 -14.71 4.84
C MET G 135 -26.82 -13.34 5.12
N TYR G 136 -27.38 -12.30 4.50
CA TYR G 136 -26.95 -10.92 4.71
C TYR G 136 -28.10 -9.97 5.00
N VAL G 137 -29.33 -10.30 4.63
CA VAL G 137 -30.47 -9.45 4.97
C VAL G 137 -30.59 -9.26 6.48
N PRO G 138 -30.54 -10.31 7.30
CA PRO G 138 -30.44 -10.07 8.75
C PRO G 138 -29.18 -9.31 9.15
N ALA G 139 -28.06 -9.55 8.48
CA ALA G 139 -26.82 -8.86 8.81
C ALA G 139 -26.84 -7.41 8.37
N LEU G 140 -27.54 -7.10 7.29
CA LEU G 140 -27.66 -5.73 6.81
C LEU G 140 -28.89 -5.02 7.36
N GLY G 141 -29.70 -5.69 8.19
CA GLY G 141 -30.80 -5.07 8.87
C GLY G 141 -30.43 -4.32 10.12
N TRP G 142 -29.15 -4.28 10.47
CA TRP G 142 -28.64 -3.56 11.63
C TRP G 142 -27.73 -2.39 11.26
N GLU G 143 -26.84 -2.58 10.29
CA GLU G 143 -25.92 -1.51 9.90
C GLU G 143 -26.60 -0.41 9.10
N PHE G 144 -27.78 -0.68 8.54
CA PHE G 144 -28.49 0.30 7.74
C PHE G 144 -29.80 0.78 8.34
N LEU G 145 -30.35 0.06 9.32
CA LEU G 145 -31.64 0.40 9.92
C LEU G 145 -31.54 1.00 11.30
N ALA G 146 -30.67 0.47 12.16
CA ALA G 146 -30.54 0.96 13.53
C ALA G 146 -29.08 1.14 13.91
N SER G 147 -28.27 1.65 12.98
CA SER G 147 -26.87 1.94 13.24
C SER G 147 -26.62 3.39 13.59
N THR G 148 -27.67 4.21 13.69
CA THR G 148 -27.56 5.61 14.06
C THR G 148 -28.26 5.95 15.37
N ARG G 149 -29.49 5.48 15.56
CA ARG G 149 -30.23 5.80 16.77
C ARG G 149 -29.58 5.19 18.00
N LEU G 150 -29.17 3.93 17.92
CA LEU G 150 -28.58 3.25 19.08
C LEU G 150 -27.29 3.91 19.52
N THR G 151 -26.35 4.12 18.60
CA THR G 151 -25.12 4.78 18.96
C THR G 151 -25.31 6.25 19.30
N SER G 152 -26.34 6.91 18.76
CA SER G 152 -26.70 8.25 19.21
C SER G 152 -27.14 8.27 20.67
N GLU G 153 -27.93 7.29 21.09
CA GLU G 153 -28.37 7.20 22.48
C GLU G 153 -27.29 6.65 23.40
N LEU G 154 -26.27 6.01 22.85
CA LEU G 154 -25.17 5.46 23.64
C LEU G 154 -24.01 6.42 23.82
N ASN G 155 -23.73 7.27 22.83
CA ASN G 155 -22.68 8.27 23.00
C ASN G 155 -23.05 9.29 24.08
N PHE G 156 -24.36 9.57 24.22
CA PHE G 156 -24.80 10.41 25.34
C PHE G 156 -24.46 9.77 26.67
N LEU G 157 -24.73 8.46 26.81
CA LEU G 157 -24.40 7.77 28.05
C LEU G 157 -22.90 7.74 28.28
N LEU G 158 -22.13 7.65 27.19
CA LEU G 158 -20.67 7.63 27.30
C LEU G 158 -20.13 8.97 27.80
N GLN G 159 -20.57 10.07 27.18
CA GLN G 159 -19.94 11.36 27.45
C GLN G 159 -20.59 12.09 28.63
N GLU G 160 -21.92 12.08 28.70
CA GLU G 160 -22.64 12.91 29.67
C GLU G 160 -22.81 12.21 31.00
N ILE G 161 -23.31 10.98 31.01
CA ILE G 161 -23.57 10.25 32.27
C ILE G 161 -22.26 9.57 32.63
N ASP G 162 -21.38 10.33 33.27
CA ASP G 162 -20.14 9.79 33.81
C ASP G 162 -19.80 10.37 35.17
N ASN G 163 -20.57 11.34 35.67
CA ASN G 163 -20.27 12.02 36.92
C ASN G 163 -20.59 11.18 38.15
N CYS G 164 -21.27 10.05 37.97
CA CYS G 164 -21.63 9.20 39.09
C CYS G 164 -20.40 8.45 39.58
N TYR G 165 -20.04 8.67 40.85
CA TYR G 165 -19.10 7.88 41.63
C TYR G 165 -17.64 8.08 41.21
N HIS G 166 -17.36 8.91 40.21
CA HIS G 166 -16.00 9.37 39.96
C HIS G 166 -15.80 10.82 40.38
N ARG G 167 -16.86 11.63 40.31
CA ARG G 167 -16.86 12.98 40.87
C ARG G 167 -17.47 13.01 42.26
N ALA G 168 -17.79 11.85 42.84
CA ALA G 168 -18.43 11.79 44.15
C ALA G 168 -17.52 12.23 45.28
N ALA G 169 -16.23 12.40 45.03
CA ALA G 169 -15.33 12.88 46.07
C ALA G 169 -15.74 14.26 46.56
N GLU G 170 -16.20 15.12 45.64
CA GLU G 170 -16.75 16.41 46.00
C GLU G 170 -18.26 16.49 45.81
N GLY G 171 -18.88 15.46 45.24
CA GLY G 171 -20.30 15.47 44.98
C GLY G 171 -21.15 14.93 46.12
N ARG G 172 -20.73 13.80 46.70
CA ARG G 172 -21.47 13.16 47.77
C ARG G 172 -20.62 12.69 48.94
N ALA G 173 -19.29 12.61 48.78
CA ALA G 173 -18.45 12.17 49.90
C ALA G 173 -18.55 13.08 51.12
N PRO G 174 -18.48 14.42 51.01
CA PRO G 174 -18.59 15.25 52.21
C PRO G 174 -20.03 15.52 52.61
N LYS G 175 -20.98 14.74 52.06
CA LYS G 175 -22.39 14.97 52.30
C LYS G 175 -23.05 13.88 53.13
N ILE G 176 -22.92 12.61 52.73
CA ILE G 176 -23.67 11.55 53.41
C ILE G 176 -22.95 11.08 54.67
N GLU G 177 -21.71 10.58 54.52
CA GLU G 177 -21.00 10.00 55.64
C GLU G 177 -20.17 11.01 56.44
N LYS G 178 -20.10 12.27 55.98
CA LYS G 178 -19.38 13.28 56.75
C LYS G 178 -20.07 13.59 58.06
N GLN G 179 -21.40 13.56 58.08
CA GLN G 179 -22.15 13.81 59.30
C GLN G 179 -22.42 12.55 60.12
N ILE G 180 -22.25 11.37 59.52
CA ILE G 180 -22.49 10.13 60.25
C ILE G 180 -21.42 9.92 61.32
N GLN G 181 -20.16 10.24 60.99
CA GLN G 181 -19.09 10.07 61.98
C GLN G 181 -19.27 10.99 63.18
N SER G 182 -19.69 12.23 62.93
CA SER G 182 -19.83 13.24 63.98
C SER G 182 -21.28 13.27 64.45
N LYS G 183 -21.64 12.30 65.28
CA LYS G 183 -22.96 12.26 65.89
C LYS G 183 -22.88 11.42 67.17
N GLY G 184 -23.86 11.63 68.04
CA GLY G 184 -23.93 10.90 69.29
C GLY G 184 -22.91 11.38 70.30
N THR G 188 -26.64 4.04 65.16
CA THR G 188 -27.09 2.65 65.27
C THR G 188 -27.28 2.04 63.89
N GLU G 189 -28.48 1.52 63.62
CA GLU G 189 -28.78 0.90 62.34
C GLU G 189 -30.16 1.28 61.80
N ARG G 190 -30.86 2.21 62.44
CA ARG G 190 -32.20 2.61 62.02
C ARG G 190 -32.26 4.07 61.61
N GLU G 191 -31.12 4.62 61.16
CA GLU G 191 -31.07 6.02 60.74
C GLU G 191 -30.34 6.25 59.43
N LYS G 192 -29.59 5.26 58.92
CA LYS G 192 -28.85 5.46 57.68
C LYS G 192 -29.79 5.70 56.50
N ARG G 193 -30.91 4.97 56.45
CA ARG G 193 -31.84 5.12 55.34
C ARG G 193 -32.45 6.53 55.31
N GLU G 194 -32.73 7.10 56.48
CA GLU G 194 -33.33 8.43 56.53
C GLU G 194 -32.41 9.47 55.90
N ILE G 195 -31.11 9.41 56.22
CA ILE G 195 -30.17 10.36 55.63
C ILE G 195 -29.96 10.06 54.15
N ILE G 196 -29.83 8.78 53.80
CA ILE G 196 -29.52 8.44 52.41
C ILE G 196 -30.70 8.67 51.47
N GLU G 197 -31.92 8.79 52.01
CA GLU G 197 -33.08 9.02 51.16
C GLU G 197 -33.01 10.36 50.45
N ASN G 198 -32.55 11.40 51.14
CA ASN G 198 -32.50 12.75 50.57
C ASN G 198 -31.22 12.98 49.77
N ALA G 199 -30.93 12.04 48.88
CA ALA G 199 -29.81 12.18 47.94
C ALA G 199 -30.26 12.15 46.50
N GLU G 200 -31.02 11.14 46.09
CA GLU G 200 -31.56 11.03 44.75
C GLU G 200 -33.02 11.46 44.66
N LYS G 201 -33.81 11.21 45.72
CA LYS G 201 -35.19 11.63 45.73
C LYS G 201 -35.32 13.14 45.64
N GLU G 202 -34.41 13.87 46.31
CA GLU G 202 -34.41 15.32 46.22
C GLU G 202 -34.12 15.76 44.79
N LYS G 203 -34.76 16.85 44.36
CA LYS G 203 -34.60 17.38 43.01
C LYS G 203 -33.26 18.09 42.90
N SER G 204 -32.19 17.30 42.86
CA SER G 204 -30.85 17.83 42.73
C SER G 204 -30.62 18.33 41.31
N PRO G 205 -29.63 19.22 41.12
CA PRO G 205 -29.30 19.64 39.75
C PRO G 205 -28.90 18.47 38.85
N GLU G 206 -28.24 17.45 39.39
CA GLU G 206 -27.90 16.25 38.62
C GLU G 206 -28.97 15.18 38.82
N GLN G 207 -30.20 15.54 38.49
CA GLN G 207 -31.34 14.62 38.59
C GLN G 207 -32.22 14.58 37.36
N ASN G 208 -32.21 15.63 36.52
CA ASN G 208 -33.01 15.62 35.30
C ASN G 208 -32.50 14.59 34.30
N LEU G 209 -31.27 14.11 34.45
CA LEU G 209 -30.69 13.10 33.57
C LEU G 209 -30.85 11.69 34.11
N PHE G 210 -31.49 11.51 35.25
CA PHE G 210 -31.65 10.20 35.87
C PHE G 210 -33.10 10.00 36.28
N GLU G 211 -33.58 8.76 36.13
CA GLU G 211 -34.92 8.32 36.49
C GLU G 211 -35.96 8.89 35.52
N LYS G 212 -35.52 9.77 34.61
CA LYS G 212 -36.39 10.18 33.51
C LYS G 212 -36.16 9.28 32.30
N TYR G 213 -34.91 8.89 32.05
CA TYR G 213 -34.62 7.88 31.04
C TYR G 213 -35.30 6.56 31.39
N LEU G 214 -35.27 6.18 32.66
CA LEU G 214 -35.93 4.95 33.09
C LEU G 214 -37.44 5.05 32.86
N GLU G 215 -38.03 6.21 33.15
CA GLU G 215 -39.47 6.38 32.96
C GLU G 215 -39.85 6.39 31.48
N ARG G 216 -39.01 6.95 30.61
CA ARG G 216 -39.34 7.01 29.20
C ARG G 216 -39.11 5.67 28.50
N ARG G 217 -37.95 5.07 28.70
CA ARG G 217 -37.58 3.82 28.04
C ARG G 217 -38.07 2.59 28.79
N GLY G 218 -38.77 2.78 29.91
CA GLY G 218 -39.31 1.66 30.66
C GLY G 218 -40.58 1.07 30.09
N ARG G 219 -41.12 1.66 29.02
CA ARG G 219 -42.30 1.13 28.36
C ARG G 219 -42.20 1.10 26.84
N SER G 220 -41.23 1.80 26.25
CA SER G 220 -41.06 1.84 24.79
C SER G 220 -40.18 0.68 24.36
N ASN G 221 -40.82 -0.46 24.12
CA ASN G 221 -40.12 -1.68 23.70
C ASN G 221 -39.98 -1.69 22.18
N PHE G 222 -39.11 -0.81 21.69
CA PHE G 222 -38.83 -0.71 20.27
C PHE G 222 -37.57 -1.46 19.86
N LEU G 223 -36.47 -1.29 20.60
CA LEU G 223 -35.23 -1.97 20.25
C LEU G 223 -35.38 -3.48 20.37
N ALA G 224 -36.10 -3.95 21.39
CA ALA G 224 -36.35 -5.38 21.52
C ALA G 224 -37.26 -5.91 20.42
N LYS G 225 -37.95 -5.03 19.70
CA LYS G 225 -38.76 -5.42 18.56
C LYS G 225 -37.96 -5.49 17.26
N LEU G 226 -36.69 -5.13 17.29
CA LEU G 226 -35.82 -5.17 16.12
C LEU G 226 -34.63 -6.09 16.28
N TYR G 227 -33.99 -6.11 17.46
CA TYR G 227 -32.91 -7.05 17.68
C TYR G 227 -33.42 -8.49 17.65
N LEU G 228 -34.62 -8.72 18.19
CA LEU G 228 -35.24 -10.03 18.07
C LEU G 228 -35.51 -10.38 16.61
N ALA G 229 -35.97 -9.41 15.81
CA ALA G 229 -36.15 -9.63 14.39
C ALA G 229 -34.83 -9.82 13.65
N ARG G 230 -33.71 -9.44 14.25
CA ARG G 230 -32.39 -9.66 13.67
C ARG G 230 -31.94 -11.11 13.78
N HIS G 231 -32.40 -11.84 14.80
CA HIS G 231 -32.02 -13.22 15.04
C HIS G 231 -33.10 -14.22 14.64
N VAL G 232 -34.36 -13.91 14.93
CA VAL G 232 -35.45 -14.81 14.53
C VAL G 232 -35.62 -14.88 13.01
N LEU G 233 -35.08 -13.91 12.28
CA LEU G 233 -35.10 -13.96 10.82
C LEU G 233 -33.99 -14.83 10.27
N ILE G 234 -32.79 -14.76 10.87
CA ILE G 234 -31.71 -15.64 10.45
C ILE G 234 -31.99 -17.09 10.82
N LEU G 235 -32.86 -17.33 11.79
CA LEU G 235 -33.30 -18.69 12.11
C LEU G 235 -34.28 -19.23 11.09
N LEU G 236 -34.99 -18.35 10.38
CA LEU G 236 -35.92 -18.77 9.33
C LEU G 236 -35.31 -18.72 7.94
N LEU G 237 -34.31 -17.86 7.72
CA LEU G 237 -33.61 -17.86 6.46
C LEU G 237 -32.76 -19.11 6.30
N SER G 238 -32.28 -19.65 7.42
CA SER G 238 -31.50 -20.90 7.38
C SER G 238 -32.42 -22.10 7.34
N ALA G 239 -33.37 -22.10 6.41
CA ALA G 239 -34.28 -23.23 6.23
C ALA G 239 -34.13 -23.89 4.88
N VAL G 240 -34.32 -23.17 3.78
CA VAL G 240 -34.15 -23.75 2.46
C VAL G 240 -32.67 -23.99 2.16
N PRO G 241 -31.72 -23.21 2.73
CA PRO G 241 -30.35 -23.72 2.82
C PRO G 241 -30.26 -25.18 3.23
N ILE G 242 -30.94 -25.56 4.30
CA ILE G 242 -30.87 -26.92 4.80
C ILE G 242 -31.80 -27.85 4.04
N SER G 243 -33.00 -27.38 3.68
CA SER G 243 -33.97 -28.22 3.00
C SER G 243 -33.59 -28.53 1.55
N TYR G 244 -32.69 -27.75 0.95
CA TYR G 244 -32.29 -28.00 -0.42
C TYR G 244 -31.25 -29.11 -0.50
N LEU G 245 -30.10 -28.90 0.13
CA LEU G 245 -29.02 -29.89 0.11
C LEU G 245 -29.19 -30.92 1.22
N CYS G 246 -30.42 -31.45 1.33
CA CYS G 246 -30.71 -32.57 2.21
C CYS G 246 -31.32 -33.69 1.38
N THR G 247 -32.17 -33.31 0.43
CA THR G 247 -32.63 -34.26 -0.58
C THR G 247 -31.57 -34.52 -1.64
N TYR G 248 -30.67 -33.56 -1.87
CA TYR G 248 -29.54 -33.80 -2.76
C TYR G 248 -28.60 -34.87 -2.21
N TYR G 249 -28.38 -34.87 -0.89
CA TYR G 249 -27.54 -35.88 -0.26
C TYR G 249 -28.18 -37.26 -0.29
N ALA G 250 -29.49 -37.36 -0.53
CA ALA G 250 -30.20 -38.62 -0.42
C ALA G 250 -30.72 -39.16 -1.76
N THR G 251 -30.80 -38.33 -2.81
CA THR G 251 -31.37 -38.77 -4.07
C THR G 251 -30.40 -38.72 -5.24
N GLN G 252 -29.25 -38.07 -5.09
CA GLN G 252 -28.25 -37.99 -6.16
C GLN G 252 -26.98 -38.69 -5.67
N LYS G 253 -26.80 -39.95 -6.09
CA LYS G 253 -25.65 -40.75 -5.68
C LYS G 253 -24.79 -41.18 -6.86
N GLN G 254 -25.41 -41.60 -7.97
CA GLN G 254 -24.66 -42.17 -9.07
C GLN G 254 -23.85 -41.10 -9.81
N ASN G 255 -22.76 -41.55 -10.42
CA ASN G 255 -21.90 -40.67 -11.22
C ASN G 255 -21.46 -41.35 -12.51
N GLU G 256 -22.28 -42.25 -13.04
CA GLU G 256 -21.94 -42.98 -14.26
C GLU G 256 -23.22 -43.17 -15.07
N PHE G 257 -23.26 -42.56 -16.25
CA PHE G 257 -24.43 -42.62 -17.12
C PHE G 257 -24.01 -42.94 -18.54
N THR G 258 -24.92 -43.56 -19.28
CA THR G 258 -24.67 -43.95 -20.67
C THR G 258 -25.28 -42.91 -21.59
N CYS G 259 -24.46 -41.95 -22.02
CA CYS G 259 -24.93 -40.91 -22.92
C CYS G 259 -25.10 -41.47 -24.32
N ALA G 260 -25.99 -40.84 -25.09
CA ALA G 260 -26.34 -41.28 -26.43
C ALA G 260 -26.30 -40.12 -27.39
N LEU G 261 -25.52 -40.25 -28.47
CA LEU G 261 -25.47 -39.26 -29.53
C LEU G 261 -26.44 -39.67 -30.65
N GLY G 262 -26.35 -39.01 -31.79
CA GLY G 262 -27.22 -39.34 -32.91
C GLY G 262 -26.90 -38.48 -34.11
N ALA G 263 -27.59 -38.79 -35.21
CA ALA G 263 -27.48 -38.06 -36.47
C ALA G 263 -26.04 -38.05 -36.99
N SER G 264 -25.54 -39.24 -37.26
CA SER G 264 -24.21 -39.36 -37.84
C SER G 264 -24.22 -38.85 -39.28
N PRO G 265 -23.13 -38.20 -39.72
CA PRO G 265 -23.07 -37.67 -41.09
C PRO G 265 -22.63 -38.74 -42.07
N ASP G 266 -23.48 -39.03 -43.05
CA ASP G 266 -23.18 -40.03 -44.06
C ASP G 266 -22.97 -39.39 -45.43
N PRO G 273 -26.24 -44.18 -37.86
CA PRO G 273 -26.77 -44.88 -36.70
C PRO G 273 -26.36 -44.23 -35.37
N ALA G 274 -27.23 -44.32 -34.37
CA ALA G 274 -26.93 -43.74 -33.07
C ALA G 274 -25.87 -44.54 -32.35
N VAL G 275 -24.98 -43.85 -31.65
CA VAL G 275 -23.89 -44.46 -30.90
C VAL G 275 -24.01 -44.04 -29.44
N ARG G 276 -23.80 -44.99 -28.54
CA ARG G 276 -23.91 -44.77 -27.11
C ARG G 276 -22.54 -44.95 -26.46
N VAL G 277 -22.18 -44.02 -25.57
CA VAL G 277 -20.91 -44.05 -24.86
C VAL G 277 -21.17 -43.92 -23.37
N SER G 278 -20.54 -44.77 -22.57
CA SER G 278 -20.65 -44.70 -21.12
C SER G 278 -19.60 -43.73 -20.58
N CYS G 279 -20.05 -42.72 -19.84
CA CYS G 279 -19.19 -41.66 -19.34
C CYS G 279 -19.04 -41.76 -17.82
N LYS G 280 -18.27 -40.84 -17.27
CA LYS G 280 -17.91 -40.86 -15.86
C LYS G 280 -17.64 -39.43 -15.39
N LEU G 281 -18.18 -39.12 -14.21
CA LEU G 281 -18.10 -37.79 -13.62
C LEU G 281 -17.05 -37.78 -12.52
N PRO G 282 -15.95 -37.04 -12.65
CA PRO G 282 -14.89 -37.07 -11.64
C PRO G 282 -15.31 -36.53 -10.28
N SER G 283 -15.83 -35.32 -10.24
CA SER G 283 -16.05 -34.60 -8.98
C SER G 283 -17.50 -34.76 -8.52
N VAL G 284 -17.80 -35.96 -8.01
CA VAL G 284 -19.09 -36.23 -7.38
C VAL G 284 -18.83 -36.71 -5.95
N GLN G 285 -17.69 -37.37 -5.74
CA GLN G 285 -17.36 -37.90 -4.43
C GLN G 285 -16.90 -36.82 -3.45
N LEU G 286 -16.45 -35.67 -3.95
CA LEU G 286 -16.06 -34.56 -3.09
C LEU G 286 -17.17 -33.52 -2.93
N GLN G 287 -18.05 -33.39 -3.92
CA GLN G 287 -19.13 -32.42 -3.83
C GLN G 287 -20.05 -32.74 -2.66
N ARG G 288 -20.41 -34.00 -2.48
CA ARG G 288 -21.22 -34.41 -1.33
C ARG G 288 -20.35 -34.86 -0.17
N ILE G 289 -19.34 -34.05 0.14
CA ILE G 289 -18.58 -34.14 1.37
C ILE G 289 -18.64 -32.76 2.01
N ILE G 290 -18.79 -31.75 1.16
CA ILE G 290 -19.09 -30.39 1.59
C ILE G 290 -20.57 -30.07 1.39
N ALA G 291 -21.40 -31.11 1.35
CA ALA G 291 -22.84 -31.03 1.09
C ALA G 291 -23.59 -31.85 2.15
N GLY G 292 -23.29 -31.56 3.41
CA GLY G 292 -23.68 -32.42 4.52
C GLY G 292 -22.69 -32.30 5.66
N VAL G 293 -21.57 -31.61 5.39
CA VAL G 293 -20.85 -30.96 6.47
C VAL G 293 -21.47 -29.61 6.77
N ASP G 294 -21.91 -28.91 5.72
CA ASP G 294 -22.71 -27.71 5.90
C ASP G 294 -24.05 -28.00 6.57
N ILE G 295 -24.58 -29.21 6.41
CA ILE G 295 -25.84 -29.57 7.06
C ILE G 295 -25.70 -29.44 8.58
N VAL G 296 -24.67 -30.07 9.15
CA VAL G 296 -24.49 -30.00 10.59
C VAL G 296 -23.92 -28.64 11.00
N LEU G 297 -23.14 -28.01 10.12
CA LEU G 297 -22.59 -26.70 10.43
C LEU G 297 -23.66 -25.62 10.51
N LEU G 298 -24.76 -25.77 9.77
CA LEU G 298 -25.85 -24.81 9.82
C LEU G 298 -26.99 -25.24 10.74
N CYS G 299 -27.13 -26.54 10.99
CA CYS G 299 -28.14 -27.03 11.92
C CYS G 299 -27.69 -26.91 13.38
N VAL G 300 -26.39 -26.71 13.62
CA VAL G 300 -25.91 -26.48 14.97
C VAL G 300 -25.93 -24.99 15.33
N MET G 301 -25.98 -24.10 14.33
CA MET G 301 -26.14 -22.67 14.59
C MET G 301 -27.59 -22.28 14.83
N ASN G 302 -28.53 -23.19 14.59
CA ASN G 302 -29.94 -22.95 14.87
C ASN G 302 -30.33 -23.38 16.28
N LEU G 303 -29.37 -23.86 17.07
CA LEU G 303 -29.60 -24.27 18.45
C LEU G 303 -29.00 -23.30 19.46
N ILE G 304 -27.78 -22.81 19.22
CA ILE G 304 -27.19 -21.83 20.12
C ILE G 304 -27.96 -20.52 20.07
N ILE G 305 -28.43 -20.12 18.88
CA ILE G 305 -29.26 -18.93 18.77
C ILE G 305 -30.57 -19.11 19.52
N LEU G 306 -31.17 -20.30 19.39
CA LEU G 306 -32.43 -20.58 20.08
C LEU G 306 -32.26 -20.53 21.59
N VAL G 307 -31.20 -21.16 22.11
CA VAL G 307 -31.02 -21.17 23.56
C VAL G 307 -30.67 -19.77 24.07
N ASN G 308 -29.87 -19.02 23.31
CA ASN G 308 -29.58 -17.64 23.69
C ASN G 308 -30.86 -16.82 23.77
N LEU G 309 -31.70 -16.90 22.74
CA LEU G 309 -32.92 -16.11 22.71
C LEU G 309 -33.89 -16.52 23.80
N ILE G 310 -34.02 -17.82 24.09
CA ILE G 310 -34.96 -18.25 25.11
C ILE G 310 -34.47 -17.87 26.50
N HIS G 311 -33.17 -18.01 26.78
CA HIS G 311 -32.68 -17.71 28.11
C HIS G 311 -32.58 -16.20 28.36
N LEU G 312 -32.43 -15.39 27.30
CA LEU G 312 -32.45 -13.95 27.50
C LEU G 312 -33.85 -13.46 27.85
N PHE G 313 -34.87 -14.01 27.19
CA PHE G 313 -36.23 -13.49 27.30
C PHE G 313 -37.07 -14.18 28.36
N ILE G 314 -36.65 -15.34 28.87
CA ILE G 314 -37.48 -16.07 29.83
C ILE G 314 -36.74 -16.45 31.11
N PHE G 315 -35.40 -16.48 31.14
CA PHE G 315 -34.69 -16.91 32.32
C PHE G 315 -33.83 -15.83 32.95
N ARG G 316 -32.96 -15.19 32.17
CA ARG G 316 -32.01 -14.23 32.73
C ARG G 316 -32.73 -12.93 33.10
N LYS G 317 -32.51 -12.46 34.32
CA LYS G 317 -33.12 -11.23 34.82
C LYS G 317 -32.10 -10.41 35.59
N SER G 318 -30.87 -10.31 35.07
CA SER G 318 -29.80 -9.53 35.67
C SER G 318 -29.26 -8.59 34.60
N ASN G 319 -29.65 -7.32 34.67
CA ASN G 319 -29.30 -6.38 33.61
C ASN G 319 -27.83 -5.96 33.69
N PHE G 320 -27.34 -5.70 34.91
CA PHE G 320 -26.02 -5.14 35.20
C PHE G 320 -25.98 -3.66 34.82
N ILE G 321 -27.04 -3.18 34.17
CA ILE G 321 -27.16 -1.75 33.88
C ILE G 321 -27.92 -1.02 34.98
N PHE G 322 -28.72 -1.74 35.77
CA PHE G 322 -29.34 -1.16 36.95
C PHE G 322 -29.29 -2.10 38.15
N ASP G 323 -28.67 -3.28 37.99
CA ASP G 323 -28.48 -4.22 39.10
C ASP G 323 -27.15 -3.98 39.80
N LYS G 324 -26.08 -3.73 39.05
CA LYS G 324 -24.80 -3.39 39.65
C LYS G 324 -24.87 -2.06 40.39
N LEU G 325 -25.61 -1.10 39.83
CA LEU G 325 -25.75 0.23 40.40
C LEU G 325 -27.01 0.36 41.27
N HIS G 326 -27.44 -0.74 41.88
CA HIS G 326 -28.63 -0.71 42.74
C HIS G 326 -28.30 -0.69 44.23
N LYS G 327 -27.12 -1.18 44.62
CA LYS G 327 -26.69 -1.18 46.02
C LYS G 327 -25.93 0.08 46.40
N VAL G 328 -25.40 0.80 45.42
CA VAL G 328 -24.45 1.87 45.68
C VAL G 328 -25.15 3.22 45.76
N GLY G 329 -26.47 3.21 45.88
CA GLY G 329 -27.19 4.44 46.13
C GLY G 329 -28.44 4.70 45.32
N ILE G 330 -28.42 4.37 44.03
CA ILE G 330 -29.58 4.56 43.16
C ILE G 330 -30.38 3.26 43.19
N LYS G 331 -31.48 3.26 43.94
CA LYS G 331 -32.35 2.10 44.05
C LYS G 331 -33.55 2.29 43.13
N THR G 332 -33.85 1.28 42.33
CA THR G 332 -34.92 1.34 41.35
C THR G 332 -36.17 0.69 41.90
N ARG G 333 -37.30 1.39 41.81
CA ARG G 333 -38.57 0.84 42.24
C ARG G 333 -38.97 -0.32 41.33
N ARG G 334 -39.79 -1.23 41.87
CA ARG G 334 -40.17 -2.43 41.13
C ARG G 334 -41.15 -2.11 40.02
N GLN G 335 -40.71 -1.35 39.02
CA GLN G 335 -41.49 -1.08 37.82
C GLN G 335 -40.93 -1.78 36.59
N TRP G 336 -39.82 -2.51 36.74
CA TRP G 336 -39.21 -3.23 35.63
C TRP G 336 -39.49 -4.72 35.67
N ARG G 337 -39.77 -5.28 36.85
CA ARG G 337 -39.98 -6.71 36.99
C ARG G 337 -41.20 -7.21 36.24
N ARG G 338 -42.10 -6.30 35.83
CA ARG G 338 -43.31 -6.72 35.12
C ARG G 338 -43.02 -7.16 33.69
N SER G 339 -41.92 -6.71 33.09
CA SER G 339 -41.60 -7.07 31.72
C SER G 339 -40.10 -6.93 31.48
N GLN G 340 -39.53 -7.90 30.78
CA GLN G 340 -38.11 -7.88 30.43
C GLN G 340 -37.88 -7.53 28.96
N PHE G 341 -38.86 -6.90 28.32
CA PHE G 341 -38.80 -6.56 26.91
C PHE G 341 -38.34 -5.13 26.67
N CYS G 342 -37.85 -4.45 27.70
CA CYS G 342 -37.43 -3.06 27.55
C CYS G 342 -36.14 -2.95 26.75
N ASP G 343 -35.90 -1.77 26.19
CA ASP G 343 -34.67 -1.51 25.46
C ASP G 343 -33.46 -1.40 26.39
N ILE G 344 -33.68 -1.14 27.67
CA ILE G 344 -32.57 -1.04 28.61
C ILE G 344 -31.87 -2.39 28.74
N ASN G 345 -32.60 -3.49 28.58
CA ASN G 345 -31.98 -4.81 28.60
C ASN G 345 -30.98 -4.97 27.46
N ILE G 346 -31.34 -4.47 26.27
CA ILE G 346 -30.41 -4.54 25.14
C ILE G 346 -29.24 -3.58 25.35
N LEU G 347 -29.52 -2.38 25.87
CA LEU G 347 -28.45 -1.42 26.13
C LEU G 347 -27.48 -1.95 27.19
N ALA G 348 -27.95 -2.85 28.05
CA ALA G 348 -27.07 -3.42 29.07
C ALA G 348 -25.93 -4.21 28.45
N MET G 349 -26.21 -4.98 27.40
CA MET G 349 -25.14 -5.73 26.73
C MET G 349 -24.12 -4.79 26.11
N PHE G 350 -24.58 -3.73 25.45
CA PHE G 350 -23.65 -2.78 24.84
C PHE G 350 -22.81 -2.07 25.88
N CYS G 351 -23.41 -1.73 27.03
CA CYS G 351 -22.65 -1.13 28.12
C CYS G 351 -21.63 -2.11 28.68
N ASN G 352 -22.01 -3.39 28.79
CA ASN G 352 -21.09 -4.40 29.31
C ASN G 352 -19.89 -4.58 28.37
N GLU G 353 -20.13 -4.56 27.06
CA GLU G 353 -19.04 -4.73 26.11
C GLU G 353 -18.06 -3.57 26.11
N ASN G 354 -18.41 -2.44 26.72
CA ASN G 354 -17.56 -1.26 26.82
C ASN G 354 -17.33 -0.96 28.30
N ARG G 355 -16.29 -1.56 28.87
CA ARG G 355 -15.92 -1.35 30.26
C ARG G 355 -14.45 -0.95 30.41
N ASP G 356 -13.69 -0.92 29.33
CA ASP G 356 -12.24 -0.78 29.42
C ASP G 356 -11.75 0.61 29.09
N HIS G 357 -12.09 1.13 27.91
CA HIS G 357 -11.61 2.43 27.47
C HIS G 357 -12.18 3.57 28.29
N ILE G 358 -13.20 3.32 29.10
CA ILE G 358 -13.75 4.31 30.02
C ILE G 358 -13.04 4.11 31.35
N LYS G 359 -12.16 5.05 31.70
CA LYS G 359 -11.36 4.90 32.90
C LYS G 359 -12.17 5.13 34.17
N SER G 360 -13.19 6.00 34.10
CA SER G 360 -14.03 6.24 35.26
C SER G 360 -14.79 4.99 35.68
N LEU G 361 -15.34 4.26 34.71
CA LEU G 361 -16.04 3.03 35.03
C LEU G 361 -15.08 1.95 35.54
N ASN G 362 -13.83 1.97 35.08
CA ASN G 362 -12.83 1.04 35.61
C ASN G 362 -12.49 1.36 37.06
N ARG G 363 -12.33 2.64 37.38
CA ARG G 363 -12.20 3.08 38.76
C ARG G 363 -13.39 2.62 39.60
N LEU G 364 -14.60 2.77 39.07
CA LEU G 364 -15.78 2.31 39.78
C LEU G 364 -15.75 0.81 40.02
N ASP G 365 -15.38 0.04 38.99
CA ASP G 365 -15.32 -1.41 39.14
C ASP G 365 -14.34 -1.82 40.22
N PHE G 366 -13.17 -1.18 40.29
CA PHE G 366 -12.24 -1.53 41.35
C PHE G 366 -12.72 -1.04 42.70
N ILE G 367 -13.43 0.08 42.75
CA ILE G 367 -13.77 0.74 44.01
C ILE G 367 -15.17 0.40 44.52
N THR G 368 -15.98 -0.30 43.74
CA THR G 368 -17.35 -0.63 44.15
C THR G 368 -17.53 -2.11 44.49
N ASN G 369 -17.14 -3.00 43.60
CA ASN G 369 -17.50 -4.40 43.71
C ASN G 369 -16.55 -5.21 44.60
N GLU G 370 -15.46 -4.62 45.09
CA GLU G 370 -14.54 -5.36 45.95
C GLU G 370 -15.10 -5.56 47.36
N SER G 371 -16.10 -4.79 47.77
CA SER G 371 -16.70 -4.91 49.09
C SER G 371 -18.19 -5.20 49.02
N ASP G 372 -18.66 -5.77 47.92
CA ASP G 372 -20.08 -6.09 47.79
C ASP G 372 -20.49 -7.16 48.80
N LEU G 373 -21.70 -7.00 49.34
CA LEU G 373 -22.22 -7.92 50.32
C LEU G 373 -23.75 -8.00 50.24
N ASN G 377 -18.78 0.22 58.10
CA ASN G 377 -17.80 -0.79 57.73
C ASN G 377 -16.94 -0.31 56.57
N VAL G 378 -17.46 -0.46 55.35
CA VAL G 378 -16.72 -0.03 54.17
C VAL G 378 -16.60 1.49 54.14
N VAL G 379 -17.65 2.19 54.56
CA VAL G 379 -17.65 3.65 54.54
C VAL G 379 -16.75 4.26 55.61
N ARG G 380 -16.25 3.45 56.54
CA ARG G 380 -15.42 3.99 57.61
C ARG G 380 -14.10 4.56 57.07
N GLN G 381 -13.48 3.87 56.13
CA GLN G 381 -12.22 4.34 55.57
C GLN G 381 -12.39 5.22 54.34
N LEU G 382 -13.57 5.19 53.70
CA LEU G 382 -13.79 6.05 52.54
C LEU G 382 -13.76 7.52 52.93
N LEU G 383 -14.36 7.87 54.07
CA LEU G 383 -14.31 9.25 54.54
C LEU G 383 -12.89 9.68 54.89
N ALA G 384 -12.11 8.79 55.50
CA ALA G 384 -10.73 9.12 55.86
C ALA G 384 -9.79 9.14 54.67
N ALA G 385 -10.17 8.52 53.55
CA ALA G 385 -9.34 8.51 52.35
C ALA G 385 -9.56 9.70 51.45
N LEU G 386 -10.78 10.22 51.38
CA LEU G 386 -11.13 11.33 50.50
C LEU G 386 -11.38 12.63 51.24
N ALA G 387 -10.89 12.76 52.47
CA ALA G 387 -11.07 13.98 53.26
C ALA G 387 -9.97 14.98 52.89
N GLN G 388 -10.09 15.52 51.67
CA GLN G 388 -9.13 16.50 51.18
C GLN G 388 -9.70 17.91 51.23
#